data_4IIH
#
_entry.id   4IIH
#
_cell.length_a   82.085
_cell.length_b   122.390
_cell.length_c   221.607
_cell.angle_alpha   90.00
_cell.angle_beta   90.00
_cell.angle_gamma   90.00
#
_symmetry.space_group_name_H-M   'P 21 21 21'
#
loop_
_entity.id
_entity.type
_entity.pdbx_description
1 polymer 'Beta-glucosidase 1'
2 branched alpha-D-mannopyranose-(1-2)-alpha-D-mannopyranose-(1-2)-alpha-D-mannopyranose-(1-3)-[alpha-D-mannopyranose-(1-6)]beta-D-mannopyranose-(1-4)-2-acetamido-2-deoxy-beta-D-glucopyranose-(1-4)-2-acetamido-2-deoxy-beta-D-glucopyranose
3 branched beta-D-mannopyranose-(1-4)-2-acetamido-2-deoxy-beta-D-glucopyranose-(1-4)-2-acetamido-2-deoxy-beta-D-glucopyranose
4 branched 2-acetamido-2-deoxy-beta-D-glucopyranose-(1-4)-2-acetamido-2-deoxy-beta-D-glucopyranose
5 branched alpha-D-mannopyranose-(1-2)-alpha-D-mannopyranose-(1-3)-[alpha-D-mannopyranose-(1-2)-alpha-D-mannopyranose-(1-6)]alpha-D-mannopyranose-(1-6)-[alpha-D-mannopyranose-(1-2)-alpha-D-mannopyranose-(1-3)]beta-D-mannopyranose-(1-4)-2-acetamido-2-deoxy-beta-D-glucopyranose-(1-4)-2-acetamido-2-deoxy-beta-D-glucopyranose
6 branched alpha-D-mannopyranose-(1-2)-alpha-D-mannopyranose-(1-6)-alpha-D-mannopyranose-(1-6)-[alpha-D-mannopyranose-(1-3)]beta-D-mannopyranose-(1-4)-2-acetamido-2-deoxy-beta-D-glucopyranose-(1-4)-2-acetamido-2-deoxy-beta-D-glucopyranose
7 branched alpha-D-mannopyranose-(1-2)-alpha-D-mannopyranose-(1-3)-[alpha-D-mannopyranose-(1-6)]alpha-D-mannopyranose-(1-6)-beta-D-mannopyranose-(1-4)-2-acetamido-2-deoxy-beta-D-glucopyranose-(1-4)-2-acetamido-2-deoxy-beta-D-glucopyranose
8 branched alpha-D-mannopyranose-(1-3)-alpha-D-mannopyranose-(1-6)-[alpha-D-mannopyranose-(1-3)]beta-D-mannopyranose-(1-4)-2-acetamido-2-deoxy-beta-D-glucopyranose-(1-4)-2-acetamido-2-deoxy-beta-D-glucopyranose
9 branched alpha-D-mannopyranose-(1-2)-alpha-D-mannopyranose-(1-3)-[alpha-D-mannopyranose-(1-6)]alpha-D-mannopyranose-(1-6)-[alpha-D-mannopyranose-(1-3)]beta-D-mannopyranose-(1-4)-2-acetamido-2-deoxy-beta-D-glucopyranose-(1-4)-2-acetamido-2-deoxy-beta-D-glucopyranose
10 branched beta-D-glucopyranose-(1-4)-4-thio-beta-D-glucopyranose
11 non-polymer 2-acetamido-2-deoxy-beta-D-glucopyranose
12 non-polymer (4R)-2-METHYLPENTANE-2,4-DIOL
13 water water
#
_entity_poly.entity_id   1
_entity_poly.type   'polypeptide(L)'
_entity_poly.pdbx_seq_one_letter_code
;DELAFSPPFYPSPWANGQGEWAEAYQRAVAIVSQMTLDEKVNLTTGTGWELEKCVGQTGGVPRLNIGGMCLQDSPLGIRD
SDYNSAFPAGVNVAATWDKNLAYLRGQAMGQEFSDKGIDVQLGPAAGPLGRSPDGGRNWEGFSPDPALTGVLFAETIKGI
QDAGVVATAKHYILNEQEHFRQVAEAAGYGFNISDTISSNVDDKTIHEMYLWPFADAVRAGVGAIMCSYNQINNSYGCQN
SYTLNKLLKAELGFQGFVMSDWGAHHSGVGSALAGLDMSMPGDITFDSATSFWGTNLTIAVLNGTVPQWRVDDMAVRIMA
AYYKVGRDRLYQPPNFSSWTRDEYGFKYFYPQEGPYEKVNHFVNVQRNHSEVIRKLGADSTVLLKNNNALPLTGKERKVA
ILGEDAGSNSYGANGCSDRGCDNGTLAMAWGSGTAEFPYLVTPEQAIQAEVLKHKGSVYAITDNWALSQVETLAKQASVS
LVFVNSDAGEGYISVDGNEGDRNNLTLWKNGDNLIKAAANNCNNTIVVIHSVGPVLVDEWYDHPNVTAILWAGLPGQESG
NSLADVLYGRVNPGAKSPFTWGKTREAYGDYLVRELNNGNGAPQDDFSEGVFIDYRGFDKRNETPIYEFGHGLSYTTFNY
SGLHIQVLNASSNAQVATETGAAPTFGQVGNASDYVYPEGLTRISKFIYPWLNSTDLKASSGDPYYGVDTAEHVPEGATD
GSPQPVLPAGGGSGGNPRLYDELIRVSVTVKNTGRVAGDAVPQLYVSLGGPNEPKVVLRKFDRLTLKPSEETVWTTTLTR
RDLSNWDVAAQDWVITSYPKKVHVGSSSRQLPLHAALPKVQ
;
_entity_poly.pdbx_strand_id   A,B
#
loop_
_chem_comp.id
_chem_comp.type
_chem_comp.name
_chem_comp.formula
BGC D-saccharide, beta linking beta-D-glucopyranose 'C6 H12 O6'
BMA D-saccharide, beta linking beta-D-mannopyranose 'C6 H12 O6'
MAN D-saccharide, alpha linking alpha-D-mannopyranose 'C6 H12 O6'
MRD non-polymer (4R)-2-METHYLPENTANE-2,4-DIOL 'C6 H14 O2'
NAG D-saccharide, beta linking 2-acetamido-2-deoxy-beta-D-glucopyranose 'C8 H15 N O6'
SGC D-saccharide, beta linking 4-thio-beta-D-glucopyranose 'C6 H12 O5 S'
#
# COMPACT_ATOMS: atom_id res chain seq x y z
N LEU A 3 -9.98 -26.59 -47.51
CA LEU A 3 -9.11 -26.27 -46.29
C LEU A 3 -7.68 -25.82 -46.69
N ALA A 4 -7.18 -24.69 -46.15
CA ALA A 4 -5.77 -24.25 -46.38
C ALA A 4 -4.79 -25.45 -46.28
N PHE A 5 -3.76 -25.43 -47.16
CA PHE A 5 -2.87 -26.57 -47.32
C PHE A 5 -1.46 -26.01 -47.22
N SER A 6 -0.57 -26.74 -46.58
CA SER A 6 0.81 -26.25 -46.39
C SER A 6 1.72 -27.12 -47.29
N PRO A 7 2.21 -26.56 -48.43
CA PRO A 7 2.99 -27.45 -49.36
C PRO A 7 4.35 -27.86 -48.76
N PRO A 8 4.89 -28.99 -49.25
CA PRO A 8 6.09 -29.61 -48.62
C PRO A 8 7.31 -28.82 -49.11
N PHE A 9 8.35 -28.72 -48.32
CA PHE A 9 9.62 -28.26 -48.78
C PHE A 9 10.66 -29.14 -48.08
N TYR A 10 11.40 -29.94 -48.86
CA TYR A 10 12.39 -30.85 -48.37
C TYR A 10 13.55 -30.85 -49.38
N PRO A 11 14.77 -31.19 -48.95
CA PRO A 11 15.10 -31.64 -47.64
C PRO A 11 15.28 -30.46 -46.63
N SER A 12 15.39 -30.81 -45.35
CA SER A 12 15.60 -29.82 -44.27
C SER A 12 17.01 -29.24 -44.41
N PRO A 13 17.15 -27.95 -44.74
CA PRO A 13 18.57 -27.51 -45.08
C PRO A 13 19.60 -27.74 -43.97
N TRP A 14 20.83 -28.17 -44.35
CA TRP A 14 21.89 -28.40 -43.30
C TRP A 14 22.70 -27.12 -43.10
N ALA A 15 23.21 -26.97 -41.87
CA ALA A 15 24.06 -25.85 -41.52
C ALA A 15 25.29 -25.76 -42.45
N ASN A 16 25.82 -24.57 -42.65
CA ASN A 16 27.08 -24.49 -43.45
C ASN A 16 28.11 -23.49 -42.94
N GLY A 17 28.06 -23.10 -41.68
CA GLY A 17 28.97 -22.06 -41.28
C GLY A 17 28.77 -20.69 -41.89
N GLN A 18 27.54 -20.35 -42.30
CA GLN A 18 27.21 -19.02 -42.83
C GLN A 18 27.77 -17.79 -42.03
N GLY A 19 28.35 -16.81 -42.73
CA GLY A 19 28.79 -15.48 -42.14
C GLY A 19 29.40 -15.56 -40.76
N GLU A 20 28.70 -15.13 -39.71
CA GLU A 20 29.35 -14.97 -38.40
C GLU A 20 29.31 -16.34 -37.67
N TRP A 21 28.70 -17.35 -38.28
CA TRP A 21 28.70 -18.71 -37.72
C TRP A 21 29.91 -19.61 -38.08
N ALA A 22 30.85 -19.07 -38.86
CA ALA A 22 32.00 -19.86 -39.35
C ALA A 22 32.71 -20.56 -38.24
N GLU A 23 33.17 -19.81 -37.23
CA GLU A 23 33.92 -20.46 -36.19
C GLU A 23 33.12 -21.41 -35.31
N ALA A 24 31.92 -20.98 -34.87
CA ALA A 24 31.09 -21.81 -34.00
C ALA A 24 30.82 -23.13 -34.77
N TYR A 25 30.59 -23.01 -36.10
CA TYR A 25 30.20 -24.22 -36.90
C TYR A 25 31.43 -25.21 -36.89
N GLN A 26 32.63 -24.68 -37.05
CA GLN A 26 33.84 -25.56 -37.08
C GLN A 26 34.00 -26.23 -35.73
N ARG A 27 33.79 -25.49 -34.63
CA ARG A 27 33.85 -26.17 -33.32
C ARG A 27 32.75 -27.21 -33.11
N ALA A 28 31.54 -26.90 -33.60
CA ALA A 28 30.42 -27.84 -33.43
C ALA A 28 30.69 -29.16 -34.21
N VAL A 29 31.19 -29.05 -35.45
CA VAL A 29 31.47 -30.28 -36.31
C VAL A 29 32.57 -31.11 -35.63
N ALA A 30 33.60 -30.42 -35.12
CA ALA A 30 34.69 -31.12 -34.45
C ALA A 30 34.18 -31.94 -33.26
N ILE A 31 33.27 -31.37 -32.44
CA ILE A 31 32.88 -32.10 -31.23
C ILE A 31 31.80 -33.11 -31.57
N VAL A 32 30.90 -32.75 -32.51
CA VAL A 32 29.84 -33.70 -32.88
C VAL A 32 30.44 -34.95 -33.62
N SER A 33 31.49 -34.72 -34.40
CA SER A 33 32.27 -35.83 -35.02
C SER A 33 32.78 -36.84 -34.05
N GLN A 34 32.91 -36.47 -32.75
CA GLN A 34 33.31 -37.42 -31.69
C GLN A 34 32.20 -38.16 -30.97
N MET A 35 30.97 -37.80 -31.28
CA MET A 35 29.84 -38.32 -30.53
C MET A 35 29.31 -39.64 -31.07
N THR A 36 28.73 -40.45 -30.19
CA THR A 36 27.95 -41.59 -30.60
C THR A 36 26.50 -41.14 -30.90
N LEU A 37 25.67 -42.02 -31.46
CA LEU A 37 24.33 -41.64 -31.93
C LEU A 37 23.47 -41.30 -30.69
N ASP A 38 23.58 -42.07 -29.61
CA ASP A 38 22.86 -41.82 -28.43
C ASP A 38 23.24 -40.50 -27.77
N GLU A 39 24.52 -40.10 -27.81
CA GLU A 39 24.96 -38.75 -27.38
C GLU A 39 24.35 -37.59 -28.19
N LYS A 40 24.36 -37.71 -29.52
CA LYS A 40 23.73 -36.72 -30.38
C LYS A 40 22.25 -36.63 -30.03
N VAL A 41 21.60 -37.78 -29.87
CA VAL A 41 20.16 -37.81 -29.51
C VAL A 41 19.86 -37.04 -28.19
N ASN A 42 20.70 -37.23 -27.18
CA ASN A 42 20.63 -36.54 -25.90
C ASN A 42 20.62 -35.00 -26.09
N LEU A 43 21.42 -34.46 -27.01
CA LEU A 43 21.35 -33.00 -27.26
C LEU A 43 19.99 -32.53 -27.80
N THR A 44 19.22 -33.40 -28.48
CA THR A 44 17.99 -32.96 -29.23
C THR A 44 16.72 -33.14 -28.41
N THR A 45 16.81 -33.87 -27.30
CA THR A 45 15.63 -34.22 -26.50
C THR A 45 15.65 -33.79 -25.02
N GLY A 46 14.62 -33.08 -24.54
CA GLY A 46 14.63 -32.80 -23.12
C GLY A 46 14.41 -34.02 -22.28
N THR A 47 14.68 -33.91 -20.96
CA THR A 47 14.63 -35.10 -20.14
C THR A 47 13.30 -35.37 -19.47
N GLY A 48 12.28 -34.56 -19.75
CA GLY A 48 10.95 -34.84 -19.27
C GLY A 48 10.51 -33.70 -18.31
N TRP A 49 9.21 -33.47 -18.22
CA TRP A 49 8.67 -32.30 -17.51
C TRP A 49 9.02 -32.37 -16.01
N GLU A 50 9.76 -31.36 -15.51
CA GLU A 50 10.11 -31.26 -14.05
C GLU A 50 11.01 -32.38 -13.57
N LEU A 51 11.84 -32.95 -14.47
CA LEU A 51 12.74 -33.98 -14.04
C LEU A 51 14.02 -33.36 -13.55
N GLU A 52 14.42 -32.17 -14.01
CA GLU A 52 15.71 -31.67 -13.50
C GLU A 52 15.46 -30.23 -12.94
N LYS A 53 16.29 -29.24 -13.29
CA LYS A 53 16.13 -27.91 -12.66
C LYS A 53 15.33 -26.93 -13.51
N CYS A 54 15.61 -26.88 -14.85
CA CYS A 54 15.13 -25.76 -15.67
C CYS A 54 13.83 -26.16 -16.30
N VAL A 55 13.04 -25.18 -16.69
CA VAL A 55 11.76 -25.57 -17.31
C VAL A 55 11.94 -26.43 -18.59
N GLY A 56 13.05 -26.28 -19.32
CA GLY A 56 13.44 -27.38 -20.31
C GLY A 56 14.89 -27.69 -19.96
N GLN A 57 15.31 -28.95 -20.12
CA GLN A 57 16.68 -29.26 -19.82
C GLN A 57 17.01 -30.55 -20.62
N THR A 58 18.15 -30.53 -21.30
CA THR A 58 18.58 -31.75 -21.92
C THR A 58 19.58 -32.46 -21.05
N GLY A 59 19.94 -33.70 -21.45
CA GLY A 59 20.87 -34.52 -20.61
C GLY A 59 22.32 -34.26 -20.90
N GLY A 60 22.64 -33.59 -21.98
CA GLY A 60 24.00 -33.26 -22.26
C GLY A 60 24.75 -34.55 -22.72
N VAL A 61 26.06 -34.42 -22.75
CA VAL A 61 26.91 -35.47 -23.29
C VAL A 61 28.05 -35.57 -22.26
N PRO A 62 27.82 -36.33 -21.20
CA PRO A 62 28.83 -36.28 -20.09
C PRO A 62 30.25 -36.78 -20.50
N ARG A 63 30.33 -37.81 -21.40
CA ARG A 63 31.62 -38.33 -21.82
C ARG A 63 32.45 -37.24 -22.39
N LEU A 64 31.86 -36.26 -23.06
CA LEU A 64 32.64 -35.18 -23.64
C LEU A 64 32.55 -33.83 -22.86
N ASN A 65 32.09 -33.94 -21.63
CA ASN A 65 32.11 -32.80 -20.68
C ASN A 65 31.17 -31.67 -21.14
N ILE A 66 30.02 -32.08 -21.72
CA ILE A 66 29.03 -31.13 -22.15
C ILE A 66 27.89 -31.29 -21.19
N GLY A 67 27.68 -30.28 -20.35
CA GLY A 67 26.64 -30.33 -19.31
C GLY A 67 25.27 -30.29 -20.04
N GLY A 68 24.27 -30.85 -19.44
CA GLY A 68 22.90 -30.70 -19.93
C GLY A 68 22.54 -29.21 -20.15
N MET A 69 21.83 -28.91 -21.23
CA MET A 69 21.48 -27.54 -21.55
C MET A 69 20.27 -27.15 -20.76
N CYS A 70 20.39 -26.04 -20.05
CA CYS A 70 19.24 -25.56 -19.22
C CYS A 70 18.54 -24.42 -19.96
N LEU A 71 17.23 -24.55 -20.20
CA LEU A 71 16.45 -23.57 -21.02
C LEU A 71 15.47 -22.97 -20.03
N GLN A 72 15.39 -21.64 -19.93
CA GLN A 72 14.49 -21.03 -18.91
C GLN A 72 13.78 -19.85 -19.48
N ASP A 73 12.47 -19.80 -19.25
CA ASP A 73 11.72 -18.52 -19.38
C ASP A 73 12.27 -17.41 -18.46
N SER A 74 11.95 -16.11 -18.69
CA SER A 74 10.98 -15.60 -19.67
C SER A 74 11.64 -14.45 -20.42
N PRO A 75 10.97 -13.90 -21.45
CA PRO A 75 11.47 -12.68 -22.17
C PRO A 75 11.66 -11.46 -21.32
N LEU A 76 11.22 -11.43 -20.03
CA LEU A 76 11.40 -10.23 -19.20
C LEU A 76 12.12 -10.50 -17.89
N GLY A 77 12.76 -11.67 -17.75
CA GLY A 77 13.46 -12.02 -16.50
C GLY A 77 13.31 -13.49 -16.17
N ILE A 78 14.23 -14.00 -15.32
CA ILE A 78 14.25 -15.42 -15.02
C ILE A 78 12.94 -15.87 -14.30
N ARG A 79 12.32 -16.91 -14.86
CA ARG A 79 11.04 -17.44 -14.35
C ARG A 79 11.34 -18.45 -13.21
N ASP A 80 10.47 -18.51 -12.19
CA ASP A 80 10.46 -19.66 -11.30
C ASP A 80 11.76 -19.74 -10.51
N SER A 81 12.32 -18.57 -10.16
CA SER A 81 13.65 -18.64 -9.53
C SER A 81 13.66 -17.68 -8.31
N ASP A 82 14.82 -17.32 -7.83
CA ASP A 82 14.89 -16.38 -6.68
C ASP A 82 15.99 -15.38 -6.83
N TYR A 83 15.85 -14.21 -6.15
CA TYR A 83 16.88 -13.17 -6.21
C TYR A 83 17.26 -12.81 -7.63
N ASN A 84 16.25 -12.64 -8.47
CA ASN A 84 16.42 -12.21 -9.86
C ASN A 84 15.61 -10.91 -9.98
N SER A 85 15.80 -10.21 -11.10
CA SER A 85 15.03 -8.99 -11.37
C SER A 85 13.80 -9.28 -12.25
N ALA A 86 12.85 -8.34 -12.18
CA ALA A 86 11.64 -8.38 -13.06
C ALA A 86 11.66 -7.15 -13.95
N PHE A 87 11.94 -7.35 -15.25
CA PHE A 87 12.15 -6.24 -16.13
C PHE A 87 10.82 -5.76 -16.72
N PRO A 88 10.75 -4.55 -17.33
CA PRO A 88 9.51 -4.13 -18.01
C PRO A 88 9.22 -5.13 -19.19
N ALA A 89 7.95 -5.30 -19.56
CA ALA A 89 7.62 -6.19 -20.69
C ALA A 89 8.19 -5.71 -22.05
N GLY A 90 8.26 -6.64 -23.01
CA GLY A 90 8.74 -6.27 -24.32
C GLY A 90 7.91 -5.12 -24.93
N VAL A 91 6.63 -5.04 -24.63
CA VAL A 91 5.83 -3.90 -25.18
C VAL A 91 6.39 -2.55 -24.68
N ASN A 92 6.85 -2.52 -23.44
CA ASN A 92 7.48 -1.28 -22.91
C ASN A 92 8.71 -0.97 -23.72
N VAL A 93 9.47 -2.01 -24.02
CA VAL A 93 10.74 -1.73 -24.84
C VAL A 93 10.31 -1.08 -26.16
N ALA A 94 9.28 -1.65 -26.79
CA ALA A 94 8.73 -1.02 -28.05
C ALA A 94 8.40 0.46 -27.85
N ALA A 95 7.70 0.76 -26.76
CA ALA A 95 7.30 2.15 -26.52
C ALA A 95 8.53 3.02 -26.31
N THR A 96 9.70 2.48 -25.88
CA THR A 96 10.84 3.39 -25.78
C THR A 96 11.34 3.84 -27.14
N TRP A 97 11.08 3.07 -28.18
CA TRP A 97 11.66 3.40 -29.54
C TRP A 97 13.18 3.55 -29.45
N ASP A 98 13.77 2.84 -28.47
CA ASP A 98 15.16 3.08 -28.11
C ASP A 98 16.01 1.77 -28.26
N LYS A 99 16.84 1.72 -29.34
CA LYS A 99 17.71 0.55 -29.65
C LYS A 99 18.68 0.30 -28.52
N ASN A 100 19.19 1.39 -27.94
CA ASN A 100 20.20 1.23 -26.91
C ASN A 100 19.57 0.58 -25.65
N LEU A 101 18.41 1.08 -25.21
CA LEU A 101 17.75 0.50 -24.04
C LEU A 101 17.37 -0.97 -24.33
N ALA A 102 16.89 -1.25 -25.52
CA ALA A 102 16.56 -2.65 -25.82
C ALA A 102 17.84 -3.52 -25.62
N TYR A 103 18.95 -3.07 -26.20
CA TYR A 103 20.23 -3.76 -26.01
C TYR A 103 20.61 -3.91 -24.50
N LEU A 104 20.50 -2.82 -23.75
CA LEU A 104 20.93 -2.87 -22.35
C LEU A 104 20.04 -3.75 -21.48
N ARG A 105 18.71 -3.73 -21.74
CA ARG A 105 17.82 -4.70 -21.09
C ARG A 105 18.22 -6.16 -21.48
N GLY A 106 18.51 -6.43 -22.77
CA GLY A 106 18.93 -7.84 -23.14
C GLY A 106 20.23 -8.22 -22.38
N GLN A 107 21.17 -7.24 -22.28
CA GLN A 107 22.45 -7.57 -21.58
C GLN A 107 22.23 -7.82 -20.10
N ALA A 108 21.42 -6.97 -19.45
CA ALA A 108 21.15 -7.17 -17.95
C ALA A 108 20.47 -8.52 -17.75
N MET A 109 19.52 -8.88 -18.64
CA MET A 109 18.89 -10.22 -18.50
C MET A 109 19.91 -11.34 -18.76
N GLY A 110 20.63 -11.29 -19.89
CA GLY A 110 21.63 -12.36 -20.11
C GLY A 110 22.58 -12.55 -18.91
N GLN A 111 23.02 -11.46 -18.33
CA GLN A 111 23.90 -11.59 -17.13
C GLN A 111 23.24 -12.38 -16.03
N GLU A 112 21.98 -12.06 -15.73
CA GLU A 112 21.24 -12.72 -14.65
C GLU A 112 21.06 -14.20 -15.01
N PHE A 113 20.62 -14.50 -16.26
CA PHE A 113 20.43 -15.93 -16.65
C PHE A 113 21.75 -16.64 -16.54
N SER A 114 22.84 -16.01 -17.04
CA SER A 114 24.11 -16.71 -17.05
C SER A 114 24.55 -17.08 -15.59
N ASP A 115 24.36 -16.10 -14.65
CA ASP A 115 24.80 -16.26 -13.24
C ASP A 115 23.97 -17.29 -12.49
N LYS A 116 22.83 -17.71 -13.08
CA LYS A 116 22.06 -18.80 -12.40
C LYS A 116 22.41 -20.18 -13.04
N GLY A 117 23.34 -20.20 -13.96
CA GLY A 117 23.65 -21.52 -14.61
C GLY A 117 22.64 -21.88 -15.71
N ILE A 118 22.00 -20.86 -16.32
CA ILE A 118 21.08 -21.12 -17.45
C ILE A 118 21.80 -20.84 -18.76
N ASP A 119 21.61 -21.76 -19.70
CA ASP A 119 22.36 -21.69 -20.99
C ASP A 119 21.57 -20.99 -22.07
N VAL A 120 20.23 -21.06 -21.96
CA VAL A 120 19.36 -20.61 -23.09
C VAL A 120 18.23 -19.88 -22.42
N GLN A 121 18.06 -18.61 -22.81
CA GLN A 121 16.89 -17.79 -22.37
C GLN A 121 15.81 -18.00 -23.38
N LEU A 122 14.61 -18.27 -22.91
CA LEU A 122 13.49 -18.48 -23.82
C LEU A 122 12.88 -17.08 -24.16
N GLY A 123 13.57 -16.28 -24.95
CA GLY A 123 13.01 -14.99 -25.34
C GLY A 123 14.17 -14.39 -26.09
N PRO A 124 13.95 -13.22 -26.77
CA PRO A 124 12.74 -12.38 -26.71
C PRO A 124 11.67 -12.87 -27.72
N ALA A 125 10.52 -12.17 -27.80
CA ALA A 125 9.33 -12.63 -28.56
C ALA A 125 9.01 -11.60 -29.61
N ALA A 126 8.68 -12.09 -30.82
CA ALA A 126 8.16 -11.20 -31.85
C ALA A 126 6.94 -11.94 -32.51
N GLY A 127 6.49 -12.99 -31.88
CA GLY A 127 5.38 -13.76 -32.40
C GLY A 127 4.65 -14.23 -31.15
N PRO A 128 3.40 -13.76 -30.90
CA PRO A 128 2.56 -12.91 -31.80
C PRO A 128 3.17 -11.54 -32.05
N LEU A 129 3.05 -11.11 -33.29
CA LEU A 129 3.46 -9.77 -33.70
C LEU A 129 2.46 -8.80 -33.15
N GLY A 130 1.19 -9.22 -33.11
CA GLY A 130 0.14 -8.34 -32.60
C GLY A 130 -0.98 -8.09 -33.61
N ARG A 131 -1.34 -9.11 -34.41
CA ARG A 131 -2.49 -9.00 -35.32
C ARG A 131 -3.75 -8.39 -34.71
N SER A 132 -4.17 -8.83 -33.53
CA SER A 132 -5.45 -8.34 -32.90
C SER A 132 -5.16 -7.62 -31.58
N PRO A 133 -5.85 -6.52 -31.29
CA PRO A 133 -5.45 -5.75 -30.11
C PRO A 133 -5.76 -6.46 -28.81
N ASP A 134 -6.66 -7.44 -28.83
CA ASP A 134 -7.05 -8.23 -27.68
C ASP A 134 -6.35 -9.59 -27.57
N GLY A 135 -5.37 -9.89 -28.44
CA GLY A 135 -4.52 -11.08 -28.31
C GLY A 135 -3.85 -11.14 -26.93
N GLY A 136 -3.82 -12.33 -26.32
CA GLY A 136 -3.43 -12.42 -24.94
C GLY A 136 -1.93 -12.25 -24.68
N ARG A 137 -1.06 -12.34 -25.72
CA ARG A 137 0.39 -12.31 -25.49
C ARG A 137 1.11 -11.25 -26.31
N ASN A 138 0.41 -10.33 -26.93
CA ASN A 138 1.12 -9.30 -27.67
C ASN A 138 2.14 -8.57 -26.86
N TRP A 139 1.77 -8.39 -25.59
CA TRP A 139 2.61 -7.61 -24.64
C TRP A 139 4.01 -8.21 -24.42
N GLU A 140 4.16 -9.50 -24.63
CA GLU A 140 5.48 -10.14 -24.43
C GLU A 140 6.45 -9.74 -25.53
N GLY A 141 5.86 -9.39 -26.72
CA GLY A 141 6.63 -9.06 -27.96
C GLY A 141 6.89 -7.54 -27.97
N PHE A 142 6.73 -6.86 -29.12
CA PHE A 142 7.06 -5.47 -29.22
C PHE A 142 5.87 -4.67 -29.75
N SER A 143 5.68 -4.72 -31.08
CA SER A 143 4.74 -3.87 -31.75
C SER A 143 4.08 -4.60 -32.89
N PRO A 144 2.82 -4.22 -33.26
CA PRO A 144 2.27 -4.83 -34.48
C PRO A 144 3.08 -4.29 -35.72
N ASP A 145 4.00 -3.35 -35.57
CA ASP A 145 4.76 -2.87 -36.73
C ASP A 145 6.00 -3.73 -36.91
N PRO A 146 6.22 -4.33 -38.12
CA PRO A 146 7.36 -5.24 -38.31
C PRO A 146 8.74 -4.53 -38.22
N ALA A 147 8.87 -3.28 -38.71
CA ALA A 147 10.19 -2.61 -38.71
C ALA A 147 10.59 -2.28 -37.25
N LEU A 148 9.66 -1.70 -36.50
CA LEU A 148 9.96 -1.31 -35.07
C LEU A 148 10.28 -2.62 -34.28
N THR A 149 9.40 -3.59 -34.41
CA THR A 149 9.61 -4.88 -33.76
C THR A 149 10.93 -5.52 -34.14
N GLY A 150 11.16 -5.69 -35.47
CA GLY A 150 12.40 -6.44 -35.89
C GLY A 150 13.68 -5.76 -35.32
N VAL A 151 13.77 -4.45 -35.38
CA VAL A 151 14.98 -3.79 -34.86
C VAL A 151 15.17 -4.00 -33.30
N LEU A 152 14.09 -3.84 -32.51
CA LEU A 152 14.28 -3.91 -31.02
C LEU A 152 14.40 -5.41 -30.62
N PHE A 153 13.74 -6.28 -31.38
CA PHE A 153 13.92 -7.76 -31.17
C PHE A 153 15.39 -8.10 -31.35
N ALA A 154 15.97 -7.69 -32.48
CA ALA A 154 17.37 -7.94 -32.78
C ALA A 154 18.34 -7.34 -31.72
N GLU A 155 18.15 -6.07 -31.32
CA GLU A 155 18.99 -5.50 -30.25
C GLU A 155 18.84 -6.30 -28.97
N THR A 156 17.59 -6.74 -28.62
CA THR A 156 17.46 -7.51 -27.42
C THR A 156 18.29 -8.85 -27.45
N ILE A 157 18.24 -9.51 -28.59
CA ILE A 157 18.98 -10.75 -28.81
C ILE A 157 20.47 -10.45 -28.69
N LYS A 158 20.93 -9.34 -29.24
CA LYS A 158 22.42 -9.10 -29.24
C LYS A 158 22.83 -8.85 -27.80
N GLY A 159 21.97 -8.12 -27.05
CA GLY A 159 22.25 -7.89 -25.56
C GLY A 159 22.39 -9.24 -24.82
N ILE A 160 21.38 -10.12 -24.97
CA ILE A 160 21.45 -11.47 -24.29
C ILE A 160 22.68 -12.31 -24.71
N GLN A 161 22.94 -12.38 -26.02
CA GLN A 161 23.99 -13.28 -26.50
C GLN A 161 25.36 -12.71 -26.22
N ASP A 162 25.55 -11.41 -26.34
CA ASP A 162 26.87 -10.77 -25.98
C ASP A 162 27.16 -10.95 -24.49
N ALA A 163 26.12 -11.18 -23.66
CA ALA A 163 26.33 -11.58 -22.24
C ALA A 163 26.53 -13.09 -22.07
N GLY A 164 26.55 -13.88 -23.15
CA GLY A 164 27.04 -15.26 -23.00
C GLY A 164 25.87 -16.24 -22.80
N VAL A 165 24.63 -15.90 -23.22
CA VAL A 165 23.51 -16.87 -23.07
C VAL A 165 22.84 -16.96 -24.46
N VAL A 166 22.38 -18.15 -24.87
CA VAL A 166 21.71 -18.32 -26.17
C VAL A 166 20.32 -17.65 -26.08
N ALA A 167 19.98 -16.75 -26.99
CA ALA A 167 18.54 -16.26 -27.05
C ALA A 167 17.68 -17.12 -27.95
N THR A 168 16.38 -17.19 -27.67
CA THR A 168 15.44 -17.97 -28.44
C THR A 168 14.37 -17.00 -29.02
N ALA A 169 14.45 -16.72 -30.31
CA ALA A 169 13.46 -15.96 -30.99
C ALA A 169 12.19 -16.78 -30.99
N LYS A 170 11.09 -16.28 -30.40
CA LYS A 170 9.84 -17.05 -30.37
C LYS A 170 8.62 -16.09 -30.68
N HIS A 171 7.41 -16.59 -30.90
CA HIS A 171 7.04 -18.00 -31.19
C HIS A 171 6.89 -18.01 -32.71
N TYR A 172 7.53 -18.98 -33.33
CA TYR A 172 7.66 -19.05 -34.80
C TYR A 172 6.61 -20.11 -35.31
N ILE A 173 5.43 -19.73 -35.84
CA ILE A 173 5.10 -18.36 -36.28
C ILE A 173 3.55 -18.31 -36.44
N LEU A 174 2.95 -17.12 -36.35
CA LEU A 174 1.52 -16.88 -36.57
C LEU A 174 0.64 -17.35 -35.40
N ASN A 175 1.25 -17.43 -34.23
CA ASN A 175 0.48 -17.74 -33.01
C ASN A 175 -0.16 -16.41 -32.52
N GLU A 176 -1.13 -15.90 -33.28
CA GLU A 176 -1.62 -14.54 -33.04
C GLU A 176 -2.82 -14.44 -32.09
N GLN A 177 -3.25 -15.57 -31.57
CA GLN A 177 -4.23 -15.61 -30.44
C GLN A 177 -4.05 -16.81 -29.54
N GLU A 178 -4.59 -16.70 -28.34
CA GLU A 178 -4.54 -17.81 -27.39
C GLU A 178 -5.69 -18.80 -27.55
N HIS A 179 -6.86 -18.34 -27.91
CA HIS A 179 -8.00 -19.30 -28.11
C HIS A 179 -7.67 -20.41 -29.10
N PHE A 180 -7.89 -21.65 -28.65
CA PHE A 180 -7.80 -22.87 -29.48
C PHE A 180 -6.35 -23.16 -29.83
N ARG A 181 -5.41 -22.57 -29.05
CA ARG A 181 -4.00 -22.76 -29.38
C ARG A 181 -3.51 -24.16 -29.02
N GLN A 182 -4.16 -24.84 -28.07
CA GLN A 182 -3.80 -26.21 -27.62
C GLN A 182 -5.08 -26.98 -27.39
N VAL A 183 -5.07 -28.28 -27.77
CA VAL A 183 -6.28 -29.09 -27.73
C VAL A 183 -6.77 -29.32 -26.28
N ALA A 184 -5.85 -29.66 -25.37
CA ALA A 184 -6.28 -29.98 -23.96
C ALA A 184 -6.68 -28.71 -23.25
N GLU A 185 -5.98 -27.60 -23.52
CA GLU A 185 -6.42 -26.31 -22.98
C GLU A 185 -7.84 -25.92 -23.42
N ALA A 186 -8.09 -26.05 -24.72
CA ALA A 186 -9.41 -25.77 -25.27
C ALA A 186 -10.53 -26.71 -24.59
N ALA A 187 -10.18 -27.99 -24.31
CA ALA A 187 -11.08 -28.91 -23.66
C ALA A 187 -11.40 -28.43 -22.23
N GLY A 188 -10.35 -28.07 -21.48
CA GLY A 188 -10.51 -27.41 -20.17
C GLY A 188 -11.48 -26.21 -20.19
N TYR A 189 -11.60 -25.56 -21.34
CA TYR A 189 -12.52 -24.44 -21.45
C TYR A 189 -13.86 -24.86 -22.08
N GLY A 190 -14.09 -26.16 -22.30
CA GLY A 190 -15.44 -26.62 -22.87
C GLY A 190 -15.42 -26.75 -24.40
N PHE A 191 -14.26 -26.69 -25.08
CA PHE A 191 -14.31 -26.73 -26.53
C PHE A 191 -13.66 -27.99 -26.98
N ASN A 192 -14.34 -28.69 -27.87
CA ASN A 192 -13.82 -30.00 -28.29
C ASN A 192 -13.21 -29.85 -29.66
N ILE A 193 -11.88 -29.90 -29.76
CA ILE A 193 -11.28 -29.72 -31.12
C ILE A 193 -10.29 -30.81 -31.35
N SER A 194 -10.11 -31.25 -32.61
CA SER A 194 -9.18 -32.40 -32.73
C SER A 194 -7.72 -31.95 -32.90
N ASP A 195 -7.52 -30.74 -33.39
CA ASP A 195 -6.17 -30.25 -33.58
C ASP A 195 -6.24 -28.72 -33.26
N THR A 196 -5.07 -28.04 -33.18
CA THR A 196 -5.00 -26.60 -32.81
C THR A 196 -5.33 -25.70 -33.95
N ILE A 197 -5.71 -24.48 -33.58
CA ILE A 197 -6.15 -23.45 -34.50
C ILE A 197 -5.10 -23.37 -35.62
N SER A 198 -5.57 -23.15 -36.86
CA SER A 198 -4.72 -23.05 -38.03
C SER A 198 -4.72 -21.62 -38.51
N SER A 199 -3.54 -20.97 -38.48
CA SER A 199 -3.40 -19.66 -39.04
C SER A 199 -3.21 -19.84 -40.55
N ASN A 200 -4.04 -19.22 -41.36
CA ASN A 200 -3.96 -19.45 -42.80
C ASN A 200 -3.65 -18.08 -43.41
N VAL A 201 -2.45 -17.98 -44.04
CA VAL A 201 -1.95 -16.67 -44.39
C VAL A 201 -1.31 -16.79 -45.79
N ASP A 202 -1.43 -15.74 -46.59
CA ASP A 202 -0.87 -15.76 -47.97
C ASP A 202 0.67 -15.44 -47.86
N ASP A 203 1.39 -15.74 -48.93
CA ASP A 203 2.85 -15.75 -48.88
C ASP A 203 3.36 -14.33 -48.82
N LYS A 204 2.68 -13.40 -49.47
CA LYS A 204 3.15 -12.02 -49.46
C LYS A 204 2.98 -11.44 -48.01
N THR A 205 1.82 -11.67 -47.38
CA THR A 205 1.62 -11.11 -45.97
C THR A 205 2.63 -11.68 -45.00
N ILE A 206 2.91 -13.00 -45.07
CA ILE A 206 3.82 -13.56 -44.10
C ILE A 206 5.22 -12.92 -44.34
N HIS A 207 5.64 -12.71 -45.61
CA HIS A 207 6.96 -12.11 -45.84
C HIS A 207 7.02 -10.67 -45.35
N GLU A 208 5.95 -9.89 -45.63
CA GLU A 208 6.01 -8.45 -45.35
C GLU A 208 5.72 -8.10 -43.87
N MET A 209 5.12 -9.01 -43.14
CA MET A 209 4.67 -8.69 -41.76
C MET A 209 5.30 -9.71 -40.78
N TYR A 210 4.73 -10.89 -40.65
CA TYR A 210 5.09 -11.77 -39.53
C TYR A 210 6.53 -12.34 -39.61
N LEU A 211 7.04 -12.56 -40.85
CA LEU A 211 8.38 -13.14 -40.98
C LEU A 211 9.45 -12.10 -40.79
N TRP A 212 9.13 -10.83 -41.05
CA TRP A 212 10.19 -9.85 -41.13
C TRP A 212 11.05 -9.68 -39.85
N PRO A 213 10.41 -9.65 -38.65
CA PRO A 213 11.29 -9.52 -37.42
C PRO A 213 12.10 -10.76 -37.26
N PHE A 214 11.58 -11.93 -37.74
CA PHE A 214 12.46 -13.14 -37.60
C PHE A 214 13.64 -13.12 -38.56
N ALA A 215 13.52 -12.48 -39.71
CA ALA A 215 14.70 -12.22 -40.56
C ALA A 215 15.72 -11.36 -39.77
N ASP A 216 15.23 -10.30 -39.14
CA ASP A 216 16.17 -9.43 -38.35
C ASP A 216 16.87 -10.26 -37.23
N ALA A 217 16.11 -11.09 -36.53
CA ALA A 217 16.64 -11.98 -35.46
C ALA A 217 17.73 -12.91 -36.04
N VAL A 218 17.47 -13.53 -37.18
CA VAL A 218 18.43 -14.44 -37.76
C VAL A 218 19.70 -13.63 -38.13
N ARG A 219 19.52 -12.51 -38.83
CA ARG A 219 20.66 -11.69 -39.22
C ARG A 219 21.49 -11.13 -38.02
N ALA A 220 20.82 -10.87 -36.89
CA ALA A 220 21.53 -10.37 -35.71
C ALA A 220 22.23 -11.55 -35.01
N GLY A 221 22.06 -12.82 -35.46
CA GLY A 221 22.86 -13.88 -34.83
C GLY A 221 22.13 -14.78 -33.84
N VAL A 222 20.79 -14.72 -33.78
CA VAL A 222 20.05 -15.51 -32.75
C VAL A 222 20.42 -16.96 -32.85
N GLY A 223 20.62 -17.62 -31.72
CA GLY A 223 21.10 -19.03 -31.73
C GLY A 223 19.93 -20.01 -31.85
N ALA A 224 18.73 -19.69 -31.31
CA ALA A 224 17.63 -20.66 -31.25
C ALA A 224 16.38 -19.99 -31.72
N ILE A 225 15.42 -20.80 -32.16
CA ILE A 225 14.08 -20.32 -32.57
C ILE A 225 13.13 -21.32 -31.90
N MET A 226 11.97 -20.84 -31.39
CA MET A 226 11.02 -21.76 -30.81
C MET A 226 9.78 -21.72 -31.73
N CYS A 227 9.36 -22.90 -32.24
CA CYS A 227 8.27 -23.00 -33.23
C CYS A 227 6.98 -23.12 -32.40
N SER A 228 5.81 -22.87 -33.00
CA SER A 228 4.66 -22.53 -32.22
C SER A 228 3.58 -23.66 -32.05
N TYR A 229 2.65 -23.44 -31.11
CA TYR A 229 1.55 -24.38 -30.92
C TYR A 229 0.52 -24.45 -32.08
N ASN A 230 0.28 -23.31 -32.72
CA ASN A 230 -0.77 -23.27 -33.74
C ASN A 230 -0.30 -24.08 -34.96
N GLN A 231 -1.24 -24.37 -35.85
CA GLN A 231 -0.82 -24.77 -37.20
C GLN A 231 -0.74 -23.55 -38.08
N ILE A 232 -0.07 -23.71 -39.21
CA ILE A 232 -0.07 -22.75 -40.31
C ILE A 232 -0.60 -23.52 -41.59
N ASN A 233 -1.69 -23.07 -42.19
CA ASN A 233 -2.31 -23.87 -43.24
C ASN A 233 -2.42 -25.35 -42.89
N ASN A 234 -2.87 -25.68 -41.67
CA ASN A 234 -3.16 -27.00 -41.26
C ASN A 234 -1.90 -27.91 -41.27
N SER A 235 -0.75 -27.33 -40.95
CA SER A 235 0.40 -28.13 -40.60
C SER A 235 1.02 -27.52 -39.37
N TYR A 236 1.18 -28.32 -38.30
CA TYR A 236 1.67 -27.86 -36.95
C TYR A 236 2.97 -27.07 -37.04
N GLY A 237 3.06 -25.96 -36.27
CA GLY A 237 4.23 -25.13 -36.36
C GLY A 237 5.56 -25.84 -36.13
N CYS A 238 5.58 -26.90 -35.30
CA CYS A 238 6.83 -27.62 -35.02
C CYS A 238 7.07 -28.85 -35.97
N GLN A 239 6.31 -28.94 -37.06
CA GLN A 239 6.68 -29.86 -38.16
C GLN A 239 6.16 -29.27 -39.48
N ASN A 240 6.26 -27.92 -39.65
CA ASN A 240 5.78 -27.32 -40.84
C ASN A 240 7.00 -27.08 -41.72
N SER A 241 7.07 -27.84 -42.81
CA SER A 241 8.35 -27.85 -43.57
C SER A 241 8.44 -26.56 -44.32
N TYR A 242 7.29 -26.04 -44.70
CA TYR A 242 7.35 -24.77 -45.41
C TYR A 242 7.92 -23.62 -44.48
N THR A 243 7.39 -23.46 -43.25
CA THR A 243 7.88 -22.32 -42.43
C THR A 243 9.30 -22.69 -41.94
N LEU A 244 9.55 -23.94 -41.61
CA LEU A 244 10.85 -24.28 -40.98
C LEU A 244 11.93 -24.50 -42.02
N ASN A 245 11.66 -25.40 -42.98
CA ASN A 245 12.68 -25.72 -44.01
C ASN A 245 12.84 -24.65 -45.04
N LYS A 246 11.72 -24.21 -45.62
CA LYS A 246 11.82 -23.21 -46.62
C LYS A 246 12.04 -21.80 -46.10
N LEU A 247 11.13 -21.28 -45.29
CA LEU A 247 11.27 -19.82 -44.97
C LEU A 247 12.44 -19.60 -44.01
N LEU A 248 12.52 -20.33 -42.91
CA LEU A 248 13.50 -19.99 -41.87
C LEU A 248 14.88 -20.50 -42.30
N LYS A 249 14.95 -21.79 -42.69
CA LYS A 249 16.28 -22.44 -42.92
C LYS A 249 16.84 -22.13 -44.36
N ALA A 250 16.01 -22.28 -45.39
CA ALA A 250 16.59 -22.03 -46.77
C ALA A 250 16.52 -20.56 -47.11
N GLU A 251 15.37 -19.89 -46.92
CA GLU A 251 15.31 -18.51 -47.34
C GLU A 251 16.09 -17.56 -46.34
N LEU A 252 15.77 -17.61 -45.04
CA LEU A 252 16.43 -16.67 -44.10
C LEU A 252 17.82 -17.21 -43.77
N GLY A 253 18.10 -18.49 -44.08
CA GLY A 253 19.51 -18.93 -43.90
C GLY A 253 19.88 -19.20 -42.42
N PHE A 254 18.87 -19.48 -41.61
CA PHE A 254 19.11 -19.70 -40.16
C PHE A 254 20.08 -20.88 -39.91
N GLN A 255 21.15 -20.58 -39.16
CA GLN A 255 22.19 -21.59 -38.77
C GLN A 255 22.04 -22.26 -37.40
N GLY A 256 21.13 -21.74 -36.55
CA GLY A 256 20.98 -22.25 -35.11
C GLY A 256 19.97 -23.37 -35.09
N PHE A 257 19.40 -23.62 -33.93
CA PHE A 257 18.48 -24.75 -33.81
C PHE A 257 17.07 -24.34 -33.50
N VAL A 258 16.14 -25.17 -33.95
CA VAL A 258 14.73 -24.97 -33.69
C VAL A 258 14.24 -25.87 -32.57
N MET A 259 13.68 -25.27 -31.47
CA MET A 259 13.05 -26.05 -30.39
C MET A 259 11.54 -25.99 -30.40
N SER A 260 10.86 -27.05 -29.88
CA SER A 260 9.45 -26.97 -29.83
C SER A 260 9.00 -26.07 -28.67
N ASP A 261 7.82 -25.47 -28.83
CA ASP A 261 7.09 -25.02 -27.62
C ASP A 261 6.70 -26.27 -26.80
N TRP A 262 6.36 -26.09 -25.51
CA TRP A 262 6.16 -27.18 -24.55
C TRP A 262 4.87 -27.92 -24.84
N GLY A 263 4.94 -29.09 -25.50
CA GLY A 263 3.70 -29.81 -25.94
C GLY A 263 3.37 -29.46 -27.40
N ALA A 264 4.26 -28.69 -28.06
CA ALA A 264 4.07 -28.36 -29.51
C ALA A 264 4.71 -29.45 -30.41
N HIS A 265 5.47 -30.37 -29.81
CA HIS A 265 6.02 -31.50 -30.59
C HIS A 265 4.91 -32.56 -30.87
N HIS A 266 4.67 -32.89 -32.16
CA HIS A 266 3.58 -33.79 -32.47
C HIS A 266 3.93 -35.06 -33.28
N SER A 267 5.21 -35.33 -33.54
CA SER A 267 5.60 -36.58 -34.27
C SER A 267 7.15 -36.68 -34.18
N GLY A 268 7.70 -37.92 -34.31
CA GLY A 268 9.11 -38.06 -34.30
C GLY A 268 9.68 -37.86 -35.66
N VAL A 269 9.40 -38.84 -36.53
CA VAL A 269 9.90 -38.78 -37.93
C VAL A 269 9.48 -37.49 -38.64
N GLY A 270 8.18 -37.19 -38.62
CA GLY A 270 7.70 -36.07 -39.44
C GLY A 270 8.35 -34.75 -39.03
N SER A 271 8.42 -34.51 -37.73
CA SER A 271 9.07 -33.24 -37.17
C SER A 271 10.55 -33.13 -37.51
N ALA A 272 11.29 -34.23 -37.37
CA ALA A 272 12.71 -34.22 -37.58
C ALA A 272 12.98 -33.89 -39.04
N LEU A 273 12.19 -34.49 -39.95
CA LEU A 273 12.39 -34.24 -41.42
C LEU A 273 11.91 -32.82 -41.83
N ALA A 274 10.96 -32.30 -41.09
CA ALA A 274 10.37 -30.99 -41.42
C ALA A 274 11.17 -29.82 -40.79
N GLY A 275 12.25 -30.12 -40.07
CA GLY A 275 13.14 -29.02 -39.65
C GLY A 275 13.23 -28.75 -38.17
N LEU A 276 12.56 -29.54 -37.33
CA LEU A 276 12.71 -29.36 -35.87
C LEU A 276 14.08 -29.89 -35.44
N ASP A 277 14.69 -29.27 -34.43
CA ASP A 277 16.01 -29.68 -33.96
C ASP A 277 16.03 -30.12 -32.47
N MET A 278 15.02 -29.69 -31.69
CA MET A 278 15.09 -30.00 -30.26
C MET A 278 13.66 -30.12 -29.70
N SER A 279 13.43 -31.15 -28.86
CA SER A 279 12.08 -31.45 -28.37
C SER A 279 11.99 -31.00 -26.91
N MET A 280 11.04 -30.14 -26.55
CA MET A 280 10.89 -29.61 -25.15
C MET A 280 9.43 -29.79 -24.70
N PRO A 281 9.19 -30.26 -23.43
CA PRO A 281 10.22 -30.54 -22.42
C PRO A 281 10.86 -31.93 -22.64
N GLY A 282 10.51 -32.60 -23.75
CA GLY A 282 11.20 -33.90 -24.06
C GLY A 282 10.21 -35.07 -24.14
N ASP A 283 9.13 -35.00 -23.37
CA ASP A 283 8.14 -36.07 -23.37
C ASP A 283 6.95 -35.71 -24.32
N ILE A 284 6.04 -36.64 -24.50
CA ILE A 284 4.93 -36.42 -25.43
C ILE A 284 3.86 -35.56 -24.77
N THR A 285 3.54 -35.89 -23.51
CA THR A 285 2.72 -35.07 -22.65
C THR A 285 3.47 -35.08 -21.35
N PHE A 286 3.20 -34.07 -20.49
CA PHE A 286 4.05 -33.91 -19.28
C PHE A 286 4.13 -35.20 -18.45
N ASP A 287 5.36 -35.70 -18.22
CA ASP A 287 5.57 -36.88 -17.47
C ASP A 287 4.92 -38.15 -17.99
N SER A 288 4.82 -38.27 -19.32
CA SER A 288 4.19 -39.47 -19.87
C SER A 288 5.21 -40.59 -19.94
N ALA A 289 6.48 -40.26 -19.67
CA ALA A 289 7.55 -41.23 -19.77
C ALA A 289 7.72 -41.76 -21.22
N THR A 290 7.14 -41.07 -22.18
CA THR A 290 7.29 -41.43 -23.57
C THR A 290 7.83 -40.18 -24.29
N SER A 291 8.42 -40.34 -25.47
CA SER A 291 8.95 -39.18 -26.20
C SER A 291 8.84 -39.49 -27.69
N PHE A 292 8.54 -38.49 -28.51
CA PHE A 292 8.58 -38.66 -29.96
C PHE A 292 10.01 -38.83 -30.36
N TRP A 293 10.93 -38.30 -29.55
CA TRP A 293 12.37 -38.46 -29.86
C TRP A 293 13.08 -39.30 -28.78
N GLY A 294 14.23 -38.89 -28.26
CA GLY A 294 14.89 -39.77 -27.29
C GLY A 294 15.01 -41.18 -27.93
N THR A 295 14.73 -42.26 -27.19
CA THR A 295 14.68 -43.65 -27.81
C THR A 295 14.20 -43.77 -29.28
N ASN A 296 13.02 -43.18 -29.57
CA ASN A 296 12.40 -43.20 -30.88
C ASN A 296 13.27 -42.57 -31.96
N LEU A 297 13.98 -41.49 -31.65
CA LEU A 297 14.85 -40.88 -32.67
C LEU A 297 16.13 -41.73 -32.94
N THR A 298 16.76 -42.27 -31.89
CA THR A 298 17.87 -43.22 -32.06
C THR A 298 17.37 -44.41 -33.02
N ILE A 299 16.17 -44.91 -32.79
CA ILE A 299 15.60 -46.03 -33.55
C ILE A 299 15.32 -45.58 -34.97
N ALA A 300 14.78 -44.36 -35.14
CA ALA A 300 14.48 -43.87 -36.45
C ALA A 300 15.75 -43.67 -37.34
N VAL A 301 16.90 -43.50 -36.73
CA VAL A 301 18.13 -43.42 -37.49
C VAL A 301 18.59 -44.89 -37.76
N LEU A 302 18.56 -45.73 -36.74
CA LEU A 302 18.93 -47.16 -36.88
C LEU A 302 18.14 -47.92 -37.95
N ASN A 303 16.88 -47.57 -38.15
CA ASN A 303 16.08 -48.34 -39.08
C ASN A 303 16.06 -47.66 -40.42
N GLY A 304 16.85 -46.60 -40.58
CA GLY A 304 16.96 -46.00 -41.89
C GLY A 304 15.92 -44.96 -42.25
N THR A 305 15.03 -44.55 -41.32
CA THR A 305 13.93 -43.65 -41.78
C THR A 305 14.38 -42.19 -41.73
N VAL A 306 15.10 -41.81 -40.71
CA VAL A 306 15.63 -40.47 -40.64
C VAL A 306 17.11 -40.61 -40.94
N PRO A 307 17.58 -39.91 -41.95
CA PRO A 307 18.98 -39.99 -42.35
C PRO A 307 19.92 -39.54 -41.26
N GLN A 308 21.04 -40.23 -41.13
CA GLN A 308 22.04 -39.80 -40.17
C GLN A 308 22.41 -38.27 -40.36
N TRP A 309 22.52 -37.77 -41.58
CA TRP A 309 22.88 -36.37 -41.74
C TRP A 309 21.87 -35.40 -41.04
N ARG A 310 20.62 -35.83 -40.92
CA ARG A 310 19.58 -34.97 -40.35
C ARG A 310 19.83 -34.82 -38.85
N VAL A 311 20.01 -35.93 -38.15
CA VAL A 311 20.34 -35.93 -36.68
C VAL A 311 21.72 -35.31 -36.41
N ASP A 312 22.71 -35.56 -37.29
CA ASP A 312 24.01 -34.89 -37.16
C ASP A 312 23.84 -33.34 -37.29
N ASP A 313 23.05 -32.93 -38.25
CA ASP A 313 22.74 -31.52 -38.39
C ASP A 313 21.99 -30.88 -37.12
N MET A 314 21.09 -31.58 -36.50
CA MET A 314 20.45 -31.06 -35.29
C MET A 314 21.55 -30.84 -34.24
N ALA A 315 22.38 -31.87 -34.02
CA ALA A 315 23.51 -31.79 -33.09
C ALA A 315 24.44 -30.62 -33.40
N VAL A 316 24.76 -30.42 -34.69
CA VAL A 316 25.69 -29.36 -35.10
C VAL A 316 25.01 -27.99 -34.85
N ARG A 317 23.71 -27.84 -35.17
CA ARG A 317 23.05 -26.53 -34.97
C ARG A 317 23.00 -26.20 -33.46
N ILE A 318 22.68 -27.20 -32.65
CA ILE A 318 22.62 -27.01 -31.18
C ILE A 318 24.00 -26.67 -30.61
N MET A 319 25.06 -27.49 -30.89
CA MET A 319 26.36 -27.11 -30.36
C MET A 319 26.89 -25.79 -30.92
N ALA A 320 26.57 -25.49 -32.19
CA ALA A 320 27.05 -24.24 -32.79
C ALA A 320 26.44 -22.98 -32.06
N ALA A 321 25.14 -23.04 -31.76
CA ALA A 321 24.45 -21.91 -31.03
C ALA A 321 25.16 -21.78 -29.65
N TYR A 322 25.39 -22.91 -29.00
CA TYR A 322 26.14 -22.95 -27.71
C TYR A 322 27.54 -22.34 -27.78
N TYR A 323 28.34 -22.71 -28.79
CA TYR A 323 29.68 -22.11 -28.92
C TYR A 323 29.67 -20.66 -29.39
N LYS A 324 28.69 -20.32 -30.24
CA LYS A 324 28.60 -18.99 -30.81
C LYS A 324 28.46 -17.96 -29.71
N VAL A 325 27.71 -18.27 -28.67
CA VAL A 325 27.61 -17.27 -27.57
C VAL A 325 28.74 -17.45 -26.54
N GLY A 326 29.63 -18.46 -26.73
CA GLY A 326 30.66 -18.77 -25.69
C GLY A 326 30.15 -19.39 -24.40
N ARG A 327 29.02 -20.07 -24.44
CA ARG A 327 28.45 -20.70 -23.27
C ARG A 327 29.41 -21.68 -22.59
N ASP A 328 30.24 -22.36 -23.40
CA ASP A 328 31.15 -23.35 -22.82
C ASP A 328 32.12 -22.64 -21.84
N ARG A 329 32.37 -21.36 -22.05
CA ARG A 329 33.31 -20.67 -21.16
C ARG A 329 32.65 -20.19 -19.85
N LEU A 330 31.32 -20.30 -19.71
CA LEU A 330 30.57 -19.76 -18.56
C LEU A 330 29.81 -20.86 -17.87
N TYR A 331 29.99 -22.10 -18.38
CA TYR A 331 29.15 -23.23 -17.98
C TYR A 331 29.13 -23.50 -16.50
N GLN A 332 27.95 -23.62 -15.92
CA GLN A 332 27.83 -24.20 -14.61
C GLN A 332 26.44 -24.82 -14.54
N PRO A 333 26.26 -25.87 -13.73
CA PRO A 333 24.94 -26.49 -13.56
C PRO A 333 23.95 -25.41 -13.01
N PRO A 334 22.65 -25.58 -13.30
CA PRO A 334 21.71 -24.56 -12.84
C PRO A 334 21.74 -24.56 -11.31
N ASN A 335 21.91 -23.39 -10.70
CA ASN A 335 22.13 -23.40 -9.26
C ASN A 335 20.85 -23.05 -8.49
N PHE A 336 19.70 -23.27 -9.13
CA PHE A 336 18.41 -23.07 -8.48
C PHE A 336 17.48 -24.19 -9.02
N SER A 337 16.31 -24.38 -8.42
CA SER A 337 15.32 -25.27 -9.01
C SER A 337 14.08 -24.46 -9.43
N SER A 338 13.47 -24.79 -10.59
CA SER A 338 12.22 -24.10 -11.00
C SER A 338 11.04 -24.56 -10.14
N TRP A 339 11.21 -25.68 -9.40
CA TRP A 339 10.02 -26.41 -8.89
C TRP A 339 9.88 -26.31 -7.38
N THR A 340 10.90 -25.79 -6.73
CA THR A 340 10.84 -25.64 -5.29
C THR A 340 11.83 -24.52 -4.92
N ARG A 341 11.51 -23.84 -3.80
CA ARG A 341 12.45 -22.83 -3.27
C ARG A 341 13.27 -23.41 -2.12
N ASP A 342 13.04 -24.68 -1.78
CA ASP A 342 13.75 -25.30 -0.64
C ASP A 342 15.22 -25.34 -0.91
N GLU A 343 16.03 -25.28 0.15
CA GLU A 343 17.44 -25.34 -0.09
C GLU A 343 17.87 -26.79 -0.63
N TYR A 344 17.32 -27.82 0.03
CA TYR A 344 17.61 -29.26 -0.24
C TYR A 344 16.38 -29.94 -0.79
N GLY A 345 16.62 -30.91 -1.64
CA GLY A 345 15.54 -31.66 -2.24
C GLY A 345 16.12 -32.87 -2.99
N PHE A 346 15.24 -33.78 -3.36
CA PHE A 346 15.64 -34.83 -4.32
C PHE A 346 16.08 -34.22 -5.64
N LYS A 347 17.19 -34.72 -6.16
CA LYS A 347 17.76 -34.28 -7.43
C LYS A 347 16.73 -34.20 -8.63
N TYR A 348 15.86 -35.20 -8.71
CA TYR A 348 14.90 -35.33 -9.76
C TYR A 348 13.52 -35.07 -9.20
N PHE A 349 13.04 -33.85 -9.48
CA PHE A 349 11.88 -33.38 -8.73
C PHE A 349 10.63 -34.18 -8.95
N TYR A 350 10.24 -34.33 -10.20
CA TYR A 350 8.92 -34.81 -10.39
C TYR A 350 8.67 -36.17 -9.64
N PRO A 351 9.50 -37.18 -9.90
CA PRO A 351 9.34 -38.48 -9.18
C PRO A 351 9.91 -38.49 -7.73
N GLN A 352 10.62 -37.42 -7.31
CA GLN A 352 11.27 -37.35 -6.03
C GLN A 352 12.25 -38.51 -5.90
N GLU A 353 13.18 -38.59 -6.84
CA GLU A 353 14.16 -39.66 -6.84
C GLU A 353 15.50 -39.03 -7.01
N GLY A 354 16.53 -39.86 -6.90
CA GLY A 354 17.91 -39.45 -7.12
C GLY A 354 18.49 -39.05 -5.77
N PRO A 355 19.70 -38.57 -5.76
CA PRO A 355 20.27 -38.18 -4.47
C PRO A 355 19.51 -37.02 -3.81
N TYR A 356 19.53 -36.93 -2.48
CA TYR A 356 18.92 -35.84 -1.73
C TYR A 356 20.08 -34.89 -1.48
N GLU A 357 20.03 -33.68 -2.04
CA GLU A 357 21.19 -32.84 -2.07
C GLU A 357 20.73 -31.40 -2.20
N LYS A 358 21.68 -30.50 -2.29
CA LYS A 358 21.37 -29.07 -2.45
C LYS A 358 20.78 -28.80 -3.87
N VAL A 359 19.58 -28.23 -3.93
CA VAL A 359 18.88 -27.94 -5.25
C VAL A 359 18.81 -26.39 -5.42
N ASN A 360 18.86 -25.63 -4.30
CA ASN A 360 18.93 -24.12 -4.40
C ASN A 360 20.13 -23.51 -3.69
N HIS A 361 20.83 -22.59 -4.37
CA HIS A 361 21.98 -21.90 -3.77
C HIS A 361 21.63 -20.42 -3.51
N PHE A 362 20.42 -19.97 -3.89
CA PHE A 362 19.99 -18.61 -3.46
C PHE A 362 20.93 -17.57 -3.98
N VAL A 363 21.40 -17.72 -5.22
CA VAL A 363 22.41 -16.79 -5.68
C VAL A 363 21.75 -15.43 -6.06
N ASN A 364 22.27 -14.33 -5.55
CA ASN A 364 21.63 -13.04 -5.89
C ASN A 364 22.27 -12.56 -7.21
N VAL A 365 21.51 -12.58 -8.33
CA VAL A 365 22.09 -12.22 -9.61
C VAL A 365 21.65 -10.82 -10.07
N GLN A 366 21.03 -10.06 -9.15
CA GLN A 366 20.34 -8.78 -9.56
C GLN A 366 21.35 -7.66 -9.87
N ARG A 367 22.52 -7.73 -9.27
CA ARG A 367 23.48 -6.58 -9.40
C ARG A 367 22.71 -5.28 -9.12
N ASN A 368 23.01 -4.26 -9.91
CA ASN A 368 22.26 -3.01 -9.88
C ASN A 368 21.34 -2.88 -11.07
N HIS A 369 20.83 -4.01 -11.56
CA HIS A 369 19.79 -3.99 -12.65
C HIS A 369 18.51 -3.23 -12.32
N SER A 370 18.22 -2.95 -11.05
CA SER A 370 17.07 -2.08 -10.81
C SER A 370 17.19 -0.70 -11.55
N GLU A 371 18.43 -0.23 -11.85
CA GLU A 371 18.65 1.13 -12.38
C GLU A 371 18.19 1.08 -13.86
N VAL A 372 18.61 0.04 -14.60
CA VAL A 372 18.16 0.00 -16.05
C VAL A 372 16.60 -0.18 -16.10
N ILE A 373 16.07 -0.95 -15.12
CA ILE A 373 14.60 -1.18 -15.07
C ILE A 373 13.87 0.12 -14.79
N ARG A 374 14.34 0.79 -13.74
CA ARG A 374 13.79 2.14 -13.43
C ARG A 374 13.83 3.11 -14.68
N LYS A 375 14.98 3.19 -15.31
CA LYS A 375 15.11 4.11 -16.43
C LYS A 375 14.21 3.64 -17.60
N LEU A 376 14.21 2.34 -17.90
CA LEU A 376 13.41 1.90 -19.06
C LEU A 376 11.88 2.08 -18.74
N GLY A 377 11.44 1.88 -17.47
CA GLY A 377 10.05 2.17 -17.16
C GLY A 377 9.79 3.63 -17.43
N ALA A 378 10.69 4.55 -17.03
CA ALA A 378 10.39 5.99 -17.20
C ALA A 378 10.37 6.28 -18.73
N ASP A 379 11.34 5.69 -19.44
CA ASP A 379 11.52 5.98 -20.84
C ASP A 379 10.51 5.31 -21.77
N SER A 380 9.62 4.51 -21.16
CA SER A 380 8.56 3.82 -21.92
C SER A 380 7.19 4.37 -21.49
N THR A 381 7.15 5.42 -20.68
CA THR A 381 5.89 5.96 -20.25
C THR A 381 5.48 6.98 -21.32
N VAL A 382 4.40 6.65 -22.06
CA VAL A 382 3.93 7.49 -23.19
C VAL A 382 3.01 8.57 -22.61
N LEU A 383 3.40 9.83 -22.80
CA LEU A 383 2.53 10.96 -22.48
C LEU A 383 1.54 11.16 -23.65
N LEU A 384 0.28 10.74 -23.48
CA LEU A 384 -0.70 10.77 -24.60
C LEU A 384 -1.36 12.16 -24.68
N LYS A 385 -1.59 12.82 -23.52
CA LYS A 385 -2.30 14.10 -23.51
C LYS A 385 -1.64 14.85 -22.35
N ASN A 386 -1.48 16.16 -22.51
CA ASN A 386 -0.95 16.96 -21.43
C ASN A 386 -1.39 18.42 -21.70
N ASN A 387 -2.42 18.83 -21.02
CA ASN A 387 -2.82 20.25 -21.13
C ASN A 387 -2.10 21.11 -20.16
N ASN A 388 -0.78 21.19 -20.31
CA ASN A 388 0.04 21.96 -19.40
C ASN A 388 -0.15 21.52 -17.88
N ALA A 389 -0.40 20.22 -17.65
CA ALA A 389 -0.66 19.68 -16.29
C ALA A 389 0.61 19.13 -15.75
N LEU A 390 1.50 18.64 -16.63
CA LEU A 390 2.72 17.95 -16.16
C LEU A 390 3.92 18.70 -16.74
N PRO A 391 5.08 18.69 -16.04
CA PRO A 391 5.31 17.91 -14.84
C PRO A 391 4.70 18.58 -13.60
N LEU A 392 4.43 17.80 -12.57
CA LEU A 392 4.11 18.35 -11.23
C LEU A 392 5.34 19.03 -10.64
N THR A 393 5.12 19.94 -9.68
CA THR A 393 6.25 20.67 -9.11
C THR A 393 6.50 20.16 -7.69
N GLY A 394 5.61 19.38 -7.11
CA GLY A 394 5.81 19.06 -5.71
C GLY A 394 5.17 20.14 -4.81
N LYS A 395 4.70 21.26 -5.38
CA LYS A 395 4.00 22.23 -4.55
C LYS A 395 2.48 22.02 -4.51
N GLU A 396 2.00 20.92 -5.12
CA GLU A 396 0.57 20.61 -5.08
C GLU A 396 0.16 20.35 -3.58
N ARG A 397 -0.89 21.01 -3.14
CA ARG A 397 -1.15 21.05 -1.70
C ARG A 397 -1.75 19.78 -1.24
N LYS A 398 -2.61 19.21 -2.07
CA LYS A 398 -3.23 17.95 -1.69
C LYS A 398 -3.33 17.07 -2.93
N VAL A 399 -2.83 15.84 -2.80
CA VAL A 399 -2.70 14.97 -3.95
C VAL A 399 -3.57 13.71 -3.69
N ALA A 400 -4.50 13.43 -4.57
CA ALA A 400 -5.36 12.23 -4.45
C ALA A 400 -4.84 11.17 -5.36
N ILE A 401 -4.42 10.07 -4.80
CA ILE A 401 -3.98 8.90 -5.61
C ILE A 401 -5.15 7.94 -5.64
N LEU A 402 -5.70 7.67 -6.83
CA LEU A 402 -6.96 7.03 -6.89
C LEU A 402 -6.91 5.80 -7.80
N GLY A 403 -7.35 4.62 -7.31
CA GLY A 403 -7.44 3.44 -8.14
C GLY A 403 -6.66 2.31 -7.56
N GLU A 404 -7.24 1.14 -7.65
CA GLU A 404 -6.54 -0.06 -7.24
C GLU A 404 -5.19 -0.23 -7.95
N ASP A 405 -5.12 0.15 -9.25
CA ASP A 405 -3.87 0.03 -9.98
C ASP A 405 -2.73 0.90 -9.35
N ALA A 406 -3.02 1.79 -8.35
CA ALA A 406 -1.91 2.54 -7.67
C ALA A 406 -1.31 1.72 -6.53
N GLY A 407 -2.07 0.72 -6.07
CA GLY A 407 -1.84 0.15 -4.76
C GLY A 407 -1.20 -1.27 -4.80
N SER A 408 -1.07 -1.86 -3.63
CA SER A 408 -0.31 -3.15 -3.55
C SER A 408 -1.24 -4.32 -3.88
N ASN A 409 -0.68 -5.42 -4.33
CA ASN A 409 -1.43 -6.68 -4.41
C ASN A 409 -1.55 -7.30 -2.99
N SER A 410 -2.78 -7.39 -2.46
CA SER A 410 -2.94 -7.85 -1.03
C SER A 410 -2.41 -9.24 -0.76
N TYR A 411 -2.15 -10.02 -1.83
CA TYR A 411 -1.48 -11.37 -1.63
C TYR A 411 0.03 -11.30 -1.73
N GLY A 412 0.59 -10.07 -1.84
CA GLY A 412 2.06 -9.86 -1.98
C GLY A 412 2.30 -9.75 -3.50
N ALA A 413 3.39 -9.09 -3.92
CA ALA A 413 3.64 -8.88 -5.35
C ALA A 413 3.61 -10.17 -6.21
N ASN A 414 4.08 -11.27 -5.64
CA ASN A 414 4.16 -12.61 -6.31
C ASN A 414 3.02 -13.57 -5.88
N GLY A 415 2.05 -13.02 -5.17
CA GLY A 415 1.01 -13.82 -4.47
C GLY A 415 0.03 -14.49 -5.45
N CYS A 416 0.10 -14.16 -6.77
CA CYS A 416 -0.75 -14.91 -7.73
C CYS A 416 0.22 -15.70 -8.61
N SER A 417 -0.02 -17.01 -8.71
CA SER A 417 0.90 -17.93 -9.37
C SER A 417 1.02 -17.48 -10.86
N ASP A 418 2.24 -17.36 -11.37
CA ASP A 418 2.41 -16.91 -12.80
C ASP A 418 1.67 -15.55 -13.05
N ARG A 419 1.54 -14.71 -12.00
CA ARG A 419 0.86 -13.37 -12.12
C ARG A 419 -0.60 -13.49 -12.55
N GLY A 420 -1.22 -14.65 -12.29
CA GLY A 420 -2.62 -14.91 -12.77
C GLY A 420 -3.72 -14.18 -11.99
N CYS A 421 -3.64 -12.85 -11.80
CA CYS A 421 -4.76 -12.11 -11.27
C CYS A 421 -4.46 -10.68 -11.73
N ASP A 422 -5.45 -9.79 -11.56
CA ASP A 422 -5.16 -8.36 -11.77
C ASP A 422 -5.45 -7.56 -10.45
N ASN A 423 -4.62 -7.78 -9.43
CA ASN A 423 -4.84 -7.13 -8.16
C ASN A 423 -3.76 -6.17 -7.79
N GLY A 424 -4.16 -4.95 -7.39
CA GLY A 424 -3.18 -3.97 -7.16
C GLY A 424 -2.51 -3.53 -8.48
N THR A 425 -1.34 -2.89 -8.40
CA THR A 425 -0.80 -2.28 -9.59
C THR A 425 -0.37 -3.35 -10.58
N LEU A 426 -0.63 -3.06 -11.87
CA LEU A 426 -0.31 -4.04 -12.91
C LEU A 426 1.11 -3.71 -13.44
N ALA A 427 2.07 -4.53 -13.00
CA ALA A 427 3.44 -4.31 -13.47
C ALA A 427 3.96 -5.51 -14.29
N MET A 428 3.11 -6.55 -14.41
CA MET A 428 3.56 -7.74 -15.13
C MET A 428 2.35 -8.51 -15.44
N ALA A 429 2.19 -8.90 -16.71
CA ALA A 429 1.00 -9.69 -17.15
C ALA A 429 1.24 -11.18 -16.92
N TRP A 430 0.34 -12.08 -17.41
CA TRP A 430 0.35 -13.42 -16.85
C TRP A 430 0.82 -14.55 -17.73
N GLY A 431 1.22 -15.67 -17.09
CA GLY A 431 1.50 -16.90 -17.89
C GLY A 431 2.95 -17.30 -17.72
N SER A 432 3.54 -17.89 -18.76
CA SER A 432 4.92 -18.35 -18.66
C SER A 432 5.90 -17.21 -18.95
N GLY A 433 5.45 -16.09 -19.50
CA GLY A 433 6.38 -15.02 -19.82
C GLY A 433 6.59 -14.09 -18.60
N THR A 434 6.85 -14.68 -17.47
CA THR A 434 6.84 -14.00 -16.18
C THR A 434 8.14 -14.32 -15.37
N ALA A 435 8.33 -13.52 -14.31
CA ALA A 435 9.43 -13.72 -13.42
C ALA A 435 8.93 -13.39 -11.98
N GLU A 436 9.55 -13.95 -10.96
CA GLU A 436 9.27 -13.52 -9.58
C GLU A 436 9.84 -12.13 -9.32
N PHE A 437 8.99 -11.18 -8.87
CA PHE A 437 9.52 -9.86 -8.43
C PHE A 437 10.48 -10.05 -7.22
N PRO A 438 11.60 -9.30 -7.19
CA PRO A 438 12.35 -9.28 -5.95
C PRO A 438 11.65 -8.36 -4.89
N TYR A 439 10.79 -7.46 -5.40
CA TYR A 439 9.96 -6.47 -4.68
C TYR A 439 9.15 -5.75 -5.75
N LEU A 440 8.15 -4.93 -5.39
CA LEU A 440 7.49 -4.12 -6.43
C LEU A 440 7.16 -2.79 -5.78
N VAL A 441 7.75 -1.73 -6.28
CA VAL A 441 7.45 -0.32 -5.83
C VAL A 441 6.13 0.09 -6.51
N THR A 442 5.10 0.37 -5.75
CA THR A 442 3.81 0.75 -6.32
C THR A 442 3.76 2.25 -6.53
N PRO A 443 2.96 2.71 -7.50
CA PRO A 443 2.74 4.15 -7.66
C PRO A 443 2.36 4.78 -6.34
N GLU A 444 1.47 4.15 -5.57
CA GLU A 444 1.10 4.75 -4.25
C GLU A 444 2.37 5.06 -3.45
N GLN A 445 3.24 4.08 -3.32
CA GLN A 445 4.46 4.28 -2.50
C GLN A 445 5.31 5.46 -3.04
N ALA A 446 5.62 5.45 -4.35
CA ALA A 446 6.61 6.41 -4.87
C ALA A 446 5.97 7.79 -4.85
N ILE A 447 4.68 7.92 -5.24
CA ILE A 447 4.02 9.25 -5.23
C ILE A 447 3.79 9.80 -3.83
N GLN A 448 3.28 8.96 -2.92
CA GLN A 448 3.18 9.44 -1.54
C GLN A 448 4.56 9.85 -0.99
N ALA A 449 5.65 9.09 -1.27
CA ALA A 449 7.00 9.51 -0.75
C ALA A 449 7.40 10.88 -1.37
N GLU A 450 7.07 11.07 -2.66
CA GLU A 450 7.40 12.34 -3.27
C GLU A 450 6.66 13.54 -2.60
N VAL A 451 5.36 13.38 -2.35
CA VAL A 451 4.56 14.45 -1.76
C VAL A 451 5.07 14.78 -0.36
N LEU A 452 5.37 13.73 0.41
CA LEU A 452 5.88 13.89 1.82
C LEU A 452 7.21 14.64 1.84
N LYS A 453 8.06 14.39 0.86
CA LYS A 453 9.31 15.10 0.80
C LYS A 453 9.02 16.61 0.65
N HIS A 454 7.96 16.99 -0.07
CA HIS A 454 7.57 18.37 -0.13
C HIS A 454 6.65 18.88 1.00
N LYS A 455 6.29 18.02 1.95
CA LYS A 455 5.41 18.42 3.05
C LYS A 455 3.97 18.65 2.54
N GLY A 456 3.60 17.93 1.48
CA GLY A 456 2.24 18.01 1.01
C GLY A 456 1.32 17.03 1.77
N SER A 457 0.04 17.13 1.42
CA SER A 457 -0.94 16.17 1.90
C SER A 457 -1.31 15.16 0.82
N VAL A 458 -1.54 13.90 1.19
CA VAL A 458 -1.67 12.86 0.14
C VAL A 458 -2.34 11.64 0.75
N TYR A 459 -3.17 10.97 -0.09
CA TYR A 459 -3.82 9.75 0.26
C TYR A 459 -3.98 8.86 -0.98
N ALA A 460 -4.19 7.57 -0.71
CA ALA A 460 -4.52 6.63 -1.79
C ALA A 460 -5.82 5.92 -1.53
N ILE A 461 -6.71 5.95 -2.52
CA ILE A 461 -7.94 5.15 -2.43
C ILE A 461 -7.80 4.05 -3.46
N THR A 462 -7.96 2.79 -3.05
CA THR A 462 -7.53 1.68 -3.96
C THR A 462 -8.68 0.69 -4.14
N ASP A 463 -9.90 1.11 -3.82
CA ASP A 463 -11.06 0.27 -4.01
C ASP A 463 -11.92 1.02 -5.04
N ASN A 464 -11.99 0.46 -6.26
CA ASN A 464 -12.56 1.19 -7.38
C ASN A 464 -14.09 1.26 -7.35
N TRP A 465 -14.69 0.59 -6.37
CA TRP A 465 -16.14 0.78 -6.17
C TRP A 465 -16.38 1.69 -4.93
N ALA A 466 -15.29 2.22 -4.33
CA ALA A 466 -15.56 3.16 -3.19
C ALA A 466 -15.69 4.58 -3.78
N LEU A 467 -16.71 4.80 -4.63
CA LEU A 467 -16.79 6.05 -5.35
C LEU A 467 -17.23 7.26 -4.53
N SER A 468 -18.01 7.05 -3.49
CA SER A 468 -18.29 8.09 -2.53
C SER A 468 -16.99 8.69 -1.95
N GLN A 469 -16.11 7.84 -1.44
CA GLN A 469 -14.84 8.38 -0.93
C GLN A 469 -14.03 9.02 -2.04
N VAL A 470 -13.99 8.37 -3.22
CA VAL A 470 -13.26 9.00 -4.36
C VAL A 470 -13.75 10.45 -4.66
N GLU A 471 -15.08 10.62 -4.78
CA GLU A 471 -15.65 11.94 -5.15
C GLU A 471 -15.36 12.90 -4.08
N THR A 472 -15.53 12.48 -2.81
CA THR A 472 -15.27 13.45 -1.69
C THR A 472 -13.80 13.88 -1.71
N LEU A 473 -12.86 12.93 -1.91
CA LEU A 473 -11.43 13.36 -1.85
C LEU A 473 -11.08 14.20 -3.12
N ALA A 474 -11.60 13.77 -4.27
CA ALA A 474 -11.22 14.47 -5.52
C ALA A 474 -11.65 15.95 -5.40
N LYS A 475 -12.82 16.23 -4.77
CA LYS A 475 -13.30 17.62 -4.61
C LYS A 475 -12.30 18.44 -3.80
N GLN A 476 -11.47 17.77 -3.00
CA GLN A 476 -10.52 18.50 -2.15
C GLN A 476 -9.15 18.64 -2.72
N ALA A 477 -8.88 17.92 -3.78
CA ALA A 477 -7.50 17.65 -4.21
C ALA A 477 -7.03 18.73 -5.16
N SER A 478 -5.76 19.12 -5.08
CA SER A 478 -5.15 20.00 -6.10
C SER A 478 -4.96 19.18 -7.43
N VAL A 479 -4.63 17.89 -7.33
CA VAL A 479 -4.45 17.06 -8.53
C VAL A 479 -4.94 15.65 -8.13
N SER A 480 -5.67 14.99 -9.03
CA SER A 480 -6.09 13.60 -8.81
C SER A 480 -5.40 12.75 -9.81
N LEU A 481 -4.60 11.78 -9.35
CA LEU A 481 -3.85 10.90 -10.25
C LEU A 481 -4.64 9.59 -10.21
N VAL A 482 -5.23 9.20 -11.34
CA VAL A 482 -6.16 8.09 -11.34
C VAL A 482 -5.47 6.95 -12.09
N PHE A 483 -5.43 5.76 -11.51
CA PHE A 483 -4.70 4.61 -12.04
C PHE A 483 -5.70 3.55 -12.45
N VAL A 484 -5.55 3.05 -13.69
CA VAL A 484 -6.46 2.06 -14.25
C VAL A 484 -5.63 1.08 -15.10
N ASN A 485 -6.18 -0.09 -15.32
CA ASN A 485 -5.43 -1.09 -16.05
C ASN A 485 -6.35 -2.01 -16.86
N SER A 486 -5.70 -2.88 -17.63
CA SER A 486 -6.33 -3.89 -18.44
C SER A 486 -5.24 -5.00 -18.61
N ASP A 487 -5.60 -6.27 -18.31
CA ASP A 487 -4.55 -7.31 -18.19
C ASP A 487 -4.89 -8.39 -19.29
N ALA A 488 -3.98 -9.36 -19.41
CA ALA A 488 -4.14 -10.49 -20.37
C ALA A 488 -2.99 -11.40 -20.10
N GLY A 489 -2.98 -12.59 -20.74
CA GLY A 489 -1.73 -13.40 -20.58
C GLY A 489 -1.87 -14.67 -21.41
N GLU A 490 -1.00 -15.63 -21.11
CA GLU A 490 -1.04 -16.89 -21.79
C GLU A 490 -2.38 -17.62 -21.55
N GLY A 491 -2.79 -18.42 -22.53
CA GLY A 491 -4.14 -19.02 -22.50
C GLY A 491 -4.41 -20.06 -21.42
N TYR A 492 -3.38 -20.63 -20.79
CA TYR A 492 -3.62 -21.69 -19.79
C TYR A 492 -4.17 -21.10 -18.48
N ILE A 493 -4.15 -19.76 -18.36
CA ILE A 493 -4.71 -19.10 -17.21
C ILE A 493 -5.90 -18.25 -17.66
N SER A 494 -6.98 -18.27 -16.88
CA SER A 494 -8.16 -17.46 -17.18
C SER A 494 -8.38 -16.54 -15.96
N VAL A 495 -8.43 -15.24 -16.16
CA VAL A 495 -8.69 -14.34 -15.03
C VAL A 495 -10.02 -13.66 -15.38
N ASP A 496 -11.02 -13.83 -14.52
CA ASP A 496 -12.36 -13.22 -14.73
C ASP A 496 -12.95 -13.61 -16.08
N GLY A 497 -12.77 -14.86 -16.51
CA GLY A 497 -13.37 -15.29 -17.79
C GLY A 497 -12.58 -14.89 -19.00
N ASN A 498 -11.44 -14.16 -18.83
CA ASN A 498 -10.53 -13.84 -19.95
C ASN A 498 -9.54 -14.98 -20.14
N GLU A 499 -9.78 -15.81 -21.18
CA GLU A 499 -9.00 -17.03 -21.32
C GLU A 499 -7.75 -16.68 -22.09
N GLY A 500 -6.83 -16.00 -21.39
CA GLY A 500 -5.59 -15.51 -21.98
C GLY A 500 -5.87 -14.25 -22.79
N ASP A 501 -6.44 -14.42 -23.97
CA ASP A 501 -6.95 -13.20 -24.72
C ASP A 501 -7.85 -12.33 -23.87
N ARG A 502 -7.85 -11.03 -24.09
CA ARG A 502 -8.79 -10.17 -23.38
C ARG A 502 -10.16 -10.23 -24.02
N ASN A 503 -11.20 -10.34 -23.24
CA ASN A 503 -12.57 -10.34 -23.83
C ASN A 503 -12.93 -8.97 -24.35
N ASN A 504 -12.34 -7.86 -23.84
CA ASN A 504 -12.69 -6.57 -24.46
C ASN A 504 -11.48 -5.63 -24.24
N LEU A 505 -11.57 -4.40 -24.71
CA LEU A 505 -10.48 -3.42 -24.59
C LEU A 505 -10.85 -2.36 -23.55
N THR A 506 -11.85 -2.64 -22.75
CA THR A 506 -12.37 -1.70 -21.73
C THR A 506 -11.54 -1.82 -20.46
N LEU A 507 -11.37 -0.70 -19.76
CA LEU A 507 -10.57 -0.78 -18.48
C LEU A 507 -11.17 -1.74 -17.52
N TRP A 508 -10.32 -2.48 -16.81
CA TRP A 508 -10.79 -3.44 -15.81
C TRP A 508 -11.15 -2.69 -14.50
N LYS A 509 -11.77 -3.42 -13.59
CA LYS A 509 -12.07 -2.96 -12.27
C LYS A 509 -12.71 -1.57 -12.27
N ASN A 510 -13.77 -1.36 -13.05
CA ASN A 510 -14.54 -0.14 -12.91
C ASN A 510 -13.77 1.09 -13.34
N GLY A 511 -12.75 0.92 -14.20
CA GLY A 511 -11.84 2.01 -14.44
C GLY A 511 -12.56 3.17 -15.10
N ASP A 512 -13.48 2.94 -16.04
CA ASP A 512 -14.07 4.17 -16.68
C ASP A 512 -14.88 4.98 -15.63
N ASN A 513 -15.62 4.27 -14.81
CA ASN A 513 -16.44 4.98 -13.76
C ASN A 513 -15.57 5.71 -12.72
N LEU A 514 -14.41 5.14 -12.43
CA LEU A 514 -13.50 5.72 -11.46
C LEU A 514 -13.00 6.99 -12.00
N ILE A 515 -12.58 7.00 -13.31
CA ILE A 515 -12.05 8.22 -13.90
C ILE A 515 -13.13 9.31 -13.88
N LYS A 516 -14.35 8.95 -14.30
CA LYS A 516 -15.47 9.98 -14.31
C LYS A 516 -15.76 10.48 -12.90
N ALA A 517 -15.73 9.60 -11.89
CA ALA A 517 -15.94 10.05 -10.48
C ALA A 517 -14.89 11.10 -10.09
N ALA A 518 -13.62 10.90 -10.46
CA ALA A 518 -12.61 11.87 -10.13
C ALA A 518 -12.78 13.08 -11.01
N ALA A 519 -12.87 12.93 -12.37
CA ALA A 519 -12.86 14.16 -13.22
C ALA A 519 -14.12 15.03 -13.07
N ASN A 520 -15.22 14.43 -12.66
CA ASN A 520 -16.40 15.23 -12.44
C ASN A 520 -16.21 16.13 -11.19
N ASN A 521 -15.20 15.83 -10.36
CA ASN A 521 -15.06 16.53 -9.08
C ASN A 521 -13.77 17.32 -8.92
N CYS A 522 -12.84 17.17 -9.87
CA CYS A 522 -11.49 17.71 -9.77
C CYS A 522 -11.07 18.21 -11.17
N ASN A 523 -10.72 19.50 -11.25
CA ASN A 523 -10.45 20.11 -12.52
C ASN A 523 -9.04 19.75 -13.01
N ASN A 524 -8.31 18.92 -12.26
CA ASN A 524 -6.91 18.61 -12.64
C ASN A 524 -6.71 17.07 -12.40
N THR A 525 -7.38 16.28 -13.24
CA THR A 525 -7.45 14.85 -13.12
C THR A 525 -6.50 14.28 -14.18
N ILE A 526 -5.55 13.46 -13.70
CA ILE A 526 -4.53 12.93 -14.56
C ILE A 526 -4.62 11.40 -14.57
N VAL A 527 -4.75 10.80 -15.78
CA VAL A 527 -5.02 9.35 -15.85
C VAL A 527 -3.71 8.61 -16.20
N VAL A 528 -3.43 7.55 -15.43
CA VAL A 528 -2.24 6.71 -15.71
C VAL A 528 -2.77 5.31 -15.99
N ILE A 529 -2.40 4.75 -17.14
CA ILE A 529 -2.89 3.47 -17.58
C ILE A 529 -1.71 2.44 -17.53
N HIS A 530 -1.89 1.31 -16.86
CA HIS A 530 -0.93 0.15 -16.99
C HIS A 530 -1.71 -0.89 -17.76
N SER A 531 -1.20 -1.38 -18.88
CA SER A 531 -1.95 -2.39 -19.62
C SER A 531 -1.11 -3.10 -20.60
N VAL A 532 -1.63 -4.22 -21.09
CA VAL A 532 -0.91 -5.08 -22.04
C VAL A 532 -0.91 -4.53 -23.48
N GLY A 533 -1.74 -3.51 -23.70
CA GLY A 533 -2.01 -3.05 -25.08
C GLY A 533 -3.01 -1.88 -25.01
N PRO A 534 -3.59 -1.50 -26.18
CA PRO A 534 -4.45 -0.39 -26.12
C PRO A 534 -5.70 -0.69 -25.34
N VAL A 535 -6.30 0.38 -24.82
CA VAL A 535 -7.62 0.28 -24.19
C VAL A 535 -8.52 1.40 -24.78
N LEU A 536 -9.83 1.29 -24.62
CA LEU A 536 -10.73 2.27 -25.18
C LEU A 536 -10.78 3.49 -24.27
N VAL A 537 -10.33 4.63 -24.75
CA VAL A 537 -10.32 5.86 -23.88
C VAL A 537 -11.45 6.82 -24.26
N ASP A 538 -12.25 6.40 -25.25
CA ASP A 538 -13.23 7.31 -25.87
C ASP A 538 -14.21 8.01 -24.88
N GLU A 539 -14.68 7.35 -23.83
CA GLU A 539 -15.65 7.95 -22.91
C GLU A 539 -15.05 9.08 -22.10
N TRP A 540 -13.73 9.17 -21.90
CA TRP A 540 -13.34 10.20 -20.92
C TRP A 540 -12.13 10.94 -21.35
N TYR A 541 -11.48 10.64 -22.50
CA TYR A 541 -10.14 11.22 -22.80
C TYR A 541 -10.29 12.69 -23.04
N ASP A 542 -11.49 13.07 -23.51
CA ASP A 542 -11.70 14.48 -23.83
C ASP A 542 -12.58 15.17 -22.78
N HIS A 543 -12.76 14.56 -21.64
CA HIS A 543 -13.33 15.30 -20.50
C HIS A 543 -12.57 16.60 -20.24
N PRO A 544 -13.27 17.73 -20.06
CA PRO A 544 -12.49 18.95 -19.84
C PRO A 544 -11.61 18.90 -18.57
N ASN A 545 -11.92 18.03 -17.60
CA ASN A 545 -11.09 18.00 -16.38
C ASN A 545 -10.00 16.92 -16.41
N VAL A 546 -9.97 16.12 -17.49
CA VAL A 546 -8.83 15.22 -17.68
C VAL A 546 -7.70 15.97 -18.38
N THR A 547 -6.69 16.33 -17.61
CA THR A 547 -5.73 17.29 -18.06
C THR A 547 -4.45 16.61 -18.56
N ALA A 548 -4.31 15.27 -18.33
CA ALA A 548 -3.12 14.54 -18.85
C ALA A 548 -3.47 13.07 -18.81
N ILE A 549 -2.89 12.32 -19.75
CA ILE A 549 -3.15 10.86 -19.79
C ILE A 549 -1.80 10.22 -20.15
N LEU A 550 -1.43 9.13 -19.46
CA LEU A 550 -0.12 8.46 -19.71
C LEU A 550 -0.44 7.00 -19.84
N TRP A 551 0.31 6.29 -20.69
CA TRP A 551 0.22 4.85 -20.71
C TRP A 551 1.62 4.35 -20.36
N ALA A 552 1.69 3.57 -19.26
CA ALA A 552 3.04 3.21 -18.73
C ALA A 552 3.28 1.66 -18.96
N GLY A 553 2.34 0.97 -19.63
CA GLY A 553 2.68 -0.43 -20.00
C GLY A 553 2.79 -1.32 -18.77
N LEU A 554 3.77 -2.23 -18.79
CA LEU A 554 3.96 -3.15 -17.73
C LEU A 554 5.42 -2.95 -17.22
N PRO A 555 5.60 -2.14 -16.16
CA PRO A 555 6.97 -1.60 -15.99
C PRO A 555 7.93 -2.46 -15.17
N GLY A 556 7.47 -3.58 -14.65
CA GLY A 556 8.34 -4.44 -13.80
C GLY A 556 8.59 -3.79 -12.43
N GLN A 557 9.67 -4.18 -11.73
CA GLN A 557 9.65 -4.08 -10.28
C GLN A 557 9.79 -2.60 -9.79
N GLU A 558 10.24 -1.67 -10.67
CA GLU A 558 10.48 -0.26 -10.20
C GLU A 558 9.29 0.64 -10.63
N SER A 559 8.14 0.04 -10.90
CA SER A 559 7.03 0.76 -11.53
C SER A 559 6.77 2.16 -10.95
N GLY A 560 6.51 2.24 -9.63
CA GLY A 560 6.17 3.57 -9.10
C GLY A 560 7.30 4.60 -9.18
N ASN A 561 8.55 4.20 -9.02
CA ASN A 561 9.68 5.13 -9.21
C ASN A 561 9.83 5.56 -10.67
N SER A 562 9.70 4.62 -11.59
CA SER A 562 9.75 5.00 -13.04
C SER A 562 8.68 6.06 -13.28
N LEU A 563 7.47 5.84 -12.79
CA LEU A 563 6.40 6.82 -13.07
C LEU A 563 6.66 8.17 -12.34
N ALA A 564 7.06 8.12 -11.06
CA ALA A 564 7.27 9.40 -10.31
C ALA A 564 8.40 10.19 -11.00
N ASP A 565 9.42 9.51 -11.52
CA ASP A 565 10.48 10.23 -12.26
C ASP A 565 9.89 11.10 -13.39
N VAL A 566 8.91 10.54 -14.11
CA VAL A 566 8.22 11.24 -15.25
C VAL A 566 7.26 12.33 -14.74
N LEU A 567 6.43 11.97 -13.78
CA LEU A 567 5.42 12.92 -13.31
C LEU A 567 6.09 14.16 -12.70
N TYR A 568 7.23 13.97 -11.98
CA TYR A 568 7.83 15.16 -11.32
C TYR A 568 8.97 15.69 -12.14
N GLY A 569 9.12 15.22 -13.40
CA GLY A 569 9.98 15.89 -14.37
C GLY A 569 11.43 15.54 -14.20
N ARG A 570 11.79 14.54 -13.38
CA ARG A 570 13.23 14.13 -13.46
C ARG A 570 13.49 13.53 -14.84
N VAL A 571 12.48 12.92 -15.46
CA VAL A 571 12.69 12.31 -16.81
C VAL A 571 11.63 13.00 -17.65
N ASN A 572 12.05 13.55 -18.82
CA ASN A 572 11.09 14.18 -19.73
C ASN A 572 10.62 12.99 -20.60
N PRO A 573 9.32 12.65 -20.61
CA PRO A 573 8.89 11.48 -21.39
C PRO A 573 9.22 11.64 -22.88
N GLY A 574 9.82 10.59 -23.44
CA GLY A 574 10.22 10.55 -24.88
C GLY A 574 9.55 9.34 -25.56
N ALA A 575 8.79 8.54 -24.79
CA ALA A 575 8.25 7.29 -25.37
C ALA A 575 7.16 7.63 -26.40
N LYS A 576 6.87 6.70 -27.28
CA LYS A 576 5.91 6.92 -28.39
C LYS A 576 4.99 5.69 -28.44
N SER A 577 3.70 5.86 -28.70
CA SER A 577 2.82 4.66 -28.73
C SER A 577 3.32 3.68 -29.80
N PRO A 578 3.50 2.39 -29.45
CA PRO A 578 3.90 1.39 -30.44
C PRO A 578 2.72 0.64 -31.10
N PHE A 579 1.50 1.16 -30.91
CA PHE A 579 0.29 0.59 -31.48
C PHE A 579 -0.77 1.71 -31.53
N THR A 580 -1.95 1.41 -32.11
CA THR A 580 -2.90 2.52 -32.33
C THR A 580 -3.95 2.44 -31.17
N TRP A 581 -4.43 3.60 -30.72
CA TRP A 581 -5.54 3.73 -29.76
C TRP A 581 -6.77 4.11 -30.59
N GLY A 582 -7.63 3.16 -30.89
CA GLY A 582 -8.89 3.40 -31.65
C GLY A 582 -10.11 3.79 -30.80
N LYS A 583 -11.11 4.37 -31.47
CA LYS A 583 -12.37 4.75 -30.83
C LYS A 583 -13.09 3.55 -30.36
N THR A 584 -13.03 2.42 -31.08
CA THR A 584 -13.85 1.24 -30.75
C THR A 584 -13.04 -0.03 -31.02
N ARG A 585 -13.48 -1.19 -30.55
CA ARG A 585 -12.83 -2.42 -30.91
C ARG A 585 -12.98 -2.67 -32.43
N GLU A 586 -14.14 -2.39 -32.99
CA GLU A 586 -14.41 -2.65 -34.43
C GLU A 586 -13.43 -1.88 -35.34
N ALA A 587 -12.92 -0.71 -34.92
CA ALA A 587 -12.03 0.11 -35.74
C ALA A 587 -10.70 -0.60 -36.04
N TYR A 588 -10.31 -1.61 -35.24
CA TYR A 588 -9.04 -2.34 -35.51
C TYR A 588 -9.23 -3.49 -36.50
N GLY A 589 -10.51 -3.86 -36.75
CA GLY A 589 -10.94 -5.12 -37.44
C GLY A 589 -10.34 -6.32 -36.74
N ASP A 590 -9.88 -7.28 -37.56
CA ASP A 590 -8.97 -8.39 -37.08
C ASP A 590 -9.51 -9.05 -35.79
N TYR A 591 -10.77 -9.52 -35.90
CA TYR A 591 -11.35 -10.38 -34.92
C TYR A 591 -10.71 -11.73 -34.59
N LEU A 592 -10.61 -11.94 -33.27
CA LEU A 592 -10.15 -13.20 -32.78
C LEU A 592 -11.16 -14.30 -33.16
N VAL A 593 -10.67 -15.49 -33.37
CA VAL A 593 -11.57 -16.60 -33.58
C VAL A 593 -11.95 -17.10 -32.17
N ARG A 594 -13.22 -17.00 -31.82
CA ARG A 594 -13.66 -17.33 -30.46
C ARG A 594 -14.70 -18.45 -30.45
N GLU A 595 -15.08 -18.97 -31.61
CA GLU A 595 -16.02 -20.10 -31.63
C GLU A 595 -15.52 -21.15 -32.57
N LEU A 596 -15.91 -22.40 -32.38
CA LEU A 596 -15.52 -23.44 -33.35
C LEU A 596 -16.11 -23.11 -34.78
N ASN A 597 -15.32 -23.02 -35.85
CA ASN A 597 -15.91 -22.69 -37.17
C ASN A 597 -15.59 -23.80 -38.13
N ASN A 598 -15.06 -24.93 -37.62
CA ASN A 598 -14.70 -26.10 -38.44
C ASN A 598 -15.19 -27.36 -37.76
N GLY A 599 -16.44 -27.36 -37.25
CA GLY A 599 -16.92 -28.49 -36.46
C GLY A 599 -16.06 -28.79 -35.27
N ASN A 600 -15.65 -30.05 -35.10
CA ASN A 600 -14.77 -30.37 -34.03
C ASN A 600 -13.35 -30.57 -34.53
N GLY A 601 -13.08 -30.12 -35.74
CA GLY A 601 -11.69 -30.17 -36.25
C GLY A 601 -10.98 -28.84 -35.85
N ALA A 602 -9.77 -28.63 -36.36
CA ALA A 602 -9.02 -27.38 -36.03
C ALA A 602 -9.82 -26.15 -36.47
N PRO A 603 -10.04 -25.19 -35.56
CA PRO A 603 -10.65 -23.92 -36.00
C PRO A 603 -9.74 -23.26 -37.03
N GLN A 604 -10.33 -22.54 -37.97
CA GLN A 604 -9.60 -21.99 -39.08
C GLN A 604 -9.54 -20.47 -38.85
N ASP A 605 -8.33 -19.97 -38.86
CA ASP A 605 -8.09 -18.53 -38.62
C ASP A 605 -7.52 -17.94 -39.89
N ASP A 606 -8.38 -17.33 -40.75
CA ASP A 606 -7.90 -16.85 -42.02
C ASP A 606 -7.45 -15.39 -41.78
N PHE A 607 -6.24 -15.07 -42.21
CA PHE A 607 -5.70 -13.71 -42.07
C PHE A 607 -6.13 -12.93 -43.32
N SER A 608 -7.42 -12.70 -43.37
CA SER A 608 -7.96 -12.22 -44.64
C SER A 608 -7.74 -10.70 -44.81
N GLU A 609 -7.29 -9.98 -43.74
CA GLU A 609 -6.93 -8.57 -43.91
C GLU A 609 -5.53 -8.43 -44.52
N GLY A 610 -4.78 -9.52 -44.64
CA GLY A 610 -3.42 -9.41 -45.25
C GLY A 610 -2.50 -8.53 -44.36
N VAL A 611 -1.77 -7.58 -44.93
CA VAL A 611 -0.86 -6.81 -44.11
C VAL A 611 -1.59 -5.74 -43.24
N PHE A 612 -2.91 -5.54 -43.44
CA PHE A 612 -3.60 -4.37 -42.84
C PHE A 612 -3.98 -4.58 -41.36
N ILE A 613 -2.97 -4.66 -40.49
CA ILE A 613 -3.18 -4.75 -39.05
C ILE A 613 -2.76 -3.42 -38.41
N ASP A 614 -3.35 -3.12 -37.24
CA ASP A 614 -3.03 -1.86 -36.49
C ASP A 614 -3.05 -0.68 -37.42
N TYR A 615 -2.01 0.19 -37.45
CA TYR A 615 -2.19 1.49 -38.13
C TYR A 615 -2.35 1.34 -39.67
N ARG A 616 -1.75 0.28 -40.25
CA ARG A 616 -2.01 0.06 -41.70
C ARG A 616 -3.51 -0.09 -42.00
N GLY A 617 -4.24 -0.80 -41.11
CA GLY A 617 -5.70 -0.99 -41.28
C GLY A 617 -6.50 0.30 -41.08
N PHE A 618 -6.09 1.11 -40.09
CA PHE A 618 -6.85 2.35 -39.81
C PHE A 618 -6.63 3.24 -41.03
N ASP A 619 -5.40 3.32 -41.47
CA ASP A 619 -5.07 4.24 -42.57
C ASP A 619 -5.79 3.79 -43.84
N LYS A 620 -5.83 2.50 -44.11
CA LYS A 620 -6.56 2.01 -45.31
C LYS A 620 -8.07 2.31 -45.26
N ARG A 621 -8.67 2.20 -44.07
CA ARG A 621 -10.06 2.54 -43.91
C ARG A 621 -10.34 4.00 -43.69
N ASN A 622 -9.33 4.88 -43.70
CA ASN A 622 -9.51 6.30 -43.45
C ASN A 622 -10.15 6.53 -42.06
N GLU A 623 -9.82 5.70 -41.08
CA GLU A 623 -10.36 5.86 -39.75
C GLU A 623 -9.34 6.66 -38.88
N THR A 624 -9.81 7.64 -38.11
CA THR A 624 -8.87 8.47 -37.35
C THR A 624 -8.72 7.82 -35.94
N PRO A 625 -7.51 7.41 -35.59
CA PRO A 625 -7.26 6.97 -34.16
C PRO A 625 -7.41 8.17 -33.21
N ILE A 626 -7.68 7.88 -31.95
CA ILE A 626 -7.62 8.91 -30.92
C ILE A 626 -6.13 9.23 -30.74
N TYR A 627 -5.27 8.22 -30.59
CA TYR A 627 -3.82 8.35 -30.48
C TYR A 627 -3.24 7.38 -31.51
N GLU A 628 -2.56 7.95 -32.51
CA GLU A 628 -2.00 7.12 -33.59
C GLU A 628 -0.69 6.41 -33.19
N PHE A 629 -0.35 5.32 -33.90
CA PHE A 629 0.99 4.71 -33.81
C PHE A 629 2.07 5.79 -33.99
N GLY A 630 3.08 5.77 -33.13
CA GLY A 630 4.11 6.81 -33.14
C GLY A 630 3.79 8.07 -32.30
N HIS A 631 2.60 8.20 -31.74
CA HIS A 631 2.28 9.43 -31.01
C HIS A 631 2.84 9.38 -29.55
N GLY A 632 3.51 10.45 -29.14
CA GLY A 632 3.82 10.67 -27.68
C GLY A 632 4.16 12.16 -27.54
N LEU A 633 3.82 12.77 -26.39
CA LEU A 633 4.17 14.17 -26.13
C LEU A 633 5.44 14.22 -25.33
N SER A 634 5.98 15.44 -25.19
CA SER A 634 7.18 15.63 -24.41
C SER A 634 6.97 16.92 -23.58
N TYR A 635 7.83 17.17 -22.59
CA TYR A 635 7.75 18.44 -21.87
C TYR A 635 8.49 19.56 -22.67
N THR A 636 9.07 19.21 -23.84
CA THR A 636 9.59 20.23 -24.79
C THR A 636 8.92 19.99 -26.17
N THR A 637 9.31 20.72 -27.21
CA THR A 637 8.69 20.60 -28.53
C THR A 637 9.90 20.45 -29.45
N PHE A 638 9.67 19.83 -30.60
CA PHE A 638 10.72 19.58 -31.55
C PHE A 638 10.20 20.07 -32.93
N ASN A 639 11.12 20.46 -33.79
CA ASN A 639 10.80 20.90 -35.16
C ASN A 639 11.63 20.02 -36.13
N TYR A 640 11.03 19.59 -37.24
CA TYR A 640 11.76 18.83 -38.28
C TYR A 640 11.84 19.71 -39.49
N SER A 641 13.03 19.88 -40.08
CA SER A 641 13.14 20.67 -41.31
C SER A 641 14.29 20.11 -42.22
N GLY A 642 14.29 20.52 -43.48
CA GLY A 642 15.48 20.27 -44.29
C GLY A 642 15.60 18.80 -44.71
N LEU A 643 14.50 18.23 -45.23
CA LEU A 643 14.55 16.82 -45.65
C LEU A 643 15.34 16.72 -46.97
N HIS A 644 16.37 15.84 -47.04
CA HIS A 644 17.19 15.60 -48.25
C HIS A 644 17.39 14.13 -48.46
N ILE A 645 17.65 13.74 -49.71
CA ILE A 645 17.61 12.33 -50.13
C ILE A 645 18.82 12.23 -51.03
N GLN A 646 19.61 11.18 -50.88
CA GLN A 646 20.79 11.04 -51.69
C GLN A 646 20.88 9.59 -52.19
N VAL A 647 20.99 9.43 -53.52
CA VAL A 647 21.09 8.07 -54.11
C VAL A 647 22.50 7.56 -53.80
N LEU A 648 22.63 6.34 -53.32
CA LEU A 648 23.96 5.84 -53.03
C LEU A 648 24.41 4.84 -54.13
N ASN A 649 25.71 4.54 -54.12
CA ASN A 649 26.29 3.59 -55.03
C ASN A 649 26.19 2.21 -54.34
N VAL A 656 27.57 -14.81 -53.83
CA VAL A 656 26.37 -15.53 -53.30
C VAL A 656 26.29 -16.91 -54.01
N ALA A 657 26.42 -18.00 -53.28
CA ALA A 657 26.34 -19.34 -53.89
C ALA A 657 24.96 -19.56 -54.54
N THR A 658 24.92 -20.38 -55.58
CA THR A 658 23.65 -20.79 -56.24
C THR A 658 23.33 -22.21 -55.89
N GLU A 659 24.25 -22.92 -55.20
CA GLU A 659 23.95 -24.32 -54.75
C GLU A 659 24.57 -24.53 -53.39
N THR A 660 24.05 -25.48 -52.63
CA THR A 660 24.67 -25.83 -51.33
C THR A 660 25.63 -26.97 -51.56
N GLY A 661 26.36 -27.41 -50.52
CA GLY A 661 27.10 -28.66 -50.59
C GLY A 661 26.15 -29.82 -50.28
N ALA A 662 26.64 -31.07 -50.38
CA ALA A 662 25.82 -32.27 -50.09
C ALA A 662 25.75 -32.35 -48.55
N ALA A 663 24.74 -33.02 -47.99
CA ALA A 663 24.57 -33.06 -46.54
C ALA A 663 25.69 -33.92 -45.94
N PRO A 664 26.44 -33.41 -44.97
CA PRO A 664 27.53 -34.28 -44.46
C PRO A 664 27.10 -35.14 -43.29
N THR A 665 27.87 -36.15 -42.95
CA THR A 665 27.65 -36.82 -41.71
C THR A 665 28.94 -36.67 -40.89
N PHE A 666 28.85 -36.74 -39.56
CA PHE A 666 30.00 -36.52 -38.68
C PHE A 666 29.96 -37.64 -37.68
N GLY A 667 30.98 -38.50 -37.70
CA GLY A 667 31.01 -39.64 -36.75
C GLY A 667 30.25 -40.82 -37.34
N GLN A 668 30.10 -41.93 -36.59
CA GLN A 668 29.59 -43.21 -37.19
C GLN A 668 28.44 -43.70 -36.41
N VAL A 669 27.51 -44.42 -37.05
CA VAL A 669 26.47 -45.16 -36.31
C VAL A 669 26.85 -46.64 -36.33
N GLY A 670 26.66 -47.37 -35.21
CA GLY A 670 27.03 -48.81 -35.09
C GLY A 670 25.76 -49.63 -35.10
N ASN A 671 25.81 -50.87 -34.60
CA ASN A 671 24.61 -51.72 -34.39
C ASN A 671 23.68 -51.19 -33.31
N ALA A 672 22.42 -51.65 -33.33
CA ALA A 672 21.45 -51.43 -32.28
C ALA A 672 21.99 -51.77 -30.86
N SER A 673 22.84 -52.80 -30.75
CA SER A 673 23.34 -53.23 -29.44
C SER A 673 24.22 -52.13 -28.83
N ASP A 674 24.93 -51.31 -29.61
CA ASP A 674 25.61 -50.14 -29.01
C ASP A 674 24.69 -49.15 -28.20
N TYR A 675 23.38 -49.20 -28.42
CA TYR A 675 22.42 -48.16 -27.93
C TYR A 675 21.39 -48.70 -26.96
N VAL A 676 21.61 -49.93 -26.53
CA VAL A 676 20.74 -50.52 -25.56
C VAL A 676 21.05 -49.85 -24.20
N TYR A 677 20.07 -49.68 -23.30
CA TYR A 677 20.36 -49.16 -21.93
C TYR A 677 21.62 -49.76 -21.30
N PRO A 678 22.63 -48.92 -20.85
CA PRO A 678 23.82 -49.44 -20.13
C PRO A 678 23.35 -50.18 -18.89
N GLU A 679 23.97 -51.33 -18.66
CA GLU A 679 23.48 -52.24 -17.64
C GLU A 679 23.72 -51.65 -16.26
N GLY A 680 24.84 -50.94 -16.09
CA GLY A 680 25.00 -50.28 -14.77
C GLY A 680 24.31 -48.91 -14.56
N LEU A 681 23.01 -48.76 -14.91
CA LEU A 681 22.33 -47.41 -14.82
C LEU A 681 20.92 -47.43 -14.25
N THR A 682 20.69 -46.70 -13.16
CA THR A 682 19.35 -46.67 -12.55
C THR A 682 18.51 -45.77 -13.40
N ARG A 683 17.38 -46.26 -13.88
CA ARG A 683 16.62 -45.46 -14.79
C ARG A 683 15.62 -44.63 -13.97
N ILE A 684 15.76 -43.32 -13.95
CA ILE A 684 14.85 -42.49 -13.12
C ILE A 684 13.46 -42.51 -13.69
N SER A 685 12.41 -42.68 -12.85
CA SER A 685 11.02 -42.61 -13.33
C SER A 685 10.70 -41.28 -14.08
N LYS A 686 10.01 -41.44 -15.23
CA LYS A 686 9.60 -40.41 -16.14
C LYS A 686 10.76 -39.80 -16.88
N PHE A 687 12.00 -40.11 -16.52
CA PHE A 687 13.13 -39.45 -17.21
C PHE A 687 13.18 -39.96 -18.68
N ILE A 688 13.46 -39.07 -19.63
CA ILE A 688 13.54 -39.45 -21.05
C ILE A 688 14.98 -39.73 -21.41
N TYR A 689 15.23 -40.95 -21.94
CA TYR A 689 16.59 -41.37 -22.32
C TYR A 689 16.72 -41.65 -23.83
N PRO A 690 17.97 -41.74 -24.36
CA PRO A 690 18.07 -41.95 -25.82
C PRO A 690 18.16 -43.49 -26.21
N TRP A 691 18.09 -44.34 -25.19
CA TRP A 691 18.47 -45.75 -25.25
C TRP A 691 17.36 -46.72 -25.58
N LEU A 692 17.77 -47.88 -26.05
CA LEU A 692 16.80 -48.86 -26.49
C LEU A 692 16.60 -49.94 -25.43
N ASN A 693 15.37 -50.42 -25.24
CA ASN A 693 15.26 -51.56 -24.31
C ASN A 693 16.02 -52.87 -24.79
N SER A 694 16.02 -53.12 -26.10
CA SER A 694 16.69 -54.33 -26.61
C SER A 694 17.02 -54.02 -28.07
N THR A 695 17.64 -54.99 -28.77
CA THR A 695 17.98 -54.83 -30.16
C THR A 695 16.74 -54.97 -31.03
N ASP A 696 15.63 -55.35 -30.43
CA ASP A 696 14.44 -55.37 -31.18
C ASP A 696 13.88 -53.92 -31.36
N LEU A 697 14.04 -53.34 -32.55
CA LEU A 697 13.67 -51.93 -32.82
C LEU A 697 12.17 -51.68 -32.66
N LYS A 698 11.31 -52.56 -33.18
CA LYS A 698 9.84 -52.36 -33.08
C LYS A 698 9.42 -52.36 -31.64
N ALA A 699 9.78 -53.41 -30.91
CA ALA A 699 9.45 -53.54 -29.48
C ALA A 699 10.06 -52.36 -28.68
N SER A 700 11.33 -52.01 -28.89
CA SER A 700 11.92 -50.90 -28.13
C SER A 700 11.20 -49.57 -28.37
N SER A 701 10.57 -49.42 -29.55
CA SER A 701 9.95 -48.16 -29.86
C SER A 701 8.65 -48.06 -29.15
N GLY A 702 7.98 -49.18 -28.89
CA GLY A 702 6.60 -49.11 -28.39
C GLY A 702 5.65 -48.27 -29.25
N ASP A 703 5.95 -48.05 -30.52
CA ASP A 703 5.08 -47.16 -31.29
C ASP A 703 4.02 -47.95 -31.99
N PRO A 704 2.73 -47.69 -31.76
CA PRO A 704 1.71 -48.48 -32.47
C PRO A 704 1.81 -48.37 -34.01
N TYR A 705 2.37 -47.30 -34.55
CA TYR A 705 2.54 -47.23 -36.00
C TYR A 705 3.94 -47.62 -36.52
N TYR A 706 4.76 -48.28 -35.71
CA TYR A 706 6.11 -48.71 -36.18
C TYR A 706 6.05 -49.52 -37.49
N GLY A 707 6.74 -49.04 -38.51
CA GLY A 707 6.80 -49.70 -39.81
C GLY A 707 5.51 -49.71 -40.60
N VAL A 708 4.51 -48.97 -40.16
CA VAL A 708 3.29 -48.85 -40.93
C VAL A 708 3.34 -47.87 -42.10
N ASP A 709 3.19 -48.36 -43.38
CA ASP A 709 3.20 -47.52 -44.58
C ASP A 709 4.32 -46.46 -44.51
N THR A 710 5.50 -46.84 -44.06
CA THR A 710 6.51 -45.82 -43.79
C THR A 710 6.85 -44.94 -44.97
N ALA A 711 7.09 -45.50 -46.16
CA ALA A 711 7.46 -44.70 -47.33
C ALA A 711 6.44 -43.61 -47.63
N GLU A 712 5.15 -43.96 -47.46
CA GLU A 712 4.07 -43.09 -47.76
C GLU A 712 4.12 -41.90 -46.79
N HIS A 713 4.65 -42.11 -45.58
CA HIS A 713 4.61 -41.02 -44.54
C HIS A 713 5.91 -40.20 -44.46
N VAL A 714 6.86 -40.58 -45.33
CA VAL A 714 8.11 -39.86 -45.55
C VAL A 714 7.96 -39.01 -46.84
N PRO A 715 7.82 -37.69 -46.71
CA PRO A 715 7.58 -36.89 -47.93
C PRO A 715 8.69 -36.96 -48.97
N GLU A 716 8.30 -36.73 -50.21
CA GLU A 716 9.28 -36.77 -51.29
C GLU A 716 10.38 -35.73 -51.05
N GLY A 717 11.64 -36.15 -51.12
CA GLY A 717 12.75 -35.17 -50.94
C GLY A 717 13.26 -35.12 -49.49
N ALA A 718 12.52 -35.67 -48.54
CA ALA A 718 12.80 -35.55 -47.10
C ALA A 718 14.07 -36.24 -46.72
N THR A 719 14.58 -37.20 -47.53
CA THR A 719 15.84 -37.87 -47.24
C THR A 719 16.93 -37.56 -48.26
N ASP A 720 16.73 -36.54 -49.07
CA ASP A 720 17.60 -36.24 -50.18
C ASP A 720 18.77 -35.40 -49.64
N GLY A 721 19.93 -36.05 -49.41
CA GLY A 721 21.15 -35.40 -48.98
C GLY A 721 22.03 -34.77 -50.04
N SER A 722 21.52 -34.60 -51.27
CA SER A 722 22.30 -34.03 -52.35
C SER A 722 22.27 -32.48 -52.37
N PRO A 723 23.21 -31.83 -53.12
CA PRO A 723 23.31 -30.37 -53.18
C PRO A 723 21.97 -29.80 -53.57
N GLN A 724 21.56 -28.72 -52.93
CA GLN A 724 20.25 -28.18 -53.29
C GLN A 724 20.43 -26.80 -53.93
N PRO A 725 19.39 -26.29 -54.69
CA PRO A 725 19.50 -24.95 -55.27
C PRO A 725 19.48 -23.93 -54.07
N VAL A 726 20.11 -22.78 -54.20
CA VAL A 726 19.89 -21.72 -53.21
C VAL A 726 18.71 -20.83 -53.70
N LEU A 727 17.73 -20.54 -52.83
CA LEU A 727 16.56 -19.77 -53.26
C LEU A 727 17.02 -18.38 -53.69
N PRO A 728 16.33 -17.77 -54.67
CA PRO A 728 16.65 -16.36 -55.12
C PRO A 728 16.74 -15.38 -53.87
N ALA A 729 15.86 -15.56 -52.88
CA ALA A 729 15.77 -14.64 -51.69
C ALA A 729 16.69 -15.05 -50.55
N GLY A 730 17.36 -16.18 -50.75
CA GLY A 730 18.19 -16.80 -49.73
C GLY A 730 19.68 -16.57 -50.05
N GLY A 731 20.55 -17.29 -49.34
CA GLY A 731 21.96 -17.20 -49.57
C GLY A 731 22.70 -16.28 -48.62
N GLY A 732 22.08 -15.69 -47.59
CA GLY A 732 22.80 -14.78 -46.69
C GLY A 732 22.22 -14.99 -45.33
N SER A 733 22.16 -13.98 -44.46
CA SER A 733 21.66 -14.21 -43.10
C SER A 733 20.53 -13.24 -43.00
N GLY A 734 19.31 -13.78 -42.82
CA GLY A 734 18.10 -12.89 -42.87
C GLY A 734 17.71 -12.55 -44.31
N GLY A 735 18.30 -13.32 -45.24
CA GLY A 735 17.94 -13.24 -46.68
C GLY A 735 19.20 -12.95 -47.53
N ASN A 736 19.08 -13.06 -48.87
CA ASN A 736 20.14 -12.68 -49.79
C ASN A 736 20.76 -11.31 -49.38
N PRO A 737 22.11 -11.27 -49.29
CA PRO A 737 22.84 -10.06 -48.82
C PRO A 737 22.53 -8.81 -49.69
N ARG A 738 22.16 -9.00 -50.94
CA ARG A 738 21.85 -7.84 -51.77
C ARG A 738 20.60 -7.13 -51.18
N LEU A 739 19.79 -7.81 -50.37
CA LEU A 739 18.63 -7.12 -49.73
C LEU A 739 19.07 -6.05 -48.78
N TYR A 740 20.30 -6.15 -48.30
CA TYR A 740 20.82 -5.23 -47.29
C TYR A 740 21.69 -4.11 -47.84
N ASP A 741 21.86 -4.06 -49.14
CA ASP A 741 22.58 -2.94 -49.78
C ASP A 741 21.84 -1.67 -49.47
N GLU A 742 22.56 -0.61 -49.15
CA GLU A 742 21.95 0.69 -48.90
C GLU A 742 21.71 1.47 -50.18
N LEU A 743 20.50 1.85 -50.50
CA LEU A 743 20.27 2.46 -51.82
C LEU A 743 20.09 4.00 -51.74
N ILE A 744 19.57 4.51 -50.61
CA ILE A 744 19.28 5.90 -50.47
C ILE A 744 19.61 6.33 -49.08
N ARG A 745 20.23 7.49 -48.95
CA ARG A 745 20.53 8.12 -47.66
C ARG A 745 19.54 9.21 -47.47
N VAL A 746 18.97 9.31 -46.27
CA VAL A 746 17.98 10.36 -46.01
C VAL A 746 18.50 11.21 -44.85
N SER A 747 18.32 12.52 -44.89
CA SER A 747 18.73 13.29 -43.71
C SER A 747 17.70 14.38 -43.46
N VAL A 748 17.57 14.78 -42.20
CA VAL A 748 16.60 15.79 -41.85
C VAL A 748 17.20 16.48 -40.60
N THR A 749 16.91 17.77 -40.40
CA THR A 749 17.33 18.48 -39.18
C THR A 749 16.24 18.41 -38.08
N VAL A 750 16.67 18.05 -36.89
CA VAL A 750 15.71 17.94 -35.79
C VAL A 750 16.13 18.96 -34.75
N LYS A 751 15.21 19.84 -34.33
CA LYS A 751 15.58 20.89 -33.38
C LYS A 751 14.72 20.81 -32.11
N ASN A 752 15.34 20.95 -30.95
CA ASN A 752 14.53 21.17 -29.72
C ASN A 752 14.12 22.61 -29.66
N THR A 753 12.87 22.87 -29.88
CA THR A 753 12.42 24.27 -29.95
C THR A 753 11.77 24.77 -28.63
N GLY A 754 11.85 24.00 -27.53
CA GLY A 754 11.20 24.42 -26.32
C GLY A 754 12.19 24.73 -25.26
N ARG A 755 11.77 24.62 -24.00
CA ARG A 755 12.61 25.16 -22.87
C ARG A 755 13.33 24.13 -22.03
N VAL A 756 13.10 22.82 -22.25
CA VAL A 756 13.79 21.84 -21.40
C VAL A 756 14.40 20.77 -22.31
N ALA A 757 15.50 20.18 -21.87
CA ALA A 757 16.20 19.10 -22.57
C ALA A 757 15.19 17.91 -22.73
N GLY A 758 15.32 17.12 -23.80
CA GLY A 758 14.44 16.02 -23.97
C GLY A 758 14.85 15.20 -25.19
N ASP A 759 14.24 14.02 -25.33
CA ASP A 759 14.47 13.15 -26.46
C ASP A 759 13.39 13.34 -27.53
N ALA A 760 13.81 13.46 -28.78
CA ALA A 760 12.90 13.35 -29.93
C ALA A 760 13.00 11.90 -30.50
N VAL A 761 11.90 11.42 -31.07
CA VAL A 761 11.88 10.13 -31.77
C VAL A 761 11.45 10.44 -33.23
N PRO A 762 12.42 10.93 -34.01
CA PRO A 762 12.06 11.12 -35.44
C PRO A 762 11.67 9.76 -36.07
N GLN A 763 10.72 9.83 -37.02
CA GLN A 763 10.18 8.61 -37.58
C GLN A 763 10.17 8.80 -39.11
N LEU A 764 10.69 7.80 -39.79
CA LEU A 764 10.77 7.81 -41.30
C LEU A 764 9.88 6.73 -41.82
N TYR A 765 8.87 7.11 -42.60
CA TYR A 765 7.92 6.18 -43.21
C TYR A 765 8.20 6.18 -44.75
N VAL A 766 7.86 5.10 -45.44
CA VAL A 766 7.83 5.17 -46.89
C VAL A 766 6.43 4.92 -47.36
N SER A 767 6.16 5.32 -48.61
CA SER A 767 4.94 4.83 -49.31
C SER A 767 5.52 4.02 -50.45
N LEU A 768 5.23 2.73 -50.50
CA LEU A 768 5.78 1.93 -51.59
C LEU A 768 4.96 2.00 -52.93
N GLY A 769 3.73 2.48 -52.87
CA GLY A 769 2.88 2.73 -54.07
C GLY A 769 2.18 1.44 -54.46
N GLY A 770 1.18 1.52 -55.33
CA GLY A 770 0.47 0.31 -55.69
C GLY A 770 -0.90 0.39 -55.05
N PRO A 771 -1.92 -0.16 -55.72
CA PRO A 771 -3.30 -0.20 -55.24
C PRO A 771 -3.47 -1.03 -53.91
N ASN A 772 -2.71 -2.05 -53.66
CA ASN A 772 -3.04 -2.67 -52.36
C ASN A 772 -1.90 -2.56 -51.28
N GLU A 773 -1.12 -1.47 -51.34
CA GLU A 773 -0.02 -1.21 -50.33
C GLU A 773 -0.53 -0.21 -49.29
N PRO A 774 -0.11 -0.36 -48.01
CA PRO A 774 -0.49 0.67 -47.04
C PRO A 774 -0.02 2.06 -47.49
N LYS A 775 -0.74 3.04 -47.09
CA LYS A 775 -0.37 4.44 -47.42
C LYS A 775 1.03 4.80 -46.96
N VAL A 776 1.36 4.47 -45.69
CA VAL A 776 2.69 4.65 -45.21
C VAL A 776 3.10 3.44 -44.37
N VAL A 777 4.42 3.14 -44.30
CA VAL A 777 4.95 2.04 -43.45
C VAL A 777 6.24 2.56 -42.85
N LEU A 778 6.38 2.35 -41.52
CA LEU A 778 7.53 2.81 -40.83
C LEU A 778 8.73 2.07 -41.44
N ARG A 779 9.86 2.82 -41.56
CA ARG A 779 11.13 2.14 -41.90
C ARG A 779 12.31 2.48 -40.98
N LYS A 780 12.46 3.72 -40.53
CA LYS A 780 13.64 4.05 -39.70
C LYS A 780 13.15 4.92 -38.52
N PHE A 781 13.92 4.96 -37.46
CA PHE A 781 13.57 5.81 -36.32
C PHE A 781 14.84 5.83 -35.49
N ASP A 782 14.96 6.82 -34.59
CA ASP A 782 16.06 6.80 -33.60
C ASP A 782 15.56 7.66 -32.44
N ARG A 783 16.30 7.73 -31.35
CA ARG A 783 15.79 8.50 -30.24
C ARG A 783 16.97 9.40 -29.90
N LEU A 784 16.75 10.70 -29.96
CA LEU A 784 17.90 11.62 -29.97
C LEU A 784 17.71 12.63 -28.83
N THR A 785 18.73 12.78 -27.99
CA THR A 785 18.68 13.69 -26.87
C THR A 785 19.10 15.10 -27.33
N LEU A 786 18.29 16.10 -27.04
CA LEU A 786 18.60 17.47 -27.47
C LEU A 786 18.39 18.46 -26.27
N LYS A 787 19.33 19.38 -26.03
CA LYS A 787 19.11 20.49 -25.06
C LYS A 787 18.27 21.54 -25.72
N PRO A 788 17.71 22.49 -24.91
CA PRO A 788 16.86 23.53 -25.51
C PRO A 788 17.62 24.28 -26.59
N SER A 789 16.96 24.52 -27.72
CA SER A 789 17.68 25.11 -28.91
C SER A 789 18.60 24.26 -29.72
N GLU A 790 18.93 23.06 -29.25
CA GLU A 790 19.94 22.34 -29.91
C GLU A 790 19.31 21.65 -31.18
N GLU A 791 20.15 21.50 -32.22
CA GLU A 791 19.79 21.01 -33.57
C GLU A 791 20.71 19.85 -33.85
N THR A 792 20.25 18.86 -34.61
CA THR A 792 21.15 17.80 -35.01
C THR A 792 20.62 17.30 -36.35
N VAL A 793 21.53 16.81 -37.19
CA VAL A 793 21.14 16.21 -38.45
C VAL A 793 20.98 14.70 -38.24
N TRP A 794 19.78 14.20 -38.47
CA TRP A 794 19.43 12.78 -38.35
C TRP A 794 19.59 12.13 -39.74
N THR A 795 20.55 11.20 -39.87
CA THR A 795 20.79 10.58 -41.15
C THR A 795 20.54 9.12 -41.08
N THR A 796 19.82 8.54 -42.01
CA THR A 796 19.69 7.09 -42.01
C THR A 796 19.72 6.62 -43.50
N THR A 797 19.53 5.34 -43.72
CA THR A 797 19.61 4.77 -45.11
C THR A 797 18.48 3.79 -45.26
N LEU A 798 17.93 3.72 -46.48
CA LEU A 798 16.98 2.73 -46.89
C LEU A 798 17.71 1.65 -47.65
N THR A 799 17.48 0.43 -47.27
CA THR A 799 18.07 -0.69 -47.98
C THR A 799 17.17 -1.14 -49.13
N ARG A 800 17.68 -2.06 -49.94
CA ARG A 800 16.90 -2.59 -51.06
C ARG A 800 15.64 -3.27 -50.42
N ARG A 801 15.85 -4.05 -49.35
CA ARG A 801 14.65 -4.70 -48.65
C ARG A 801 13.57 -3.65 -48.23
N ASP A 802 14.04 -2.48 -47.78
CA ASP A 802 13.14 -1.42 -47.24
C ASP A 802 12.18 -0.86 -48.31
N LEU A 803 12.63 -0.96 -49.57
CA LEU A 803 11.90 -0.43 -50.73
C LEU A 803 11.16 -1.53 -51.55
N SER A 804 11.16 -2.77 -51.06
CA SER A 804 10.69 -3.91 -51.90
C SER A 804 9.37 -4.38 -51.44
N ASN A 805 8.78 -5.22 -52.25
CA ASN A 805 7.62 -5.97 -51.87
C ASN A 805 7.88 -7.41 -52.25
N TRP A 806 7.21 -8.30 -51.56
CA TRP A 806 7.37 -9.69 -51.82
C TRP A 806 6.54 -10.06 -53.09
N ASP A 807 7.25 -10.60 -54.07
CA ASP A 807 6.56 -10.97 -55.31
C ASP A 807 6.48 -12.51 -55.28
N VAL A 808 5.27 -13.02 -55.15
CA VAL A 808 5.07 -14.43 -55.00
C VAL A 808 5.42 -15.23 -56.30
N ALA A 809 5.19 -14.67 -57.47
CA ALA A 809 5.68 -15.32 -58.76
C ALA A 809 7.22 -15.47 -58.80
N ALA A 810 7.95 -14.43 -58.43
CA ALA A 810 9.42 -14.50 -58.39
C ALA A 810 9.96 -15.27 -57.22
N GLN A 811 9.19 -15.38 -56.12
CA GLN A 811 9.75 -15.85 -54.82
C GLN A 811 10.93 -14.99 -54.45
N ASP A 812 10.75 -13.68 -54.57
CA ASP A 812 11.82 -12.81 -54.21
C ASP A 812 11.22 -11.42 -53.85
N TRP A 813 12.03 -10.61 -53.20
CA TRP A 813 11.71 -9.21 -52.93
C TRP A 813 12.03 -8.47 -54.23
N VAL A 814 11.12 -7.58 -54.63
CA VAL A 814 11.22 -6.78 -55.85
C VAL A 814 10.91 -5.33 -55.51
N ILE A 815 11.64 -4.37 -56.07
CA ILE A 815 11.23 -2.96 -55.97
C ILE A 815 10.24 -2.71 -57.11
N THR A 816 8.96 -2.52 -56.83
CA THR A 816 7.96 -2.48 -57.93
C THR A 816 8.11 -1.10 -58.65
N SER A 817 7.49 -0.96 -59.82
CA SER A 817 7.66 0.25 -60.62
C SER A 817 6.74 1.41 -60.15
N TYR A 818 5.85 1.20 -59.16
CA TYR A 818 5.11 2.36 -58.62
C TYR A 818 6.08 3.36 -57.99
N PRO A 819 5.88 4.66 -58.21
CA PRO A 819 6.72 5.68 -57.60
C PRO A 819 6.59 5.63 -56.04
N LYS A 820 7.70 5.87 -55.38
CA LYS A 820 7.83 5.69 -53.92
C LYS A 820 8.09 7.10 -53.34
N LYS A 821 7.68 7.32 -52.08
CA LYS A 821 7.94 8.63 -51.41
C LYS A 821 8.47 8.27 -50.02
N VAL A 822 9.21 9.20 -49.46
CA VAL A 822 9.67 9.13 -48.03
C VAL A 822 8.92 10.26 -47.25
N HIS A 823 8.61 10.00 -45.96
CA HIS A 823 7.89 11.01 -45.14
C HIS A 823 8.57 11.02 -43.78
N VAL A 824 8.88 12.18 -43.22
CA VAL A 824 9.56 12.16 -41.93
C VAL A 824 8.76 13.03 -40.95
N GLY A 825 8.69 12.66 -39.66
CA GLY A 825 7.91 13.50 -38.77
C GLY A 825 7.83 12.83 -37.41
N SER A 826 6.83 13.19 -36.65
CA SER A 826 6.85 12.82 -35.22
C SER A 826 5.88 11.67 -34.91
N SER A 827 5.03 11.29 -35.87
CA SER A 827 4.15 10.14 -35.71
C SER A 827 3.67 9.67 -37.08
N SER A 828 2.86 8.62 -37.10
CA SER A 828 2.36 8.05 -38.35
C SER A 828 1.31 8.99 -39.00
N ARG A 829 0.78 9.96 -38.24
CA ARG A 829 -0.18 10.95 -38.85
C ARG A 829 0.38 12.33 -38.87
N GLN A 830 1.55 12.55 -38.29
CA GLN A 830 2.13 13.91 -38.21
C GLN A 830 3.47 13.88 -38.98
N LEU A 831 3.37 14.10 -40.27
CA LEU A 831 4.51 13.92 -41.16
C LEU A 831 4.63 15.20 -41.99
N PRO A 832 5.30 16.22 -41.46
CA PRO A 832 5.24 17.47 -42.23
C PRO A 832 6.20 17.47 -43.43
N LEU A 833 7.09 16.49 -43.56
CA LEU A 833 8.14 16.56 -44.62
C LEU A 833 8.02 15.32 -45.54
N HIS A 834 8.09 15.51 -46.86
CA HIS A 834 7.79 14.48 -47.84
C HIS A 834 8.77 14.71 -48.98
N ALA A 835 9.23 13.64 -49.61
CA ALA A 835 10.09 13.75 -50.80
C ALA A 835 9.75 12.54 -51.67
N ALA A 836 9.58 12.77 -52.97
CA ALA A 836 9.60 11.70 -54.00
C ALA A 836 10.94 11.01 -53.97
N LEU A 837 10.97 9.70 -54.17
CA LEU A 837 12.24 8.96 -54.24
C LEU A 837 12.56 8.69 -55.73
N PRO A 838 13.83 8.81 -56.15
CA PRO A 838 14.19 8.46 -57.53
C PRO A 838 14.17 6.94 -57.72
N LYS A 839 14.06 6.53 -58.98
CA LYS A 839 14.04 5.12 -59.34
C LYS A 839 15.36 4.51 -58.89
N VAL A 840 15.28 3.44 -58.12
CA VAL A 840 16.46 2.66 -57.78
C VAL A 840 16.10 1.16 -57.99
N GLN A 841 17.09 0.28 -58.10
CA GLN A 841 16.77 -1.20 -58.25
C GLN A 841 17.64 -2.07 -57.35
N LEU B 3 -31.64 1.91 45.54
CA LEU B 3 -30.74 2.56 44.47
C LEU B 3 -29.72 3.53 45.02
N ALA B 4 -28.49 3.57 44.43
CA ALA B 4 -27.47 4.51 44.91
C ALA B 4 -27.95 5.95 44.88
N PHE B 5 -27.56 6.75 45.85
CA PHE B 5 -28.08 8.08 45.93
C PHE B 5 -26.95 9.11 45.95
N SER B 6 -27.17 10.26 45.34
CA SER B 6 -26.11 11.29 45.22
C SER B 6 -26.42 12.47 46.16
N PRO B 7 -25.71 12.58 47.28
CA PRO B 7 -26.24 13.63 48.17
C PRO B 7 -26.00 15.06 47.68
N PRO B 8 -26.76 16.03 48.21
CA PRO B 8 -26.65 17.40 47.68
C PRO B 8 -25.42 18.13 48.22
N PHE B 9 -24.79 19.04 47.47
CA PHE B 9 -23.81 19.94 48.08
C PHE B 9 -24.00 21.29 47.41
N TYR B 10 -24.45 22.27 48.19
CA TYR B 10 -24.82 23.63 47.72
C TYR B 10 -24.39 24.59 48.84
N PRO B 11 -24.05 25.83 48.48
CA PRO B 11 -24.19 26.41 47.12
C PRO B 11 -22.99 26.04 46.21
N SER B 12 -23.16 26.32 44.93
CA SER B 12 -22.09 26.19 43.92
C SER B 12 -21.00 27.20 44.23
N PRO B 13 -19.77 26.73 44.58
CA PRO B 13 -18.80 27.71 44.97
C PRO B 13 -18.50 28.74 43.89
N TRP B 14 -18.22 29.98 44.32
CA TRP B 14 -17.86 31.03 43.37
C TRP B 14 -16.33 31.13 43.25
N ALA B 15 -15.85 31.60 42.11
CA ALA B 15 -14.43 31.76 41.89
C ALA B 15 -13.87 32.75 42.87
N ASN B 16 -12.59 32.65 43.17
CA ASN B 16 -12.03 33.65 44.10
C ASN B 16 -10.63 34.16 43.74
N GLY B 17 -10.16 34.00 42.50
CA GLY B 17 -8.79 34.52 42.23
C GLY B 17 -7.69 33.56 42.78
N GLN B 18 -8.02 32.32 43.13
CA GLN B 18 -7.02 31.40 43.84
C GLN B 18 -5.63 31.31 43.11
N GLY B 19 -4.52 31.20 43.84
CA GLY B 19 -3.17 30.90 43.26
C GLY B 19 -2.86 31.62 41.92
N GLU B 20 -2.66 30.83 40.89
CA GLU B 20 -2.15 31.38 39.66
C GLU B 20 -3.33 32.05 38.87
N TRP B 21 -4.54 32.04 39.43
CA TRP B 21 -5.74 32.62 38.78
C TRP B 21 -5.96 34.12 39.10
N ALA B 22 -5.13 34.66 39.98
CA ALA B 22 -5.45 36.05 40.54
C ALA B 22 -5.56 37.05 39.44
N GLU B 23 -4.58 37.09 38.55
CA GLU B 23 -4.67 38.09 37.46
C GLU B 23 -5.86 37.86 36.49
N ALA B 24 -6.01 36.62 36.00
CA ALA B 24 -7.08 36.24 35.07
C ALA B 24 -8.45 36.57 35.69
N TYR B 25 -8.56 36.26 36.96
CA TYR B 25 -9.78 36.57 37.69
C TYR B 25 -10.09 38.10 37.74
N GLN B 26 -9.10 38.92 38.11
CA GLN B 26 -9.41 40.36 38.18
C GLN B 26 -9.83 40.88 36.81
N ARG B 27 -9.13 40.47 35.76
CA ARG B 27 -9.56 40.85 34.38
C ARG B 27 -10.96 40.35 34.00
N ALA B 28 -11.29 39.11 34.38
CA ALA B 28 -12.66 38.59 34.12
C ALA B 28 -13.72 39.44 34.85
N VAL B 29 -13.45 39.73 36.12
CA VAL B 29 -14.46 40.53 36.90
C VAL B 29 -14.62 41.90 36.27
N ALA B 30 -13.48 42.47 35.81
CA ALA B 30 -13.50 43.86 35.25
C ALA B 30 -14.39 43.83 34.00
N ILE B 31 -14.33 42.77 33.20
CA ILE B 31 -15.06 42.80 31.93
C ILE B 31 -16.53 42.35 32.16
N VAL B 32 -16.70 41.36 33.04
CA VAL B 32 -18.05 40.82 33.26
C VAL B 32 -18.87 41.94 33.94
N SER B 33 -18.23 42.76 34.77
CA SER B 33 -18.95 43.90 35.43
C SER B 33 -19.57 44.88 34.41
N GLN B 34 -19.12 44.83 33.14
CA GLN B 34 -19.64 45.75 32.11
C GLN B 34 -20.76 45.09 31.33
N MET B 35 -20.99 43.81 31.56
CA MET B 35 -21.94 43.11 30.70
C MET B 35 -23.37 43.24 31.13
N THR B 36 -24.30 43.14 30.20
CA THR B 36 -25.70 42.98 30.51
C THR B 36 -26.07 41.47 30.72
N LEU B 37 -27.31 41.17 31.22
CA LEU B 37 -27.62 39.80 31.60
C LEU B 37 -27.55 38.95 30.29
N ASP B 38 -28.06 39.49 29.18
CA ASP B 38 -28.14 38.63 27.99
C ASP B 38 -26.70 38.41 27.43
N GLU B 39 -25.75 39.32 27.72
CA GLU B 39 -24.34 39.12 27.30
C GLU B 39 -23.68 38.01 28.12
N LYS B 40 -23.96 38.03 29.40
CA LYS B 40 -23.46 36.91 30.28
C LYS B 40 -24.00 35.59 29.83
N VAL B 41 -25.31 35.53 29.57
CA VAL B 41 -25.91 34.29 29.16
C VAL B 41 -25.30 33.83 27.81
N ASN B 42 -25.06 34.76 26.87
CA ASN B 42 -24.40 34.37 25.58
C ASN B 42 -23.07 33.60 25.83
N LEU B 43 -22.34 33.98 26.89
CA LEU B 43 -21.06 33.27 27.21
C LEU B 43 -21.26 31.79 27.63
N THR B 44 -22.42 31.50 28.28
CA THR B 44 -22.66 30.18 28.90
C THR B 44 -23.32 29.20 27.96
N THR B 45 -23.78 29.63 26.78
CA THR B 45 -24.65 28.75 26.00
C THR B 45 -24.18 28.66 24.53
N GLY B 46 -23.97 27.43 24.03
CA GLY B 46 -23.66 27.27 22.62
C GLY B 46 -24.82 27.71 21.73
N THR B 47 -24.52 27.95 20.46
CA THR B 47 -25.50 28.55 19.55
C THR B 47 -26.31 27.52 18.77
N GLY B 48 -26.08 26.21 18.99
CA GLY B 48 -26.92 25.23 18.35
C GLY B 48 -26.06 24.30 17.52
N TRP B 49 -26.46 23.05 17.38
CA TRP B 49 -25.65 22.03 16.68
C TRP B 49 -25.45 22.39 15.23
N GLU B 50 -24.18 22.56 14.83
CA GLU B 50 -23.80 22.89 13.41
C GLU B 50 -24.35 24.24 12.93
N LEU B 51 -24.56 25.19 13.85
CA LEU B 51 -25.03 26.52 13.43
C LEU B 51 -23.91 27.42 12.98
N GLU B 52 -22.66 27.19 13.54
CA GLU B 52 -21.52 28.04 13.20
C GLU B 52 -20.35 27.19 12.72
N LYS B 53 -19.12 27.39 13.17
CA LYS B 53 -18.01 26.63 12.52
C LYS B 53 -17.55 25.46 13.38
N CYS B 54 -17.49 25.64 14.71
CA CYS B 54 -16.80 24.64 15.54
C CYS B 54 -17.80 23.73 16.16
N VAL B 55 -17.33 22.54 16.60
CA VAL B 55 -18.25 21.55 17.08
C VAL B 55 -19.02 22.09 18.27
N GLY B 56 -18.42 23.02 19.00
CA GLY B 56 -19.09 23.76 20.05
C GLY B 56 -18.75 25.24 19.74
N GLN B 57 -19.76 26.12 19.83
CA GLN B 57 -19.41 27.56 19.64
C GLN B 57 -20.46 28.41 20.40
N THR B 58 -20.00 29.41 21.14
CA THR B 58 -20.89 30.28 21.82
C THR B 58 -20.94 31.59 20.96
N GLY B 59 -21.89 32.45 21.29
CA GLY B 59 -22.09 33.68 20.52
C GLY B 59 -21.18 34.82 20.85
N GLY B 60 -20.53 34.75 21.98
CA GLY B 60 -19.65 35.80 22.45
C GLY B 60 -20.45 37.05 22.89
N VAL B 61 -19.74 38.17 22.94
CA VAL B 61 -20.26 39.46 23.46
C VAL B 61 -19.73 40.53 22.53
N PRO B 62 -20.39 40.69 21.37
CA PRO B 62 -19.75 41.57 20.34
C PRO B 62 -19.58 43.06 20.78
N ARG B 63 -20.42 43.53 21.71
CA ARG B 63 -20.38 44.95 22.11
C ARG B 63 -19.12 45.15 22.82
N LEU B 64 -18.61 44.07 23.43
CA LEU B 64 -17.34 44.23 24.21
C LEU B 64 -16.17 43.58 23.46
N ASN B 65 -16.35 43.38 22.17
CA ASN B 65 -15.25 42.81 21.36
C ASN B 65 -14.76 41.41 21.84
N ILE B 66 -15.67 40.58 22.33
CA ILE B 66 -15.30 39.19 22.74
C ILE B 66 -15.92 38.34 21.64
N GLY B 67 -15.11 37.71 20.82
CA GLY B 67 -15.58 36.83 19.76
C GLY B 67 -16.24 35.57 20.39
N GLY B 68 -17.18 34.96 19.67
CA GLY B 68 -17.76 33.69 20.14
C GLY B 68 -16.62 32.69 20.42
N MET B 69 -16.81 31.82 21.39
CA MET B 69 -15.71 30.94 21.75
C MET B 69 -15.89 29.68 20.95
N CYS B 70 -14.83 29.25 20.25
CA CYS B 70 -14.88 28.10 19.37
C CYS B 70 -14.20 26.92 20.19
N LEU B 71 -14.96 25.83 20.40
CA LEU B 71 -14.51 24.64 21.14
C LEU B 71 -14.40 23.50 20.09
N GLN B 72 -13.26 22.84 19.96
CA GLN B 72 -13.14 21.78 18.96
C GLN B 72 -12.45 20.55 19.60
N ASP B 73 -12.93 19.36 19.24
CA ASP B 73 -12.17 18.15 19.47
C ASP B 73 -10.88 18.20 18.63
N SER B 74 -9.90 17.30 18.85
CA SER B 74 -10.00 16.16 19.76
C SER B 74 -8.76 16.21 20.68
N PRO B 75 -8.66 15.23 21.59
CA PRO B 75 -7.40 15.18 22.41
C PRO B 75 -6.14 14.81 21.68
N LEU B 76 -6.21 14.45 20.37
CA LEU B 76 -5.00 13.99 19.59
C LEU B 76 -4.83 14.79 18.28
N GLY B 77 -5.57 15.89 18.12
CA GLY B 77 -5.43 16.73 16.89
C GLY B 77 -6.77 17.35 16.56
N ILE B 78 -6.74 18.36 15.69
CA ILE B 78 -8.01 19.08 15.38
C ILE B 78 -8.92 18.13 14.62
N ARG B 79 -10.16 17.99 15.12
CA ARG B 79 -11.23 17.27 14.45
C ARG B 79 -11.91 18.04 13.31
N ASP B 80 -12.34 17.32 12.23
CA ASP B 80 -13.30 17.89 11.22
C ASP B 80 -12.70 19.16 10.54
N SER B 81 -11.40 19.13 10.25
CA SER B 81 -10.76 20.27 9.68
C SER B 81 -9.86 19.85 8.54
N ASP B 82 -8.92 20.72 8.14
CA ASP B 82 -8.00 20.31 7.07
C ASP B 82 -6.59 20.86 7.34
N TYR B 83 -5.61 20.24 6.66
CA TYR B 83 -4.19 20.61 6.77
C TYR B 83 -3.77 20.74 8.26
N ASN B 84 -4.25 19.80 9.07
CA ASN B 84 -3.79 19.69 10.47
C ASN B 84 -3.01 18.33 10.61
N SER B 85 -2.32 18.15 11.76
CA SER B 85 -1.62 16.89 12.08
C SER B 85 -2.57 15.91 12.82
N ALA B 86 -2.16 14.64 12.81
CA ALA B 86 -2.88 13.59 13.51
C ALA B 86 -1.82 13.01 14.42
N PHE B 87 -1.97 13.26 15.72
CA PHE B 87 -0.92 12.87 16.73
C PHE B 87 -1.25 11.46 17.29
N PRO B 88 -0.24 10.79 17.92
CA PRO B 88 -0.47 9.53 18.61
C PRO B 88 -1.52 9.75 19.75
N ALA B 89 -2.32 8.73 19.99
CA ALA B 89 -3.34 8.79 21.01
C ALA B 89 -2.73 8.98 22.41
N GLY B 90 -3.61 9.34 23.34
CA GLY B 90 -3.11 9.60 24.71
C GLY B 90 -2.51 8.34 25.29
N VAL B 91 -2.99 7.16 24.92
CA VAL B 91 -2.46 5.92 25.57
C VAL B 91 -0.98 5.79 25.14
N ASN B 92 -0.67 6.21 23.89
CA ASN B 92 0.77 6.24 23.47
C ASN B 92 1.59 7.19 24.35
N VAL B 93 1.02 8.37 24.63
CA VAL B 93 1.72 9.27 25.58
C VAL B 93 1.96 8.50 26.87
N ALA B 94 0.94 7.82 27.41
CA ALA B 94 1.18 7.07 28.66
C ALA B 94 2.39 6.07 28.51
N ALA B 95 2.41 5.35 27.39
CA ALA B 95 3.48 4.33 27.14
C ALA B 95 4.85 5.01 27.08
N THR B 96 4.94 6.33 26.77
CA THR B 96 6.30 6.94 26.77
C THR B 96 6.83 7.13 28.21
N TRP B 97 5.94 7.17 29.20
CA TRP B 97 6.34 7.54 30.55
C TRP B 97 7.20 8.83 30.53
N ASP B 98 6.87 9.75 29.64
CA ASP B 98 7.76 10.87 29.38
C ASP B 98 7.02 12.20 29.51
N LYS B 99 7.24 12.86 30.66
CA LYS B 99 6.64 14.15 30.98
C LYS B 99 6.96 15.20 29.86
N ASN B 100 8.16 15.19 29.38
CA ASN B 100 8.57 16.19 28.41
C ASN B 100 7.86 16.01 27.05
N LEU B 101 7.79 14.75 26.59
CA LEU B 101 7.01 14.48 25.39
C LEU B 101 5.58 14.80 25.57
N ALA B 102 4.98 14.46 26.74
CA ALA B 102 3.54 14.80 26.95
C ALA B 102 3.36 16.34 26.68
N TYR B 103 4.29 17.10 27.27
CA TYR B 103 4.24 18.61 27.20
C TYR B 103 4.41 19.03 25.75
N LEU B 104 5.39 18.44 25.06
CA LEU B 104 5.67 18.90 23.70
C LEU B 104 4.55 18.60 22.71
N ARG B 105 3.91 17.44 22.95
CA ARG B 105 2.73 17.10 22.15
C ARG B 105 1.58 18.12 22.42
N GLY B 106 1.35 18.40 23.74
CA GLY B 106 0.45 19.47 24.18
C GLY B 106 0.71 20.78 23.40
N GLN B 107 1.98 21.21 23.40
CA GLN B 107 2.35 22.48 22.76
C GLN B 107 2.06 22.46 21.30
N ALA B 108 2.45 21.37 20.67
CA ALA B 108 2.32 21.29 19.20
C ALA B 108 0.82 21.26 18.84
N MET B 109 0.00 20.51 19.61
CA MET B 109 -1.47 20.63 19.35
C MET B 109 -2.01 22.04 19.62
N GLY B 110 -1.67 22.62 20.74
CA GLY B 110 -2.25 23.94 21.04
C GLY B 110 -1.89 24.93 19.90
N GLN B 111 -0.65 24.90 19.41
CA GLN B 111 -0.32 25.75 18.31
C GLN B 111 -1.24 25.55 17.07
N GLU B 112 -1.47 24.29 16.68
CA GLU B 112 -2.33 24.04 15.53
C GLU B 112 -3.71 24.54 15.77
N PHE B 113 -4.30 24.19 16.92
CA PHE B 113 -5.67 24.66 17.23
C PHE B 113 -5.72 26.21 17.18
N SER B 114 -4.71 26.86 17.84
CA SER B 114 -4.76 28.29 17.90
C SER B 114 -4.78 28.89 16.51
N ASP B 115 -3.98 28.31 15.58
CA ASP B 115 -3.83 28.84 14.21
C ASP B 115 -5.07 28.61 13.33
N LYS B 116 -5.96 27.74 13.75
CA LYS B 116 -7.29 27.59 13.15
C LYS B 116 -8.37 28.61 13.71
N GLY B 117 -8.02 29.44 14.67
CA GLY B 117 -9.03 30.27 15.35
C GLY B 117 -9.87 29.48 16.35
N ILE B 118 -9.28 28.42 16.94
CA ILE B 118 -9.99 27.65 17.96
C ILE B 118 -9.51 28.13 19.35
N ASP B 119 -10.47 28.45 20.23
CA ASP B 119 -10.15 29.02 21.55
C ASP B 119 -10.00 27.94 22.61
N VAL B 120 -10.66 26.78 22.43
CA VAL B 120 -10.71 25.79 23.52
C VAL B 120 -10.52 24.41 22.83
N GLN B 121 -9.53 23.62 23.28
CA GLN B 121 -9.36 22.30 22.75
C GLN B 121 -10.14 21.37 23.66
N LEU B 122 -10.92 20.46 23.12
CA LEU B 122 -11.71 19.52 23.96
C LEU B 122 -10.85 18.31 24.33
N GLY B 123 -9.87 18.50 25.20
CA GLY B 123 -8.97 17.40 25.57
C GLY B 123 -7.91 18.14 26.43
N PRO B 124 -7.02 17.39 27.16
CA PRO B 124 -6.81 15.95 27.10
C PRO B 124 -7.89 15.16 27.94
N ALA B 125 -7.78 13.82 27.99
CA ALA B 125 -8.74 13.00 28.70
C ALA B 125 -8.04 12.20 29.79
N ALA B 126 -8.73 12.04 30.91
CA ALA B 126 -8.30 11.09 31.96
C ALA B 126 -9.52 10.41 32.51
N GLY B 127 -10.64 10.56 31.79
CA GLY B 127 -11.90 9.86 32.20
C GLY B 127 -12.54 9.48 30.88
N PRO B 128 -12.67 8.18 30.57
CA PRO B 128 -12.40 7.01 31.43
C PRO B 128 -10.95 6.95 31.84
N LEU B 129 -10.74 6.60 33.10
CA LEU B 129 -9.36 6.30 33.56
C LEU B 129 -8.95 4.95 32.95
N GLY B 130 -9.86 3.99 32.95
CA GLY B 130 -9.56 2.65 32.29
C GLY B 130 -9.87 1.53 33.27
N ARG B 131 -11.01 1.64 33.96
CA ARG B 131 -11.54 0.58 34.81
C ARG B 131 -11.56 -0.81 34.15
N SER B 132 -12.02 -0.89 32.88
CA SER B 132 -12.12 -2.18 32.24
C SER B 132 -11.26 -2.21 30.93
N PRO B 133 -10.52 -3.31 30.67
CA PRO B 133 -9.57 -3.39 29.53
C PRO B 133 -10.28 -3.24 28.22
N ASP B 134 -11.57 -3.50 28.19
CA ASP B 134 -12.35 -3.50 26.94
C ASP B 134 -13.28 -2.23 26.85
N GLY B 135 -13.10 -1.25 27.76
CA GLY B 135 -13.79 0.04 27.63
C GLY B 135 -13.46 0.72 26.33
N GLY B 136 -14.47 1.22 25.64
CA GLY B 136 -14.22 1.69 24.24
C GLY B 136 -13.36 2.96 24.12
N ARG B 137 -13.21 3.73 25.21
CA ARG B 137 -12.49 4.99 25.07
C ARG B 137 -11.27 5.09 25.96
N ASN B 138 -10.79 4.00 26.59
CA ASN B 138 -9.58 4.21 27.43
C ASN B 138 -8.39 4.81 26.66
N TRP B 139 -8.25 4.45 25.39
CA TRP B 139 -7.06 4.80 24.57
C TRP B 139 -6.99 6.35 24.44
N GLU B 140 -8.14 7.07 24.65
CA GLU B 140 -8.05 8.54 24.45
C GLU B 140 -7.32 9.17 25.61
N GLY B 141 -7.42 8.51 26.77
CA GLY B 141 -6.86 8.98 28.07
C GLY B 141 -5.39 8.49 28.16
N PHE B 142 -5.01 7.96 29.30
CA PHE B 142 -3.59 7.63 29.50
C PHE B 142 -3.52 6.16 29.97
N SER B 143 -3.75 5.94 31.27
CA SER B 143 -3.41 4.64 31.90
C SER B 143 -4.44 4.43 33.03
N PRO B 144 -4.72 3.17 33.36
CA PRO B 144 -5.62 2.92 34.54
C PRO B 144 -4.85 3.24 35.85
N ASP B 145 -3.54 3.62 35.79
CA ASP B 145 -2.88 4.02 37.02
C ASP B 145 -3.10 5.54 37.23
N PRO B 146 -3.59 6.00 38.40
CA PRO B 146 -3.86 7.45 38.58
C PRO B 146 -2.60 8.34 38.66
N ALA B 147 -1.48 7.86 39.25
CA ALA B 147 -0.28 8.72 39.33
C ALA B 147 0.27 8.97 37.94
N LEU B 148 0.44 7.88 37.13
CA LEU B 148 1.00 7.98 35.81
C LEU B 148 0.06 8.91 34.94
N THR B 149 -1.21 8.64 35.00
CA THR B 149 -2.18 9.40 34.24
C THR B 149 -2.16 10.86 34.69
N GLY B 150 -2.18 11.08 36.00
CA GLY B 150 -2.34 12.48 36.49
C GLY B 150 -1.19 13.36 36.01
N VAL B 151 0.04 12.83 36.10
CA VAL B 151 1.23 13.60 35.67
C VAL B 151 1.23 13.95 34.17
N LEU B 152 0.97 12.93 33.33
CA LEU B 152 1.02 13.16 31.86
C LEU B 152 -0.15 14.00 31.35
N PHE B 153 -1.32 13.83 32.04
CA PHE B 153 -2.55 14.66 31.80
C PHE B 153 -2.22 16.10 32.12
N ALA B 154 -1.60 16.39 33.30
CA ALA B 154 -1.18 17.77 33.67
C ALA B 154 -0.15 18.34 32.68
N GLU B 155 0.83 17.53 32.30
CA GLU B 155 1.83 18.05 31.31
C GLU B 155 1.21 18.38 29.97
N THR B 156 0.31 17.51 29.52
CA THR B 156 -0.41 17.76 28.22
C THR B 156 -1.17 19.15 28.29
N ILE B 157 -1.90 19.35 29.38
CA ILE B 157 -2.61 20.58 29.66
C ILE B 157 -1.67 21.79 29.63
N LYS B 158 -0.54 21.70 30.31
CA LYS B 158 0.39 22.84 30.32
C LYS B 158 0.91 23.13 28.92
N GLY B 159 1.17 22.07 28.14
CA GLY B 159 1.66 22.22 26.76
C GLY B 159 0.62 23.03 25.97
N ILE B 160 -0.62 22.57 26.05
CA ILE B 160 -1.70 23.17 25.21
C ILE B 160 -1.90 24.62 25.68
N GLN B 161 -1.98 24.81 26.99
CA GLN B 161 -2.32 26.22 27.46
C GLN B 161 -1.19 27.21 27.31
N ASP B 162 0.06 26.75 27.47
CA ASP B 162 1.19 27.64 27.26
C ASP B 162 1.18 28.09 25.79
N ALA B 163 0.55 27.31 24.90
CA ALA B 163 0.41 27.68 23.51
C ALA B 163 -0.82 28.57 23.25
N GLY B 164 -1.53 28.96 24.32
CA GLY B 164 -2.59 29.98 24.11
C GLY B 164 -3.97 29.46 23.85
N VAL B 165 -4.20 28.16 24.10
CA VAL B 165 -5.55 27.53 23.86
C VAL B 165 -6.04 26.99 25.22
N VAL B 166 -7.30 27.23 25.55
CA VAL B 166 -7.83 26.67 26.79
C VAL B 166 -7.89 25.13 26.65
N ALA B 167 -7.33 24.37 27.59
CA ALA B 167 -7.50 22.91 27.56
C ALA B 167 -8.75 22.51 28.36
N THR B 168 -9.37 21.35 28.03
CA THR B 168 -10.60 20.88 28.72
C THR B 168 -10.32 19.47 29.27
N ALA B 169 -10.18 19.36 30.57
CA ALA B 169 -9.98 18.02 31.20
C ALA B 169 -11.35 17.30 31.18
N LYS B 170 -11.38 16.16 30.50
CA LYS B 170 -12.62 15.44 30.33
C LYS B 170 -12.34 13.90 30.56
N HIS B 171 -13.36 13.05 30.69
CA HIS B 171 -14.75 13.42 30.90
C HIS B 171 -14.95 13.25 32.42
N TYR B 172 -15.58 14.21 33.03
CA TYR B 172 -15.63 14.27 34.51
C TYR B 172 -17.08 13.83 34.90
N ILE B 173 -17.34 12.56 35.32
CA ILE B 173 -16.30 11.67 35.85
C ILE B 173 -17.00 10.28 35.89
N LEU B 174 -16.24 9.19 35.88
CA LEU B 174 -16.74 7.82 36.00
C LEU B 174 -17.39 7.32 34.75
N ASN B 175 -17.11 7.95 33.61
CA ASN B 175 -17.66 7.45 32.33
C ASN B 175 -16.73 6.27 31.83
N GLU B 176 -16.80 5.12 32.53
CA GLU B 176 -15.87 4.06 32.34
C GLU B 176 -16.29 2.99 31.29
N GLN B 177 -17.44 3.18 30.62
CA GLN B 177 -17.84 2.24 29.56
C GLN B 177 -18.74 2.98 28.62
N GLU B 178 -18.72 2.58 27.36
CA GLU B 178 -19.67 3.17 26.38
C GLU B 178 -21.11 2.66 26.48
N HIS B 179 -21.28 1.35 26.75
CA HIS B 179 -22.70 0.80 26.79
C HIS B 179 -23.60 1.57 27.72
N PHE B 180 -24.75 2.03 27.19
CA PHE B 180 -25.82 2.70 27.98
C PHE B 180 -25.40 4.11 28.46
N ARG B 181 -24.34 4.72 27.85
CA ARG B 181 -23.97 6.05 28.27
C ARG B 181 -24.99 7.11 27.83
N GLN B 182 -25.81 6.84 26.79
CA GLN B 182 -26.79 7.80 26.27
C GLN B 182 -28.08 7.06 25.90
N VAL B 183 -29.23 7.69 26.20
CA VAL B 183 -30.53 6.96 26.05
C VAL B 183 -30.81 6.67 24.58
N ALA B 184 -30.61 7.69 23.74
CA ALA B 184 -30.91 7.53 22.30
C ALA B 184 -29.96 6.55 21.65
N GLU B 185 -28.69 6.54 22.07
CA GLU B 185 -27.77 5.51 21.55
C GLU B 185 -28.16 4.12 21.91
N ALA B 186 -28.49 3.95 23.18
CA ALA B 186 -28.90 2.61 23.64
C ALA B 186 -30.15 2.18 22.84
N ALA B 187 -31.07 3.09 22.64
CA ALA B 187 -32.28 2.77 21.84
C ALA B 187 -31.86 2.29 20.41
N GLY B 188 -30.88 2.97 19.76
CA GLY B 188 -30.46 2.56 18.43
C GLY B 188 -29.82 1.19 18.50
N TYR B 189 -29.33 0.76 19.67
CA TYR B 189 -28.71 -0.52 19.77
C TYR B 189 -29.70 -1.58 20.35
N GLY B 190 -30.97 -1.22 20.50
CA GLY B 190 -32.01 -2.23 20.85
C GLY B 190 -32.33 -2.29 22.34
N PHE B 191 -31.95 -1.27 23.11
CA PHE B 191 -32.18 -1.31 24.53
C PHE B 191 -32.99 -0.09 24.90
N ASN B 192 -34.01 -0.33 25.74
CA ASN B 192 -34.88 0.75 26.22
C ASN B 192 -34.53 1.12 27.68
N ILE B 193 -33.95 2.30 27.88
CA ILE B 193 -33.58 2.75 29.22
C ILE B 193 -34.13 4.17 29.39
N SER B 194 -34.56 4.53 30.61
CA SER B 194 -35.17 5.83 30.83
C SER B 194 -34.09 6.90 31.08
N ASP B 195 -32.88 6.50 31.48
CA ASP B 195 -31.84 7.45 31.88
C ASP B 195 -30.53 6.71 31.72
N THR B 196 -29.39 7.43 31.72
CA THR B 196 -28.16 6.77 31.31
C THR B 196 -27.56 5.99 32.50
N ILE B 197 -26.66 5.09 32.17
CA ILE B 197 -25.96 4.21 33.12
C ILE B 197 -25.44 5.06 34.30
N SER B 198 -25.63 4.52 35.50
CA SER B 198 -25.18 5.18 36.73
C SER B 198 -23.95 4.48 37.28
N SER B 199 -22.83 5.23 37.37
CA SER B 199 -21.57 4.70 37.97
C SER B 199 -21.80 4.94 39.48
N ASN B 200 -21.83 3.86 40.24
CA ASN B 200 -22.01 3.97 41.68
C ASN B 200 -20.71 3.61 42.41
N VAL B 201 -20.16 4.61 43.13
CA VAL B 201 -18.75 4.48 43.52
C VAL B 201 -18.63 5.00 44.95
N ASP B 202 -17.90 4.28 45.81
CA ASP B 202 -17.72 4.80 47.18
C ASP B 202 -16.75 6.03 47.21
N ASP B 203 -16.73 6.77 48.30
CA ASP B 203 -16.04 8.07 48.44
C ASP B 203 -14.52 7.87 48.47
N LYS B 204 -14.05 6.76 49.08
CA LYS B 204 -12.60 6.54 49.10
C LYS B 204 -12.04 6.23 47.66
N THR B 205 -12.68 5.30 46.96
CA THR B 205 -12.23 4.89 45.62
C THR B 205 -12.22 6.10 44.70
N ILE B 206 -13.29 6.90 44.78
CA ILE B 206 -13.35 8.04 43.83
C ILE B 206 -12.13 8.94 44.11
N HIS B 207 -11.81 9.17 45.40
CA HIS B 207 -10.68 10.06 45.73
C HIS B 207 -9.33 9.49 45.37
N GLU B 208 -9.15 8.18 45.63
CA GLU B 208 -7.84 7.58 45.40
C GLU B 208 -7.57 7.19 43.93
N MET B 209 -8.61 7.05 43.14
CA MET B 209 -8.40 6.55 41.77
C MET B 209 -8.97 7.65 40.85
N TYR B 210 -10.27 7.69 40.66
CA TYR B 210 -10.80 8.43 39.45
C TYR B 210 -10.60 9.97 39.52
N LEU B 211 -10.75 10.53 40.71
CA LEU B 211 -10.63 11.98 40.90
C LEU B 211 -9.15 12.43 40.88
N TRP B 212 -8.21 11.54 41.26
CA TRP B 212 -6.80 12.01 41.43
C TRP B 212 -6.19 12.71 40.18
N PRO B 213 -6.39 12.18 38.95
CA PRO B 213 -5.84 12.94 37.82
C PRO B 213 -6.55 14.29 37.59
N PHE B 214 -7.83 14.40 37.96
CA PHE B 214 -8.44 15.74 37.89
C PHE B 214 -7.89 16.69 38.96
N ALA B 215 -7.47 16.18 40.13
CA ALA B 215 -6.81 17.09 41.05
C ALA B 215 -5.51 17.61 40.36
N ASP B 216 -4.71 16.70 39.82
CA ASP B 216 -3.50 17.16 39.06
C ASP B 216 -3.82 18.20 37.99
N ALA B 217 -4.89 17.97 37.20
CA ALA B 217 -5.25 18.89 36.08
C ALA B 217 -5.61 20.29 36.64
N VAL B 218 -6.40 20.30 37.72
CA VAL B 218 -6.80 21.58 38.43
C VAL B 218 -5.51 22.28 38.86
N ARG B 219 -4.65 21.53 39.58
CA ARG B 219 -3.42 22.11 40.09
C ARG B 219 -2.52 22.64 38.98
N ALA B 220 -2.58 22.02 37.78
CA ALA B 220 -1.68 22.39 36.68
C ALA B 220 -2.30 23.61 35.99
N GLY B 221 -3.53 24.04 36.36
CA GLY B 221 -4.06 25.32 35.83
C GLY B 221 -5.08 25.11 34.70
N VAL B 222 -5.63 23.90 34.59
CA VAL B 222 -6.53 23.59 33.45
C VAL B 222 -7.68 24.60 33.46
N GLY B 223 -8.08 25.09 32.29
CA GLY B 223 -9.07 26.16 32.29
C GLY B 223 -10.54 25.67 32.23
N ALA B 224 -10.80 24.48 31.71
CA ALA B 224 -12.17 23.96 31.56
C ALA B 224 -12.19 22.49 31.96
N ILE B 225 -13.38 22.02 32.34
CA ILE B 225 -13.66 20.60 32.65
C ILE B 225 -14.88 20.29 31.81
N MET B 226 -14.96 19.12 31.18
CA MET B 226 -16.21 18.71 30.55
C MET B 226 -16.84 17.62 31.41
N CYS B 227 -18.07 17.84 31.87
CA CYS B 227 -18.78 16.84 32.62
C CYS B 227 -19.40 15.78 31.70
N SER B 228 -19.73 14.61 32.28
CA SER B 228 -19.94 13.40 31.50
C SER B 228 -21.45 13.01 31.23
N TYR B 229 -21.68 12.09 30.29
CA TYR B 229 -23.00 11.64 29.91
C TYR B 229 -23.64 10.71 31.02
N ASN B 230 -22.81 9.98 31.72
CA ASN B 230 -23.33 8.92 32.65
C ASN B 230 -23.80 9.66 33.91
N GLN B 231 -24.62 8.93 34.70
CA GLN B 231 -24.88 9.40 36.03
C GLN B 231 -23.82 8.96 37.00
N ILE B 232 -23.75 9.62 38.17
CA ILE B 232 -22.98 9.11 39.29
C ILE B 232 -23.96 8.98 40.44
N ASN B 233 -24.08 7.74 40.97
CA ASN B 233 -25.16 7.44 41.96
C ASN B 233 -26.49 8.05 41.55
N ASN B 234 -26.88 7.85 40.29
CA ASN B 234 -28.21 8.31 39.79
C ASN B 234 -28.43 9.80 39.86
N SER B 235 -27.37 10.61 39.65
CA SER B 235 -27.55 12.03 39.39
C SER B 235 -26.58 12.34 38.17
N TYR B 236 -27.15 12.88 37.09
CA TYR B 236 -26.36 13.07 35.83
C TYR B 236 -25.08 13.85 36.05
N GLY B 237 -24.00 13.46 35.35
CA GLY B 237 -22.72 14.14 35.45
C GLY B 237 -22.82 15.65 35.36
N CYS B 238 -23.65 16.20 34.45
CA CYS B 238 -23.62 17.63 34.27
C CYS B 238 -24.67 18.37 35.15
N GLN B 239 -25.12 17.68 36.19
CA GLN B 239 -25.85 18.40 37.24
C GLN B 239 -25.71 17.61 38.54
N ASN B 240 -24.49 17.10 38.78
CA ASN B 240 -24.22 16.32 39.96
C ASN B 240 -23.58 17.26 40.96
N SER B 241 -24.37 17.76 41.92
CA SER B 241 -23.84 18.79 42.78
C SER B 241 -22.69 18.19 43.59
N TYR B 242 -22.73 16.92 43.93
CA TYR B 242 -21.61 16.37 44.75
C TYR B 242 -20.29 16.40 43.93
N THR B 243 -20.26 15.84 42.69
CA THR B 243 -18.98 15.80 41.92
C THR B 243 -18.58 17.21 41.47
N LEU B 244 -19.54 18.07 41.07
CA LEU B 244 -19.16 19.38 40.57
C LEU B 244 -18.97 20.42 41.65
N ASN B 245 -19.99 20.61 42.49
CA ASN B 245 -19.84 21.64 43.58
C ASN B 245 -18.91 21.17 44.68
N LYS B 246 -19.07 19.91 45.16
CA LYS B 246 -18.23 19.52 46.34
C LYS B 246 -16.80 19.11 45.94
N LEU B 247 -16.72 18.11 45.07
CA LEU B 247 -15.41 17.52 44.82
C LEU B 247 -14.59 18.47 43.93
N LEU B 248 -15.17 18.93 42.82
CA LEU B 248 -14.37 19.65 41.84
C LEU B 248 -14.14 21.08 42.34
N LYS B 249 -15.24 21.72 42.71
CA LYS B 249 -15.10 23.17 43.02
C LYS B 249 -14.70 23.48 44.48
N ALA B 250 -15.35 22.85 45.43
CA ALA B 250 -15.03 23.18 46.85
C ALA B 250 -13.78 22.46 47.28
N GLU B 251 -13.62 21.16 46.94
CA GLU B 251 -12.46 20.43 47.51
C GLU B 251 -11.22 20.66 46.60
N LEU B 252 -11.34 20.42 45.28
CA LEU B 252 -10.16 20.65 44.40
C LEU B 252 -9.87 22.17 44.10
N GLY B 253 -10.85 23.03 44.41
CA GLY B 253 -10.64 24.51 44.30
C GLY B 253 -10.61 24.96 42.84
N PHE B 254 -11.33 24.25 41.96
CA PHE B 254 -11.27 24.54 40.54
C PHE B 254 -11.83 25.93 40.31
N GLN B 255 -11.07 26.74 39.58
CA GLN B 255 -11.43 28.12 39.26
C GLN B 255 -11.96 28.33 37.85
N GLY B 256 -11.91 27.31 36.99
CA GLY B 256 -12.30 27.53 35.55
C GLY B 256 -13.76 27.17 35.40
N PHE B 257 -14.17 26.81 34.16
CA PHE B 257 -15.55 26.57 33.88
C PHE B 257 -15.81 25.11 33.48
N VAL B 258 -17.00 24.62 33.85
CA VAL B 258 -17.45 23.28 33.51
C VAL B 258 -18.43 23.41 32.32
N MET B 259 -18.16 22.69 31.24
CA MET B 259 -19.04 22.59 30.11
C MET B 259 -19.63 21.22 30.04
N SER B 260 -20.81 21.12 29.41
CA SER B 260 -21.46 19.76 29.25
C SER B 260 -20.81 19.03 28.07
N ASP B 261 -20.76 17.72 28.14
CA ASP B 261 -20.65 16.89 26.99
C ASP B 261 -21.97 17.13 26.06
N TRP B 262 -21.92 16.66 24.81
CA TRP B 262 -22.85 17.13 23.75
C TRP B 262 -24.16 16.30 23.86
N GLY B 263 -25.20 16.88 24.47
CA GLY B 263 -26.39 16.13 24.87
C GLY B 263 -26.33 15.71 26.33
N ALA B 264 -25.28 16.12 27.07
CA ALA B 264 -25.16 15.73 28.51
C ALA B 264 -25.91 16.75 29.39
N HIS B 265 -26.34 17.86 28.77
CA HIS B 265 -27.11 18.88 29.52
C HIS B 265 -28.60 18.38 29.69
N HIS B 266 -29.10 18.30 30.95
CA HIS B 266 -30.43 17.73 31.19
C HIS B 266 -31.44 18.61 31.96
N SER B 267 -31.07 19.84 32.31
CA SER B 267 -32.02 20.77 32.97
C SER B 267 -31.44 22.15 32.92
N GLY B 268 -32.26 23.19 33.07
CA GLY B 268 -31.75 24.59 33.09
C GLY B 268 -31.32 24.93 34.51
N VAL B 269 -32.36 25.16 35.35
CA VAL B 269 -32.11 25.56 36.79
C VAL B 269 -31.29 24.50 37.53
N GLY B 270 -31.66 23.22 37.41
CA GLY B 270 -31.00 22.21 38.25
C GLY B 270 -29.46 22.18 37.99
N SER B 271 -29.06 22.22 36.71
CA SER B 271 -27.61 22.15 36.35
C SER B 271 -26.87 23.45 36.75
N ALA B 272 -27.52 24.61 36.53
CA ALA B 272 -26.86 25.86 36.85
C ALA B 272 -26.55 25.88 38.36
N LEU B 273 -27.46 25.41 39.18
CA LEU B 273 -27.24 25.56 40.60
C LEU B 273 -26.33 24.40 41.03
N ALA B 274 -26.29 23.26 40.31
CA ALA B 274 -25.38 22.14 40.70
C ALA B 274 -23.96 22.29 40.14
N GLY B 275 -23.66 23.44 39.47
CA GLY B 275 -22.26 23.84 39.21
C GLY B 275 -21.88 23.77 37.73
N LEU B 276 -22.87 23.59 36.83
CA LEU B 276 -22.51 23.64 35.39
C LEU B 276 -22.24 25.10 35.02
N ASP B 277 -21.32 25.40 34.09
CA ASP B 277 -21.12 26.77 33.65
C ASP B 277 -21.41 26.99 32.11
N MET B 278 -21.41 25.91 31.27
CA MET B 278 -21.49 26.10 29.82
C MET B 278 -22.25 24.91 29.22
N SER B 279 -23.27 25.22 28.35
CA SER B 279 -24.11 24.22 27.78
C SER B 279 -23.60 23.99 26.32
N MET B 280 -23.25 22.74 25.94
CA MET B 280 -22.80 22.49 24.57
C MET B 280 -23.59 21.33 24.02
N PRO B 281 -23.98 21.38 22.69
CA PRO B 281 -23.66 22.45 21.74
C PRO B 281 -24.67 23.66 21.92
N GLY B 282 -25.53 23.61 22.93
CA GLY B 282 -26.33 24.77 23.28
C GLY B 282 -27.82 24.42 23.25
N ASP B 283 -28.22 23.46 22.39
CA ASP B 283 -29.68 23.19 22.27
C ASP B 283 -30.00 21.94 23.12
N ILE B 284 -31.27 21.64 23.30
CA ILE B 284 -31.62 20.49 24.16
C ILE B 284 -31.35 19.17 23.46
N THR B 285 -31.78 19.04 22.20
CA THR B 285 -31.27 17.95 21.37
C THR B 285 -30.79 18.64 20.06
N PHE B 286 -30.02 17.94 19.23
CA PHE B 286 -29.33 18.70 18.13
C PHE B 286 -30.33 19.38 17.19
N ASP B 287 -30.22 20.71 17.07
CA ASP B 287 -31.13 21.47 16.20
C ASP B 287 -32.57 21.46 16.66
N SER B 288 -32.79 21.31 17.99
CA SER B 288 -34.16 21.34 18.47
C SER B 288 -34.73 22.79 18.46
N ALA B 289 -33.88 23.79 18.30
CA ALA B 289 -34.24 25.20 18.42
C ALA B 289 -34.68 25.54 19.85
N THR B 290 -34.36 24.71 20.81
CA THR B 290 -34.75 25.00 22.18
C THR B 290 -33.44 24.77 23.01
N SER B 291 -33.35 25.40 24.18
CA SER B 291 -32.18 25.26 25.04
C SER B 291 -32.64 25.24 26.48
N PHE B 292 -31.90 24.52 27.35
CA PHE B 292 -32.17 24.56 28.80
C PHE B 292 -31.64 25.88 29.33
N TRP B 293 -30.68 26.49 28.60
CA TRP B 293 -30.17 27.83 29.02
C TRP B 293 -30.55 28.83 27.90
N GLY B 294 -29.63 29.66 27.39
CA GLY B 294 -30.03 30.68 26.44
C GLY B 294 -31.22 31.48 27.03
N THR B 295 -32.27 31.71 26.22
CA THR B 295 -33.51 32.32 26.70
C THR B 295 -33.93 31.89 28.13
N ASN B 296 -33.99 30.59 28.37
CA ASN B 296 -34.37 30.05 29.68
C ASN B 296 -33.48 30.48 30.82
N LEU B 297 -32.16 30.65 30.61
CA LEU B 297 -31.29 31.04 31.73
C LEU B 297 -31.55 32.56 32.03
N THR B 298 -31.75 33.35 30.97
CA THR B 298 -32.08 34.83 31.13
C THR B 298 -33.39 34.93 32.02
N ILE B 299 -34.40 34.16 31.64
CA ILE B 299 -35.66 34.10 32.39
C ILE B 299 -35.47 33.59 33.83
N ALA B 300 -34.67 32.51 34.03
CA ALA B 300 -34.38 31.98 35.38
C ALA B 300 -33.74 33.03 36.31
N VAL B 301 -32.95 33.93 35.77
CA VAL B 301 -32.43 35.02 36.58
C VAL B 301 -33.51 36.09 36.82
N LEU B 302 -34.20 36.46 35.75
CA LEU B 302 -35.22 37.53 35.84
C LEU B 302 -36.29 37.13 36.81
N ASN B 303 -36.64 35.85 36.84
CA ASN B 303 -37.74 35.46 37.73
C ASN B 303 -37.35 35.09 39.15
N GLY B 304 -36.09 35.25 39.50
CA GLY B 304 -35.58 35.04 40.83
C GLY B 304 -35.14 33.61 41.17
N THR B 305 -35.29 32.62 40.28
CA THR B 305 -34.98 31.24 40.66
C THR B 305 -33.46 30.98 40.67
N VAL B 306 -32.73 31.48 39.69
CA VAL B 306 -31.29 31.34 39.71
C VAL B 306 -30.70 32.66 40.14
N PRO B 307 -29.95 32.68 41.24
CA PRO B 307 -29.47 34.02 41.67
C PRO B 307 -28.53 34.64 40.61
N GLN B 308 -28.50 35.97 40.58
CA GLN B 308 -27.57 36.65 39.71
C GLN B 308 -26.11 36.22 40.01
N TRP B 309 -25.74 36.05 41.29
CA TRP B 309 -24.36 35.66 41.59
C TRP B 309 -23.95 34.35 40.89
N ARG B 310 -24.91 33.44 40.61
CA ARG B 310 -24.57 32.16 39.92
C ARG B 310 -24.15 32.39 38.44
N VAL B 311 -25.03 33.05 37.66
CA VAL B 311 -24.71 33.41 36.26
C VAL B 311 -23.50 34.32 36.16
N ASP B 312 -23.37 35.25 37.09
CA ASP B 312 -22.17 36.12 37.09
C ASP B 312 -20.91 35.25 37.28
N ASP B 313 -20.98 34.27 38.19
CA ASP B 313 -19.80 33.42 38.46
C ASP B 313 -19.53 32.55 37.19
N MET B 314 -20.60 32.09 36.52
CA MET B 314 -20.33 31.31 35.24
C MET B 314 -19.51 32.17 34.24
N ALA B 315 -19.95 33.40 34.10
CA ALA B 315 -19.34 34.31 33.11
C ALA B 315 -17.92 34.65 33.52
N VAL B 316 -17.68 34.81 34.82
CA VAL B 316 -16.36 35.11 35.34
C VAL B 316 -15.40 33.89 35.18
N ARG B 317 -15.90 32.69 35.46
CA ARG B 317 -15.02 31.49 35.25
C ARG B 317 -14.68 31.34 33.79
N ILE B 318 -15.68 31.53 32.91
CA ILE B 318 -15.43 31.41 31.46
C ILE B 318 -14.43 32.45 31.00
N MET B 319 -14.68 33.73 31.37
CA MET B 319 -13.68 34.76 30.92
C MET B 319 -12.32 34.58 31.55
N ALA B 320 -12.29 34.13 32.81
CA ALA B 320 -10.97 34.01 33.46
C ALA B 320 -10.17 32.91 32.72
N ALA B 321 -10.80 31.80 32.38
CA ALA B 321 -10.01 30.74 31.67
C ALA B 321 -9.47 31.27 30.34
N TYR B 322 -10.31 32.04 29.61
CA TYR B 322 -9.90 32.69 28.37
C TYR B 322 -8.72 33.64 28.51
N TYR B 323 -8.69 34.48 29.59
CA TYR B 323 -7.58 35.41 29.85
C TYR B 323 -6.39 34.71 30.44
N LYS B 324 -6.64 33.65 31.19
CA LYS B 324 -5.54 32.89 31.78
C LYS B 324 -4.56 32.32 30.74
N VAL B 325 -5.05 31.88 29.57
CA VAL B 325 -4.13 31.33 28.55
C VAL B 325 -3.71 32.40 27.54
N GLY B 326 -4.20 33.64 27.77
CA GLY B 326 -3.90 34.77 26.90
C GLY B 326 -4.69 34.75 25.56
N ARG B 327 -5.86 34.14 25.53
CA ARG B 327 -6.55 33.92 24.26
C ARG B 327 -6.90 35.21 23.56
N ASP B 328 -7.26 36.22 24.34
CA ASP B 328 -7.56 37.52 23.80
C ASP B 328 -6.42 38.08 22.90
N ARG B 329 -5.17 37.70 23.14
CA ARG B 329 -4.11 38.37 22.40
C ARG B 329 -3.97 37.61 21.05
N LEU B 330 -4.57 36.42 20.93
CA LEU B 330 -4.42 35.50 19.77
C LEU B 330 -5.71 35.29 18.96
N TYR B 331 -6.75 36.02 19.38
CA TYR B 331 -8.12 35.78 18.89
C TYR B 331 -8.20 35.95 17.36
N GLN B 332 -8.88 35.02 16.69
CA GLN B 332 -9.36 35.27 15.32
C GLN B 332 -10.53 34.30 15.16
N PRO B 333 -11.51 34.69 14.36
CA PRO B 333 -12.65 33.78 14.10
C PRO B 333 -12.19 32.41 13.53
N PRO B 334 -12.94 31.35 13.77
CA PRO B 334 -12.46 30.02 13.24
C PRO B 334 -12.43 30.14 11.71
N ASN B 335 -11.30 29.71 11.12
CA ASN B 335 -11.02 29.93 9.68
C ASN B 335 -11.21 28.66 8.89
N PHE B 336 -12.01 27.74 9.44
CA PHE B 336 -12.37 26.51 8.72
C PHE B 336 -13.84 26.23 9.16
N SER B 337 -14.50 25.25 8.50
CA SER B 337 -15.80 24.78 9.01
C SER B 337 -15.71 23.29 9.34
N SER B 338 -16.27 22.89 10.49
CA SER B 338 -16.36 21.48 10.83
C SER B 338 -17.28 20.69 9.89
N TRP B 339 -18.18 21.40 9.15
CA TRP B 339 -19.31 20.69 8.50
C TRP B 339 -19.15 20.50 6.99
N THR B 340 -18.19 21.22 6.38
CA THR B 340 -17.96 21.08 4.95
C THR B 340 -16.53 21.45 4.71
N ARG B 341 -15.93 20.96 3.59
CA ARG B 341 -14.55 21.30 3.22
C ARG B 341 -14.58 22.33 2.07
N ASP B 342 -15.77 22.66 1.56
CA ASP B 342 -15.91 23.68 0.46
C ASP B 342 -15.26 25.02 0.88
N GLU B 343 -14.76 25.73 -0.11
CA GLU B 343 -14.24 27.07 0.20
C GLU B 343 -15.38 28.04 0.64
N TYR B 344 -16.51 28.03 -0.10
CA TYR B 344 -17.70 28.91 0.15
C TYR B 344 -18.84 28.12 0.60
N GLY B 345 -19.72 28.79 1.33
CA GLY B 345 -20.90 28.12 1.85
C GLY B 345 -21.80 29.14 2.57
N PHE B 346 -23.02 28.75 2.94
CA PHE B 346 -23.76 29.64 3.87
C PHE B 346 -23.10 29.70 5.25
N LYS B 347 -23.12 30.88 5.83
CA LYS B 347 -22.46 31.16 7.07
C LYS B 347 -22.99 30.25 8.19
N TYR B 348 -24.30 30.00 8.20
CA TYR B 348 -24.89 29.13 9.25
C TYR B 348 -25.31 27.82 8.64
N PHE B 349 -24.45 26.83 8.91
CA PHE B 349 -24.48 25.60 8.10
C PHE B 349 -25.78 24.83 8.17
N TYR B 350 -26.24 24.53 9.40
CA TYR B 350 -27.34 23.54 9.48
C TYR B 350 -28.61 24.05 8.68
N PRO B 351 -29.06 25.28 8.93
CA PRO B 351 -30.27 25.70 8.18
C PRO B 351 -29.92 26.31 6.79
N GLN B 352 -28.66 26.31 6.42
CA GLN B 352 -28.16 27.00 5.20
C GLN B 352 -28.65 28.43 5.05
N GLU B 353 -28.33 29.27 6.05
CA GLU B 353 -28.79 30.67 6.13
C GLU B 353 -27.66 31.57 6.37
N GLY B 354 -27.89 32.87 6.35
CA GLY B 354 -26.87 33.85 6.56
C GLY B 354 -26.18 34.20 5.24
N PRO B 355 -25.14 35.01 5.32
CA PRO B 355 -24.55 35.39 4.01
C PRO B 355 -23.83 34.22 3.36
N TYR B 356 -23.80 34.17 2.01
CA TYR B 356 -23.00 33.15 1.35
C TYR B 356 -21.58 33.69 1.21
N GLU B 357 -20.61 33.04 1.88
CA GLU B 357 -19.28 33.64 1.97
C GLU B 357 -18.23 32.54 2.22
N LYS B 358 -16.99 32.96 2.34
CA LYS B 358 -15.91 31.99 2.56
C LYS B 358 -16.09 31.37 3.97
N VAL B 359 -16.14 30.03 4.03
CA VAL B 359 -16.20 29.32 5.32
C VAL B 359 -14.86 28.54 5.58
N ASN B 360 -14.03 28.27 4.53
CA ASN B 360 -12.75 27.59 4.77
C ASN B 360 -11.65 28.37 4.15
N HIS B 361 -10.57 28.54 4.92
CA HIS B 361 -9.38 29.24 4.45
C HIS B 361 -8.18 28.29 4.18
N PHE B 362 -8.32 26.99 4.42
CA PHE B 362 -7.27 26.01 4.10
C PHE B 362 -5.95 26.37 4.73
N VAL B 363 -6.01 26.90 5.95
CA VAL B 363 -4.75 27.28 6.60
C VAL B 363 -3.92 25.99 6.97
N ASN B 364 -2.68 25.93 6.50
CA ASN B 364 -1.88 24.74 6.83
C ASN B 364 -1.10 25.04 8.16
N VAL B 365 -1.59 24.44 9.27
CA VAL B 365 -1.07 24.73 10.59
C VAL B 365 -0.09 23.63 11.02
N GLN B 366 0.30 22.72 10.08
CA GLN B 366 1.17 21.56 10.50
C GLN B 366 2.55 21.91 10.96
N ARG B 367 3.10 23.01 10.43
CA ARG B 367 4.54 23.33 10.76
C ARG B 367 5.41 22.08 10.57
N ASN B 368 6.34 21.80 11.49
CA ASN B 368 7.17 20.58 11.41
C ASN B 368 6.68 19.58 12.45
N HIS B 369 5.40 19.65 12.82
CA HIS B 369 4.93 18.70 13.84
C HIS B 369 5.03 17.22 13.53
N SER B 370 5.15 16.84 12.25
CA SER B 370 5.34 15.47 11.91
C SER B 370 6.61 14.94 12.65
N GLU B 371 7.56 15.83 12.98
CA GLU B 371 8.78 15.34 13.69
C GLU B 371 8.51 14.88 15.15
N VAL B 372 7.73 15.65 15.90
CA VAL B 372 7.40 15.24 17.25
C VAL B 372 6.48 14.04 17.18
N ILE B 373 5.63 13.95 16.13
CA ILE B 373 4.74 12.77 16.04
C ILE B 373 5.59 11.50 15.84
N ARG B 374 6.49 11.58 14.85
CA ARG B 374 7.37 10.44 14.51
C ARG B 374 8.20 10.04 15.74
N LYS B 375 8.71 11.02 16.48
CA LYS B 375 9.48 10.70 17.65
C LYS B 375 8.59 10.07 18.77
N LEU B 376 7.43 10.67 19.00
CA LEU B 376 6.55 10.17 20.06
C LEU B 376 6.06 8.76 19.73
N GLY B 377 5.78 8.52 18.46
CA GLY B 377 5.48 7.12 18.00
C GLY B 377 6.61 6.16 18.31
N ALA B 378 7.84 6.54 17.96
CA ALA B 378 8.97 5.60 18.25
C ALA B 378 9.11 5.41 19.80
N ASP B 379 9.02 6.51 20.56
CA ASP B 379 9.24 6.49 22.03
C ASP B 379 8.06 5.89 22.78
N SER B 380 6.98 5.57 22.07
CA SER B 380 5.85 4.84 22.67
C SER B 380 5.69 3.39 22.18
N THR B 381 6.71 2.85 21.50
CA THR B 381 6.64 1.52 20.94
C THR B 381 7.27 0.60 22.05
N VAL B 382 6.45 -0.17 22.72
CA VAL B 382 6.94 -0.97 23.84
C VAL B 382 7.47 -2.27 23.24
N LEU B 383 8.73 -2.60 23.57
CA LEU B 383 9.29 -3.91 23.17
C LEU B 383 8.94 -4.87 24.28
N LEU B 384 7.94 -5.71 24.08
CA LEU B 384 7.44 -6.58 25.14
C LEU B 384 8.40 -7.84 25.26
N LYS B 385 8.89 -8.34 24.12
CA LYS B 385 9.73 -9.55 24.06
C LYS B 385 10.82 -9.29 23.02
N ASN B 386 12.04 -9.77 23.24
CA ASN B 386 13.09 -9.65 22.22
C ASN B 386 14.08 -10.79 22.55
N ASN B 387 14.02 -11.87 21.79
CA ASN B 387 14.94 -13.00 22.06
C ASN B 387 16.11 -12.73 21.12
N ASN B 388 16.82 -11.64 21.33
CA ASN B 388 17.94 -11.33 20.53
C ASN B 388 17.65 -11.12 19.00
N ALA B 389 16.47 -10.60 18.63
CA ALA B 389 16.05 -10.47 17.24
C ALA B 389 16.20 -9.05 16.75
N LEU B 390 16.05 -8.09 17.67
CA LEU B 390 16.05 -6.67 17.28
C LEU B 390 17.16 -5.93 17.99
N PRO B 391 17.71 -4.85 17.37
CA PRO B 391 17.34 -4.30 16.08
C PRO B 391 17.79 -5.11 14.85
N LEU B 392 17.03 -4.96 13.76
CA LEU B 392 17.43 -5.50 12.46
C LEU B 392 18.62 -4.68 11.96
N THR B 393 19.37 -5.26 11.00
CA THR B 393 20.59 -4.58 10.52
C THR B 393 20.33 -4.01 9.15
N GLY B 394 19.26 -4.43 8.47
CA GLY B 394 19.11 -3.92 7.10
C GLY B 394 19.70 -4.93 6.11
N LYS B 395 20.48 -5.89 6.60
CA LYS B 395 21.08 -6.93 5.74
C LYS B 395 20.28 -8.18 5.58
N GLU B 396 19.08 -8.25 6.15
CA GLU B 396 18.31 -9.47 6.06
C GLU B 396 17.97 -9.60 4.56
N ARG B 397 18.17 -10.80 3.99
CA ARG B 397 18.11 -10.88 2.54
C ARG B 397 16.64 -10.77 1.99
N LYS B 398 15.68 -11.32 2.72
CA LYS B 398 14.32 -11.39 2.25
C LYS B 398 13.41 -11.11 3.45
N VAL B 399 12.56 -10.05 3.33
CA VAL B 399 11.72 -9.63 4.43
C VAL B 399 10.25 -9.78 4.09
N ALA B 400 9.50 -10.55 4.94
CA ALA B 400 8.10 -10.71 4.72
C ALA B 400 7.35 -9.79 5.62
N ILE B 401 6.56 -8.91 5.01
CA ILE B 401 5.70 -8.00 5.79
C ILE B 401 4.33 -8.61 5.75
N LEU B 402 3.75 -8.95 6.91
CA LEU B 402 2.56 -9.84 6.87
C LEU B 402 1.43 -9.24 7.74
N GLY B 403 0.23 -9.02 7.15
CA GLY B 403 -0.90 -8.59 7.96
C GLY B 403 -1.50 -7.33 7.33
N GLU B 404 -2.82 -7.32 7.31
CA GLU B 404 -3.59 -6.13 6.87
C GLU B 404 -3.16 -4.87 7.65
N ASP B 405 -2.82 -5.06 8.95
CA ASP B 405 -2.37 -3.97 9.79
C ASP B 405 -1.04 -3.32 9.35
N ALA B 406 -0.32 -3.95 8.43
CA ALA B 406 0.84 -3.24 7.80
C ALA B 406 0.45 -2.29 6.67
N GLY B 407 -0.73 -2.53 6.09
CA GLY B 407 -1.04 -1.90 4.83
C GLY B 407 -1.96 -0.69 4.84
N SER B 408 -2.36 -0.30 3.62
CA SER B 408 -3.15 0.92 3.43
C SER B 408 -4.64 0.63 3.68
N ASN B 409 -5.38 1.62 4.20
CA ASN B 409 -6.86 1.59 4.18
C ASN B 409 -7.26 1.79 2.71
N SER B 410 -7.95 0.82 2.06
CA SER B 410 -8.29 0.98 0.63
C SER B 410 -9.30 2.10 0.37
N TYR B 411 -9.93 2.67 1.42
CA TYR B 411 -10.82 3.80 1.30
C TYR B 411 -10.09 5.10 1.45
N GLY B 412 -8.77 5.05 1.58
CA GLY B 412 -7.98 6.23 1.93
C GLY B 412 -7.81 6.28 3.44
N ALA B 413 -6.76 6.96 3.93
CA ALA B 413 -6.54 7.00 5.39
C ALA B 413 -7.72 7.61 6.15
N ASN B 414 -8.41 8.63 5.56
CA ASN B 414 -9.64 9.25 6.17
C ASN B 414 -10.96 8.66 5.60
N GLY B 415 -10.85 7.51 4.95
CA GLY B 415 -11.93 7.01 4.18
C GLY B 415 -13.13 6.47 4.99
N CYS B 416 -12.95 6.33 6.33
CA CYS B 416 -14.05 5.86 7.20
C CYS B 416 -14.35 7.10 8.07
N SER B 417 -15.63 7.55 8.01
CA SER B 417 -16.01 8.68 8.80
C SER B 417 -15.64 8.47 10.28
N ASP B 418 -15.04 9.47 10.92
CA ASP B 418 -14.60 9.40 12.33
C ASP B 418 -13.75 8.12 12.62
N ARG B 419 -13.05 7.64 11.60
CA ARG B 419 -12.24 6.43 11.68
C ARG B 419 -13.05 5.15 12.05
N GLY B 420 -14.35 5.15 11.72
CA GLY B 420 -15.24 4.06 12.16
C GLY B 420 -15.07 2.84 11.26
N CYS B 421 -13.84 2.29 11.16
CA CYS B 421 -13.66 0.96 10.57
C CYS B 421 -12.27 0.49 11.08
N ASP B 422 -11.92 -0.77 10.83
CA ASP B 422 -10.54 -1.22 11.17
C ASP B 422 -9.86 -1.75 9.91
N ASN B 423 -9.59 -0.89 8.95
CA ASN B 423 -9.06 -1.44 7.67
C ASN B 423 -7.73 -0.88 7.42
N GLY B 424 -6.79 -1.72 7.02
CA GLY B 424 -5.42 -1.22 6.92
C GLY B 424 -4.77 -0.97 8.30
N THR B 425 -3.61 -0.28 8.30
CA THR B 425 -2.93 -0.10 9.55
C THR B 425 -3.76 0.73 10.55
N LEU B 426 -3.78 0.34 11.83
CA LEU B 426 -4.60 1.02 12.81
C LEU B 426 -3.69 2.12 13.48
N ALA B 427 -3.89 3.39 13.15
CA ALA B 427 -3.06 4.44 13.67
C ALA B 427 -3.95 5.40 14.46
N MET B 428 -5.27 5.21 14.41
CA MET B 428 -6.16 6.08 15.15
C MET B 428 -7.48 5.29 15.36
N ALA B 429 -8.04 5.35 16.59
CA ALA B 429 -9.27 4.58 16.93
C ALA B 429 -10.46 5.51 16.60
N TRP B 430 -11.70 5.16 16.93
CA TRP B 430 -12.81 5.87 16.33
C TRP B 430 -13.67 6.72 17.27
N GLY B 431 -14.37 7.68 16.67
CA GLY B 431 -15.44 8.44 17.38
C GLY B 431 -15.07 9.94 17.25
N SER B 432 -15.41 10.73 18.27
CA SER B 432 -15.20 12.18 18.23
C SER B 432 -13.73 12.48 18.61
N GLY B 433 -13.01 11.47 19.16
CA GLY B 433 -11.65 11.63 19.68
C GLY B 433 -10.65 11.52 18.58
N THR B 434 -10.99 12.09 17.41
CA THR B 434 -10.24 11.86 16.15
C THR B 434 -9.88 13.15 15.39
N ALA B 435 -8.99 13.01 14.36
CA ALA B 435 -8.57 14.15 13.56
C ALA B 435 -8.43 13.54 12.13
N GLU B 436 -8.55 14.37 11.11
CA GLU B 436 -8.23 13.92 9.72
C GLU B 436 -6.70 13.85 9.59
N PHE B 437 -6.24 12.72 9.10
CA PHE B 437 -4.81 12.58 8.80
C PHE B 437 -4.52 13.56 7.64
N PRO B 438 -3.33 14.21 7.67
CA PRO B 438 -2.85 14.89 6.46
C PRO B 438 -2.31 13.85 5.43
N TYR B 439 -1.93 12.67 5.92
CA TYR B 439 -1.42 11.53 5.16
C TYR B 439 -1.22 10.46 6.24
N LEU B 440 -0.94 9.21 5.80
CA LEU B 440 -0.62 8.18 6.78
C LEU B 440 0.48 7.30 6.21
N VAL B 441 1.64 7.29 6.90
CA VAL B 441 2.77 6.43 6.49
C VAL B 441 2.49 5.07 7.09
N THR B 442 2.36 4.06 6.22
CA THR B 442 2.02 2.74 6.74
C THR B 442 3.36 1.95 7.00
N PRO B 443 3.26 0.93 7.89
CA PRO B 443 4.47 0.07 8.15
C PRO B 443 4.94 -0.58 6.86
N GLU B 444 4.00 -0.97 5.96
CA GLU B 444 4.45 -1.50 4.68
C GLU B 444 5.37 -0.50 3.92
N GLN B 445 4.94 0.79 3.81
CA GLN B 445 5.72 1.77 3.14
C GLN B 445 7.09 1.94 3.76
N ALA B 446 7.13 2.14 5.07
CA ALA B 446 8.40 2.52 5.71
C ALA B 446 9.32 1.33 5.70
N ILE B 447 8.81 0.12 5.98
CA ILE B 447 9.74 -1.06 6.02
C ILE B 447 10.19 -1.45 4.63
N GLN B 448 9.27 -1.44 3.65
CA GLN B 448 9.77 -1.74 2.30
C GLN B 448 10.84 -0.71 1.85
N ALA B 449 10.65 0.61 2.15
CA ALA B 449 11.64 1.63 1.71
C ALA B 449 13.01 1.31 2.40
N GLU B 450 12.97 0.96 3.69
CA GLU B 450 14.20 0.63 4.44
C GLU B 450 14.89 -0.58 3.73
N VAL B 451 14.16 -1.62 3.49
CA VAL B 451 14.74 -2.81 2.81
C VAL B 451 15.34 -2.43 1.47
N LEU B 452 14.64 -1.61 0.67
CA LEU B 452 15.12 -1.36 -0.73
C LEU B 452 16.40 -0.48 -0.66
N LYS B 453 16.49 0.33 0.39
CA LYS B 453 17.70 1.14 0.60
C LYS B 453 18.91 0.19 0.80
N HIS B 454 18.75 -0.98 1.38
CA HIS B 454 19.85 -1.95 1.50
C HIS B 454 19.89 -2.97 0.32
N LYS B 455 19.07 -2.79 -0.69
CA LYS B 455 19.06 -3.74 -1.87
C LYS B 455 18.56 -5.14 -1.47
N GLY B 456 17.75 -5.21 -0.43
CA GLY B 456 17.05 -6.46 -0.04
C GLY B 456 15.76 -6.76 -0.87
N SER B 457 15.24 -7.96 -0.68
CA SER B 457 14.01 -8.41 -1.28
C SER B 457 12.89 -8.27 -0.21
N VAL B 458 11.71 -7.82 -0.61
CA VAL B 458 10.69 -7.50 0.43
C VAL B 458 9.27 -7.53 -0.24
N TYR B 459 8.28 -8.01 0.51
CA TYR B 459 6.86 -8.03 -0.01
C TYR B 459 5.93 -7.79 1.16
N ALA B 460 4.70 -7.40 0.83
CA ALA B 460 3.73 -7.28 1.90
C ALA B 460 2.52 -8.07 1.52
N ILE B 461 2.02 -8.86 2.47
CA ILE B 461 0.75 -9.60 2.26
C ILE B 461 -0.24 -8.99 3.24
N THR B 462 -1.39 -8.52 2.80
CA THR B 462 -2.21 -7.66 3.67
C THR B 462 -3.64 -8.20 3.69
N ASP B 463 -3.81 -9.45 3.26
CA ASP B 463 -5.13 -10.13 3.44
C ASP B 463 -4.93 -11.23 4.46
N ASN B 464 -5.55 -11.13 5.63
CA ASN B 464 -5.26 -12.05 6.72
C ASN B 464 -5.93 -13.43 6.63
N TRP B 465 -6.70 -13.62 5.59
CA TRP B 465 -7.20 -14.99 5.26
C TRP B 465 -6.43 -15.57 4.08
N ALA B 466 -5.41 -14.87 3.56
CA ALA B 466 -4.60 -15.46 2.47
C ALA B 466 -3.43 -16.26 3.06
N LEU B 467 -3.74 -17.28 3.87
CA LEU B 467 -2.75 -17.96 4.69
C LEU B 467 -1.86 -18.87 3.90
N SER B 468 -2.37 -19.32 2.75
CA SER B 468 -1.55 -20.09 1.80
C SER B 468 -0.37 -19.25 1.34
N GLN B 469 -0.68 -18.01 0.91
CA GLN B 469 0.44 -17.11 0.51
C GLN B 469 1.36 -16.76 1.67
N VAL B 470 0.74 -16.56 2.83
CA VAL B 470 1.55 -16.17 4.04
C VAL B 470 2.54 -17.26 4.32
N GLU B 471 2.03 -18.51 4.32
CA GLU B 471 2.93 -19.59 4.67
C GLU B 471 4.03 -19.77 3.65
N THR B 472 3.70 -19.70 2.37
CA THR B 472 4.75 -19.85 1.35
C THR B 472 5.80 -18.78 1.47
N LEU B 473 5.40 -17.51 1.70
CA LEU B 473 6.43 -16.47 1.74
C LEU B 473 7.22 -16.62 3.07
N ALA B 474 6.50 -16.88 4.16
CA ALA B 474 7.21 -16.96 5.49
C ALA B 474 8.36 -18.00 5.41
N LYS B 475 8.10 -19.11 4.72
CA LYS B 475 9.14 -20.14 4.49
C LYS B 475 10.37 -19.66 3.77
N GLN B 476 10.24 -18.61 2.96
CA GLN B 476 11.41 -18.09 2.19
C GLN B 476 12.13 -16.92 2.87
N ALA B 477 11.56 -16.39 3.96
CA ALA B 477 12.01 -15.08 4.49
C ALA B 477 13.07 -15.20 5.56
N SER B 478 13.97 -14.23 5.62
CA SER B 478 14.96 -14.16 6.70
C SER B 478 14.27 -13.69 7.96
N VAL B 479 13.26 -12.84 7.81
CA VAL B 479 12.52 -12.28 8.98
C VAL B 479 11.07 -12.03 8.48
N SER B 480 10.11 -12.47 9.30
CA SER B 480 8.68 -12.16 9.07
C SER B 480 8.17 -11.15 10.12
N LEU B 481 7.66 -10.01 9.66
CA LEU B 481 7.19 -8.93 10.54
C LEU B 481 5.68 -9.01 10.36
N VAL B 482 4.99 -9.42 11.41
CA VAL B 482 3.58 -9.72 11.38
C VAL B 482 2.82 -8.63 12.14
N PHE B 483 1.84 -8.02 11.48
CA PHE B 483 1.06 -6.89 12.04
C PHE B 483 -0.35 -7.28 12.34
N VAL B 484 -0.79 -6.97 13.58
CA VAL B 484 -2.14 -7.30 14.06
C VAL B 484 -2.68 -6.12 14.89
N ASN B 485 -3.98 -6.08 15.04
CA ASN B 485 -4.58 -4.99 15.73
C ASN B 485 -5.88 -5.39 16.46
N SER B 486 -6.35 -4.44 17.27
CA SER B 486 -7.65 -4.55 17.93
C SER B 486 -8.07 -3.10 18.17
N ASP B 487 -9.30 -2.78 17.79
CA ASP B 487 -9.73 -1.37 17.67
C ASP B 487 -10.92 -1.18 18.64
N ALA B 488 -11.35 0.08 18.88
CA ALA B 488 -12.55 0.31 19.72
C ALA B 488 -12.79 1.82 19.56
N GLY B 489 -13.83 2.33 20.19
CA GLY B 489 -14.02 3.78 20.00
C GLY B 489 -15.24 4.26 20.75
N GLU B 490 -15.66 5.47 20.42
CA GLU B 490 -16.78 6.01 21.13
C GLU B 490 -18.10 5.27 20.74
N GLY B 491 -19.05 5.22 21.66
CA GLY B 491 -20.25 4.32 21.55
C GLY B 491 -21.25 4.60 20.44
N TYR B 492 -21.19 5.78 19.80
CA TYR B 492 -22.20 6.05 18.72
C TYR B 492 -21.85 5.35 17.41
N ILE B 493 -20.65 4.70 17.35
CA ILE B 493 -20.24 3.98 16.16
C ILE B 493 -20.04 2.52 16.57
N SER B 494 -20.51 1.62 15.73
CA SER B 494 -20.32 0.22 15.97
C SER B 494 -19.56 -0.37 14.77
N VAL B 495 -18.47 -1.11 15.04
CA VAL B 495 -17.75 -1.70 13.94
C VAL B 495 -17.76 -3.21 14.25
N ASP B 496 -18.16 -3.99 13.26
CA ASP B 496 -18.32 -5.40 13.42
C ASP B 496 -19.04 -5.73 14.75
N GLY B 497 -20.12 -5.01 15.08
CA GLY B 497 -20.87 -5.35 16.29
C GLY B 497 -20.19 -4.94 17.62
N ASN B 498 -19.01 -4.28 17.55
CA ASN B 498 -18.43 -3.72 18.77
C ASN B 498 -19.00 -2.30 18.94
N GLU B 499 -19.94 -2.13 19.90
CA GLU B 499 -20.64 -0.84 20.06
C GLU B 499 -19.78 0.07 20.93
N GLY B 500 -18.74 0.65 20.31
CA GLY B 500 -17.77 1.44 21.07
C GLY B 500 -16.84 0.52 21.88
N ASP B 501 -17.31 0.01 23.02
CA ASP B 501 -16.53 -0.99 23.81
C ASP B 501 -16.21 -2.22 22.91
N ARG B 502 -15.05 -2.81 23.13
CA ARG B 502 -14.61 -4.05 22.49
C ARG B 502 -15.43 -5.21 23.08
N ASN B 503 -15.94 -6.07 22.21
CA ASN B 503 -16.63 -7.30 22.70
C ASN B 503 -15.60 -8.28 23.25
N ASN B 504 -14.33 -8.20 22.87
CA ASN B 504 -13.35 -9.11 23.48
C ASN B 504 -11.94 -8.53 23.37
N LEU B 505 -10.92 -9.21 23.88
CA LEU B 505 -9.54 -8.69 23.87
C LEU B 505 -8.68 -9.51 22.85
N THR B 506 -9.32 -10.24 21.96
CA THR B 506 -8.63 -11.04 20.97
C THR B 506 -8.27 -10.22 19.71
N LEU B 507 -7.20 -10.58 19.03
CA LEU B 507 -6.74 -9.80 17.87
C LEU B 507 -7.85 -9.88 16.79
N TRP B 508 -8.15 -8.75 16.18
CA TRP B 508 -9.10 -8.70 15.07
C TRP B 508 -8.52 -9.33 13.78
N LYS B 509 -9.40 -9.49 12.77
CA LYS B 509 -8.99 -9.95 11.42
C LYS B 509 -8.01 -11.13 11.44
N ASN B 510 -8.37 -12.13 12.19
CA ASN B 510 -7.70 -13.40 12.10
C ASN B 510 -6.25 -13.30 12.63
N GLY B 511 -5.99 -12.32 13.48
CA GLY B 511 -4.64 -12.04 13.89
C GLY B 511 -3.95 -13.24 14.52
N ASP B 512 -4.59 -13.93 15.41
CA ASP B 512 -3.85 -15.11 16.03
C ASP B 512 -3.48 -16.22 14.96
N ASN B 513 -4.40 -16.48 14.03
CA ASN B 513 -4.14 -17.53 12.99
C ASN B 513 -3.02 -17.04 12.08
N LEU B 514 -3.02 -15.71 11.81
CA LEU B 514 -1.94 -15.13 10.94
C LEU B 514 -0.59 -15.36 11.58
N ILE B 515 -0.47 -14.98 12.88
CA ILE B 515 0.82 -15.13 13.59
C ILE B 515 1.30 -16.61 13.57
N LYS B 516 0.36 -17.55 13.79
CA LYS B 516 0.73 -18.99 13.81
C LYS B 516 1.16 -19.47 12.42
N ALA B 517 0.46 -18.99 11.38
CA ALA B 517 0.86 -19.31 9.99
C ALA B 517 2.26 -18.86 9.72
N ALA B 518 2.60 -17.62 10.16
CA ALA B 518 3.91 -17.13 9.92
C ALA B 518 4.94 -17.88 10.84
N ALA B 519 4.67 -17.96 12.14
CA ALA B 519 5.67 -18.53 13.07
C ALA B 519 5.89 -20.03 12.84
N ASN B 520 4.87 -20.74 12.38
CA ASN B 520 5.05 -22.16 12.06
C ASN B 520 6.01 -22.33 10.92
N ASN B 521 6.29 -21.27 10.18
CA ASN B 521 7.06 -21.41 8.97
C ASN B 521 8.34 -20.58 8.90
N CYS B 522 8.58 -19.70 9.85
CA CYS B 522 9.73 -18.79 9.75
C CYS B 522 10.27 -18.76 11.20
N ASN B 523 11.55 -19.01 11.37
CA ASN B 523 12.14 -19.11 12.73
C ASN B 523 12.49 -17.71 13.32
N ASN B 524 12.19 -16.62 12.59
CA ASN B 524 12.45 -15.28 13.09
C ASN B 524 11.19 -14.43 12.79
N THR B 525 10.12 -14.69 13.56
CA THR B 525 8.87 -14.04 13.35
C THR B 525 8.67 -13.01 14.45
N ILE B 526 8.45 -11.75 14.05
CA ILE B 526 8.39 -10.63 14.96
C ILE B 526 6.98 -10.05 14.86
N VAL B 527 6.31 -9.91 15.99
CA VAL B 527 4.91 -9.43 15.98
C VAL B 527 4.80 -7.98 16.46
N VAL B 528 4.06 -7.22 15.67
CA VAL B 528 3.82 -5.81 15.97
C VAL B 528 2.32 -5.66 16.16
N ILE B 529 1.93 -5.10 17.30
CA ILE B 529 0.53 -4.92 17.63
C ILE B 529 0.19 -3.45 17.60
N HIS B 530 -0.85 -3.07 16.82
CA HIS B 530 -1.42 -1.70 16.99
C HIS B 530 -2.73 -1.90 17.69
N SER B 531 -2.93 -1.27 18.83
CA SER B 531 -4.23 -1.51 19.47
C SER B 531 -4.56 -0.41 20.50
N VAL B 532 -5.84 -0.33 20.90
CA VAL B 532 -6.40 0.65 21.84
C VAL B 532 -6.02 0.28 23.27
N GLY B 533 -5.49 -0.95 23.49
CA GLY B 533 -5.28 -1.38 24.87
C GLY B 533 -4.74 -2.83 24.81
N PRO B 534 -4.73 -3.50 25.93
CA PRO B 534 -4.22 -4.86 25.91
C PRO B 534 -4.97 -5.81 25.04
N VAL B 535 -4.27 -6.81 24.54
CA VAL B 535 -4.93 -7.91 23.77
C VAL B 535 -4.39 -9.20 24.40
N LEU B 536 -5.07 -10.33 24.16
CA LEU B 536 -4.62 -11.67 24.65
C LEU B 536 -3.54 -12.15 23.73
N VAL B 537 -2.36 -12.44 24.25
CA VAL B 537 -1.24 -12.89 23.40
C VAL B 537 -0.91 -14.39 23.74
N ASP B 538 -1.66 -14.93 24.72
CA ASP B 538 -1.37 -16.27 25.28
C ASP B 538 -1.20 -17.38 24.27
N GLU B 539 -1.96 -17.39 23.18
CA GLU B 539 -1.86 -18.49 22.26
C GLU B 539 -0.53 -18.56 21.51
N TRP B 540 0.19 -17.46 21.36
CA TRP B 540 1.36 -17.51 20.46
C TRP B 540 2.55 -16.77 21.07
N TYR B 541 2.37 -16.05 22.19
CA TYR B 541 3.52 -15.19 22.63
C TYR B 541 4.79 -15.99 22.94
N ASP B 542 4.61 -17.24 23.33
CA ASP B 542 5.82 -18.04 23.72
C ASP B 542 6.12 -19.10 22.65
N HIS B 543 5.51 -18.97 21.46
CA HIS B 543 5.96 -19.77 20.32
C HIS B 543 7.51 -19.65 20.08
N PRO B 544 8.23 -20.80 19.93
CA PRO B 544 9.69 -20.66 19.87
C PRO B 544 10.18 -19.92 18.63
N ASN B 545 9.33 -19.78 17.60
CA ASN B 545 9.76 -18.97 16.48
C ASN B 545 9.27 -17.49 16.51
N VAL B 546 8.51 -17.20 17.55
CA VAL B 546 8.18 -15.73 17.75
C VAL B 546 9.37 -15.20 18.52
N THR B 547 10.16 -14.41 17.85
CA THR B 547 11.36 -13.94 18.44
C THR B 547 11.30 -12.51 18.99
N ALA B 548 10.24 -11.73 18.66
CA ALA B 548 10.12 -10.44 19.38
C ALA B 548 8.67 -10.03 19.24
N ILE B 549 8.19 -9.15 20.16
CA ILE B 549 6.80 -8.70 20.10
C ILE B 549 6.89 -7.24 20.54
N LEU B 550 6.13 -6.38 19.85
CA LEU B 550 6.10 -4.94 20.17
C LEU B 550 4.67 -4.50 20.22
N TRP B 551 4.35 -3.56 21.11
CA TRP B 551 3.03 -2.95 21.03
C TRP B 551 3.27 -1.45 20.73
N ALA B 552 2.66 -0.96 19.64
CA ALA B 552 2.92 0.45 19.13
C ALA B 552 1.70 1.32 19.33
N GLY B 553 0.58 0.80 19.93
CA GLY B 553 -0.54 1.70 20.30
C GLY B 553 -1.17 2.26 19.00
N LEU B 554 -1.44 3.58 18.96
CA LEU B 554 -2.24 4.22 17.90
C LEU B 554 -1.34 5.42 17.52
N PRO B 555 -0.38 5.23 16.61
CA PRO B 555 0.80 6.18 16.47
C PRO B 555 0.52 7.44 15.69
N GLY B 556 -0.67 7.57 15.10
CA GLY B 556 -0.91 8.78 14.31
C GLY B 556 -0.22 8.74 12.93
N GLN B 557 -0.03 9.93 12.33
CA GLN B 557 0.27 10.00 10.88
C GLN B 557 1.64 9.42 10.44
N GLU B 558 2.63 9.30 11.36
CA GLU B 558 3.97 8.87 10.96
C GLU B 558 4.19 7.41 11.35
N SER B 559 3.10 6.67 11.52
CA SER B 559 3.17 5.32 12.07
C SER B 559 4.33 4.43 11.58
N GLY B 560 4.41 4.24 10.25
CA GLY B 560 5.39 3.30 9.73
C GLY B 560 6.82 3.81 9.99
N ASN B 561 7.06 5.14 9.91
CA ASN B 561 8.39 5.65 10.15
C ASN B 561 8.76 5.53 11.64
N SER B 562 7.79 5.83 12.54
CA SER B 562 8.07 5.67 13.99
C SER B 562 8.51 4.23 14.24
N LEU B 563 7.77 3.25 13.65
CA LEU B 563 8.12 1.82 13.84
C LEU B 563 9.45 1.42 13.20
N ALA B 564 9.72 1.86 11.96
CA ALA B 564 10.96 1.48 11.34
C ALA B 564 12.11 2.04 12.14
N ASP B 565 11.97 3.26 12.68
CA ASP B 565 13.04 3.82 13.51
C ASP B 565 13.44 2.86 14.64
N VAL B 566 12.43 2.28 15.31
CA VAL B 566 12.68 1.31 16.39
C VAL B 566 13.28 -0.01 15.80
N LEU B 567 12.66 -0.56 14.76
CA LEU B 567 13.06 -1.88 14.32
C LEU B 567 14.49 -1.85 13.78
N TYR B 568 14.90 -0.74 13.16
CA TYR B 568 16.24 -0.66 12.58
C TYR B 568 17.23 0.04 13.47
N GLY B 569 16.87 0.26 14.74
CA GLY B 569 17.89 0.68 15.69
C GLY B 569 18.19 2.18 15.65
N ARG B 570 17.44 2.99 14.89
CA ARG B 570 17.66 4.43 15.02
C ARG B 570 17.20 4.97 16.38
N VAL B 571 16.18 4.33 16.95
CA VAL B 571 15.68 4.75 18.23
C VAL B 571 15.71 3.47 19.06
N ASN B 572 16.32 3.56 20.24
CA ASN B 572 16.37 2.47 21.20
C ASN B 572 15.02 2.56 22.02
N PRO B 573 14.18 1.54 21.96
CA PRO B 573 12.85 1.66 22.57
C PRO B 573 13.01 1.86 24.08
N GLY B 574 12.30 2.81 24.65
CA GLY B 574 12.35 3.12 26.05
C GLY B 574 10.96 3.04 26.65
N ALA B 575 9.94 2.91 25.82
CA ALA B 575 8.55 2.81 26.31
C ALA B 575 8.26 1.64 27.30
N LYS B 576 7.27 1.80 28.17
CA LYS B 576 6.91 0.77 29.14
C LYS B 576 5.43 0.61 29.10
N SER B 577 4.94 -0.60 29.26
CA SER B 577 3.50 -0.81 29.22
C SER B 577 2.76 0.03 30.24
N PRO B 578 1.68 0.77 29.81
CA PRO B 578 0.96 1.55 30.83
C PRO B 578 -0.30 0.86 31.30
N PHE B 579 -0.40 -0.43 31.03
CA PHE B 579 -1.46 -1.26 31.60
C PHE B 579 -0.93 -2.70 31.67
N THR B 580 -1.79 -3.61 32.18
CA THR B 580 -1.38 -5.00 32.32
C THR B 580 -1.82 -5.85 31.12
N TRP B 581 -0.97 -6.82 30.77
CA TRP B 581 -1.26 -7.82 29.74
C TRP B 581 -1.55 -9.17 30.41
N GLY B 582 -2.83 -9.49 30.54
CA GLY B 582 -3.28 -10.66 31.33
C GLY B 582 -3.39 -11.89 30.46
N LYS B 583 -3.48 -13.04 31.09
CA LYS B 583 -3.63 -14.31 30.31
C LYS B 583 -5.01 -14.48 29.73
N THR B 584 -6.01 -13.88 30.40
CA THR B 584 -7.39 -14.06 29.95
C THR B 584 -8.16 -12.75 30.25
N ARG B 585 -9.38 -12.60 29.73
CA ARG B 585 -10.23 -11.47 30.06
C ARG B 585 -10.63 -11.51 31.53
N GLU B 586 -10.85 -12.70 32.08
CA GLU B 586 -11.30 -12.88 33.45
C GLU B 586 -10.24 -12.41 34.46
N ALA B 587 -8.95 -12.45 34.09
CA ALA B 587 -7.87 -12.08 35.03
C ALA B 587 -7.98 -10.62 35.43
N TYR B 588 -8.63 -9.78 34.61
CA TYR B 588 -8.74 -8.30 34.84
C TYR B 588 -9.98 -8.01 35.73
N GLY B 589 -10.88 -9.01 35.95
CA GLY B 589 -12.24 -8.81 36.55
C GLY B 589 -12.94 -7.61 35.86
N ASP B 590 -13.66 -6.81 36.68
CA ASP B 590 -14.22 -5.47 36.25
C ASP B 590 -14.91 -5.60 34.86
N TYR B 591 -15.99 -6.40 34.88
CA TYR B 591 -16.84 -6.52 33.71
C TYR B 591 -17.75 -5.31 33.38
N LEU B 592 -17.83 -5.09 32.09
CA LEU B 592 -18.62 -4.03 31.62
C LEU B 592 -20.04 -4.48 31.88
N VAL B 593 -20.92 -3.48 32.10
CA VAL B 593 -22.39 -3.77 32.13
C VAL B 593 -22.91 -3.83 30.68
N ARG B 594 -23.38 -5.02 30.28
CA ARG B 594 -23.73 -5.30 28.87
C ARG B 594 -25.21 -5.64 28.78
N GLU B 595 -25.89 -5.68 29.89
CA GLU B 595 -27.31 -6.04 29.83
C GLU B 595 -28.08 -5.17 30.80
N LEU B 596 -29.35 -4.89 30.51
CA LEU B 596 -30.15 -4.03 31.46
C LEU B 596 -30.26 -4.77 32.81
N ASN B 597 -30.00 -4.10 33.93
CA ASN B 597 -30.07 -4.80 35.22
C ASN B 597 -30.97 -4.02 36.13
N ASN B 598 -31.74 -3.08 35.62
CA ASN B 598 -32.57 -2.26 36.47
C ASN B 598 -33.91 -2.05 35.74
N GLY B 599 -34.42 -3.10 35.10
CA GLY B 599 -35.59 -3.00 34.24
C GLY B 599 -35.32 -2.12 33.05
N ASN B 600 -36.20 -1.13 32.85
CA ASN B 600 -35.99 -0.18 31.80
C ASN B 600 -35.61 1.15 32.38
N GLY B 601 -35.23 1.11 33.62
CA GLY B 601 -34.60 2.30 34.24
C GLY B 601 -33.08 2.34 33.88
N ALA B 602 -32.36 3.35 34.41
CA ALA B 602 -30.90 3.41 34.27
C ALA B 602 -30.19 2.16 34.72
N PRO B 603 -29.35 1.56 33.83
CA PRO B 603 -28.54 0.43 34.29
C PRO B 603 -27.62 0.91 35.39
N GLN B 604 -27.36 0.03 36.35
CA GLN B 604 -26.64 0.42 37.55
C GLN B 604 -25.23 -0.23 37.46
N ASP B 605 -24.18 0.60 37.47
CA ASP B 605 -22.80 0.09 37.34
C ASP B 605 -22.06 0.26 38.68
N ASP B 606 -22.11 -0.80 39.52
CA ASP B 606 -21.46 -0.75 40.85
C ASP B 606 -19.98 -1.00 40.75
N PHE B 607 -19.19 -0.03 41.18
CA PHE B 607 -17.72 -0.23 41.08
C PHE B 607 -17.36 -1.03 42.34
N SER B 608 -17.78 -2.27 42.36
CA SER B 608 -17.65 -3.01 43.64
C SER B 608 -16.21 -3.50 43.90
N GLU B 609 -15.33 -3.49 42.89
CA GLU B 609 -13.86 -3.85 43.12
C GLU B 609 -13.11 -2.71 43.89
N GLY B 610 -13.73 -1.54 44.04
CA GLY B 610 -13.06 -0.41 44.65
C GLY B 610 -11.84 0.00 43.82
N VAL B 611 -10.68 0.15 44.49
CA VAL B 611 -9.50 0.70 43.77
C VAL B 611 -8.85 -0.38 42.91
N PHE B 612 -9.34 -1.62 42.98
CA PHE B 612 -8.62 -2.77 42.42
C PHE B 612 -8.86 -2.99 40.94
N ILE B 613 -8.24 -2.12 40.13
CA ILE B 613 -8.38 -2.19 38.69
C ILE B 613 -6.97 -2.41 38.13
N ASP B 614 -6.89 -3.01 36.93
CA ASP B 614 -5.58 -3.25 36.25
C ASP B 614 -4.61 -3.85 37.28
N TYR B 615 -3.34 -3.41 37.36
CA TYR B 615 -2.37 -4.16 38.13
C TYR B 615 -2.72 -4.34 39.63
N ARG B 616 -3.39 -3.34 40.22
CA ARG B 616 -3.78 -3.48 41.66
C ARG B 616 -4.64 -4.73 41.84
N GLY B 617 -5.52 -5.00 40.86
CA GLY B 617 -6.45 -6.18 40.90
C GLY B 617 -5.66 -7.47 40.67
N PHE B 618 -4.78 -7.49 39.69
CA PHE B 618 -3.90 -8.66 39.45
C PHE B 618 -3.08 -8.95 40.75
N ASP B 619 -2.46 -7.91 41.30
CA ASP B 619 -1.61 -8.12 42.50
C ASP B 619 -2.42 -8.68 43.69
N LYS B 620 -3.60 -8.14 43.90
CA LYS B 620 -4.44 -8.52 45.01
C LYS B 620 -4.88 -9.97 44.79
N ARG B 621 -5.13 -10.41 43.55
CA ARG B 621 -5.53 -11.80 43.33
C ARG B 621 -4.30 -12.76 43.19
N ASN B 622 -3.11 -12.24 43.33
CA ASN B 622 -1.92 -13.04 43.08
C ASN B 622 -1.94 -13.69 41.68
N GLU B 623 -2.43 -13.00 40.65
CA GLU B 623 -2.37 -13.48 39.25
C GLU B 623 -1.11 -12.89 38.62
N THR B 624 -0.33 -13.71 37.89
CA THR B 624 0.84 -13.25 37.17
C THR B 624 0.47 -12.84 35.73
N PRO B 625 0.69 -11.56 35.42
CA PRO B 625 0.45 -11.04 34.06
C PRO B 625 1.48 -11.65 33.10
N ILE B 626 1.16 -11.78 31.81
CA ILE B 626 2.22 -12.10 30.83
C ILE B 626 3.19 -10.91 30.82
N TYR B 627 2.66 -9.68 30.73
CA TYR B 627 3.54 -8.49 30.69
C TYR B 627 2.85 -7.55 31.70
N GLU B 628 3.57 -7.26 32.78
CA GLU B 628 3.05 -6.41 33.84
C GLU B 628 3.06 -4.88 33.47
N PHE B 629 2.24 -4.15 34.21
CA PHE B 629 2.32 -2.66 34.24
C PHE B 629 3.77 -2.24 34.48
N GLY B 630 4.29 -1.41 33.59
CA GLY B 630 5.61 -0.83 33.72
C GLY B 630 6.68 -1.63 32.99
N HIS B 631 6.27 -2.76 32.33
CA HIS B 631 7.24 -3.60 31.62
C HIS B 631 7.57 -3.06 30.25
N GLY B 632 8.84 -3.02 29.89
CA GLY B 632 9.17 -2.84 28.50
C GLY B 632 10.70 -3.09 28.37
N LEU B 633 11.16 -3.64 27.25
CA LEU B 633 12.62 -3.93 27.10
C LEU B 633 13.30 -2.80 26.38
N SER B 634 14.62 -2.89 26.31
CA SER B 634 15.45 -1.86 25.70
C SER B 634 16.52 -2.64 24.83
N TYR B 635 17.20 -1.93 23.92
CA TYR B 635 18.39 -2.50 23.32
C TYR B 635 19.65 -2.44 24.22
N THR B 636 19.49 -1.90 25.42
CA THR B 636 20.52 -1.96 26.42
C THR B 636 19.93 -2.52 27.73
N THR B 637 20.75 -2.60 28.77
CA THR B 637 20.30 -3.04 30.10
C THR B 637 20.66 -1.93 31.07
N PHE B 638 19.90 -1.87 32.20
CA PHE B 638 20.10 -0.90 33.23
C PHE B 638 20.21 -1.62 34.57
N ASN B 639 20.92 -0.98 35.48
CA ASN B 639 21.10 -1.48 36.83
C ASN B 639 20.60 -0.40 37.81
N TYR B 640 19.80 -0.81 38.86
CA TYR B 640 19.32 0.11 39.87
C TYR B 640 19.97 -0.26 41.19
N SER B 641 20.63 0.66 41.88
CA SER B 641 21.31 0.27 43.12
C SER B 641 21.28 1.45 44.10
N GLY B 642 21.58 1.19 45.37
CA GLY B 642 22.02 2.33 46.25
C GLY B 642 20.79 3.17 46.69
N LEU B 643 19.73 2.52 47.12
CA LEU B 643 18.53 3.21 47.64
C LEU B 643 18.87 4.01 48.87
N HIS B 644 18.51 5.29 48.88
CA HIS B 644 18.82 6.21 49.99
C HIS B 644 17.51 6.98 50.30
N ILE B 645 17.14 7.08 51.58
CA ILE B 645 15.88 7.70 52.00
C ILE B 645 16.16 8.78 53.04
N GLN B 646 15.57 9.94 52.91
CA GLN B 646 15.86 11.08 53.81
C GLN B 646 14.53 11.76 54.17
N VAL B 647 14.29 11.88 55.46
CA VAL B 647 13.17 12.63 56.02
C VAL B 647 13.42 14.11 55.86
N LEU B 648 12.44 14.85 55.37
CA LEU B 648 12.65 16.27 55.03
C LEU B 648 12.02 17.11 56.18
N ASN B 649 12.47 18.35 56.35
CA ASN B 649 11.92 19.24 57.39
C ASN B 649 10.46 19.53 57.10
N ALA B 657 -7.23 29.64 54.57
CA ALA B 657 -8.52 30.33 54.73
C ALA B 657 -9.55 29.35 55.32
N THR B 658 -10.31 29.73 56.33
CA THR B 658 -11.31 28.79 56.81
C THR B 658 -12.77 29.12 56.36
N GLU B 659 -13.02 30.28 55.75
CA GLU B 659 -14.36 30.68 55.21
C GLU B 659 -14.15 31.37 53.85
N THR B 660 -15.13 31.34 52.97
CA THR B 660 -14.99 32.01 51.68
C THR B 660 -15.52 33.45 51.85
N GLY B 661 -15.35 34.34 50.86
CA GLY B 661 -16.18 35.57 50.79
C GLY B 661 -17.64 35.24 50.49
N ALA B 662 -18.53 36.27 50.64
CA ALA B 662 -19.92 36.17 50.20
C ALA B 662 -19.90 36.15 48.62
N ALA B 663 -20.92 35.60 47.96
CA ALA B 663 -20.92 35.50 46.51
C ALA B 663 -21.06 36.92 45.97
N PRO B 664 -20.19 37.36 45.03
CA PRO B 664 -20.37 38.75 44.56
C PRO B 664 -21.35 38.82 43.39
N THR B 665 -21.87 40.02 43.09
CA THR B 665 -22.52 40.21 41.78
C THR B 665 -21.72 41.30 41.04
N PHE B 666 -21.73 41.25 39.72
CA PHE B 666 -20.87 42.09 38.94
C PHE B 666 -21.79 42.68 37.87
N GLY B 667 -22.01 44.00 37.93
CA GLY B 667 -22.98 44.66 37.00
C GLY B 667 -24.42 44.46 37.45
N GLN B 668 -25.33 44.94 36.62
CA GLN B 668 -26.78 45.10 36.96
C GLN B 668 -27.71 44.30 36.06
N VAL B 669 -28.85 43.93 36.61
CA VAL B 669 -29.90 43.21 35.86
C VAL B 669 -31.14 44.14 35.80
N GLY B 670 -31.69 44.34 34.62
CA GLY B 670 -32.83 45.25 34.46
C GLY B 670 -34.19 44.55 34.37
N ASN B 671 -35.14 45.16 33.68
CA ASN B 671 -36.51 44.66 33.57
C ASN B 671 -36.50 43.65 32.42
N ALA B 672 -37.49 42.78 32.31
CA ALA B 672 -37.59 41.89 31.14
C ALA B 672 -37.51 42.62 29.77
N SER B 673 -38.05 43.84 29.64
CA SER B 673 -38.10 44.44 28.31
C SER B 673 -36.64 44.73 27.84
N ASP B 674 -35.68 44.80 28.76
CA ASP B 674 -34.27 44.93 28.32
C ASP B 674 -33.75 43.72 27.48
N TYR B 675 -34.47 42.61 27.50
CA TYR B 675 -33.90 41.31 27.10
C TYR B 675 -34.73 40.70 26.04
N VAL B 676 -35.71 41.48 25.53
CA VAL B 676 -36.52 41.03 24.37
C VAL B 676 -35.69 41.08 23.10
N TYR B 677 -35.96 40.20 22.12
CA TYR B 677 -35.14 40.22 20.89
C TYR B 677 -35.06 41.64 20.40
N PRO B 678 -33.86 42.10 20.02
CA PRO B 678 -33.73 43.44 19.42
C PRO B 678 -34.39 43.57 18.07
N GLU B 679 -34.87 44.78 17.81
CA GLU B 679 -35.72 45.02 16.66
C GLU B 679 -35.14 44.67 15.30
N GLY B 680 -33.94 45.08 15.00
CA GLY B 680 -33.59 44.80 13.58
C GLY B 680 -32.95 43.43 13.36
N LEU B 681 -33.00 42.51 14.32
CA LEU B 681 -32.14 41.32 14.19
C LEU B 681 -32.88 40.23 13.47
N THR B 682 -32.29 39.67 12.42
CA THR B 682 -32.87 38.44 11.77
C THR B 682 -32.48 37.18 12.51
N ARG B 683 -33.46 36.45 13.02
CA ARG B 683 -33.16 35.28 13.81
C ARG B 683 -32.92 34.13 12.89
N ILE B 684 -31.76 33.50 12.95
CA ILE B 684 -31.42 32.41 12.13
C ILE B 684 -32.16 31.18 12.62
N SER B 685 -32.73 30.36 11.75
CA SER B 685 -33.48 29.15 12.20
C SER B 685 -32.53 28.23 12.97
N LYS B 686 -32.99 27.71 14.11
CA LYS B 686 -32.31 26.72 15.00
C LYS B 686 -31.21 27.38 15.79
N PHE B 687 -30.94 28.68 15.48
CA PHE B 687 -29.91 29.43 16.26
C PHE B 687 -30.40 29.72 17.70
N ILE B 688 -29.55 29.41 18.70
CA ILE B 688 -29.89 29.64 20.15
C ILE B 688 -29.42 31.03 20.59
N TYR B 689 -30.40 31.84 21.05
CA TYR B 689 -30.13 33.21 21.48
C TYR B 689 -30.39 33.33 23.00
N PRO B 690 -29.97 34.45 23.63
CA PRO B 690 -30.23 34.67 25.06
C PRO B 690 -31.56 35.45 25.33
N TRP B 691 -32.28 35.77 24.25
CA TRP B 691 -33.34 36.82 24.31
C TRP B 691 -34.75 36.22 24.48
N LEU B 692 -35.67 37.08 24.90
CA LEU B 692 -37.04 36.64 25.20
C LEU B 692 -38.02 37.08 24.09
N ASN B 693 -38.99 36.27 23.74
CA ASN B 693 -39.96 36.74 22.76
C ASN B 693 -40.74 37.99 23.26
N SER B 694 -41.01 38.10 24.56
CA SER B 694 -41.83 39.19 25.09
C SER B 694 -41.52 39.30 26.56
N THR B 695 -42.01 40.34 27.26
CA THR B 695 -41.83 40.47 28.71
C THR B 695 -42.65 39.43 29.47
N ASP B 696 -43.50 38.68 28.78
CA ASP B 696 -44.16 37.57 29.43
C ASP B 696 -43.17 36.34 29.63
N LEU B 697 -42.74 36.09 30.87
CA LEU B 697 -41.64 35.14 31.15
C LEU B 697 -42.06 33.72 30.87
N LYS B 698 -43.25 33.35 31.39
CA LYS B 698 -43.81 32.05 31.12
C LYS B 698 -43.98 31.75 29.65
N ALA B 699 -44.60 32.65 28.88
CA ALA B 699 -44.80 32.35 27.43
C ALA B 699 -43.43 32.33 26.77
N SER B 700 -42.51 33.20 27.13
CA SER B 700 -41.20 33.26 26.42
C SER B 700 -40.37 31.99 26.73
N SER B 701 -40.61 31.34 27.89
CA SER B 701 -39.83 30.12 28.21
C SER B 701 -40.37 28.91 27.45
N GLY B 702 -41.67 28.82 27.27
CA GLY B 702 -42.22 27.65 26.55
C GLY B 702 -42.04 26.41 27.43
N ASP B 703 -41.65 26.53 28.71
CA ASP B 703 -41.42 25.33 29.47
C ASP B 703 -42.75 24.79 30.08
N PRO B 704 -43.11 23.54 29.77
CA PRO B 704 -44.36 23.05 30.36
C PRO B 704 -44.32 23.03 31.85
N TYR B 705 -43.16 23.02 32.51
CA TYR B 705 -43.10 23.06 33.99
C TYR B 705 -42.90 24.44 34.60
N TYR B 706 -42.87 25.47 33.75
CA TYR B 706 -42.60 26.87 34.18
C TYR B 706 -43.43 27.30 35.42
N GLY B 707 -42.75 27.73 36.48
CA GLY B 707 -43.37 28.31 37.63
C GLY B 707 -44.11 27.27 38.52
N VAL B 708 -43.97 25.95 38.25
CA VAL B 708 -44.72 24.92 38.99
C VAL B 708 -43.82 24.21 39.95
N ASP B 709 -44.20 24.22 41.24
CA ASP B 709 -43.44 23.57 42.32
C ASP B 709 -41.98 24.00 42.35
N THR B 710 -41.69 25.25 41.97
CA THR B 710 -40.28 25.67 41.78
C THR B 710 -39.45 25.48 43.02
N ALA B 711 -39.91 25.96 44.17
CA ALA B 711 -39.09 25.89 45.36
C ALA B 711 -38.82 24.44 45.80
N GLU B 712 -39.79 23.54 45.61
CA GLU B 712 -39.54 22.19 45.96
C GLU B 712 -38.46 21.52 45.06
N HIS B 713 -38.26 22.06 43.86
CA HIS B 713 -37.24 21.50 42.92
C HIS B 713 -35.84 22.22 43.00
N VAL B 714 -35.65 23.13 43.94
CA VAL B 714 -34.40 23.83 44.13
C VAL B 714 -33.88 23.36 45.46
N PRO B 715 -32.76 22.58 45.47
CA PRO B 715 -32.29 22.03 46.74
C PRO B 715 -31.98 23.07 47.78
N GLU B 716 -32.02 22.64 49.03
CA GLU B 716 -31.74 23.56 50.13
C GLU B 716 -30.28 24.12 50.00
N GLY B 717 -30.04 25.42 50.17
CA GLY B 717 -28.67 25.96 50.10
C GLY B 717 -28.32 26.38 48.66
N ALA B 718 -29.09 25.94 47.66
CA ALA B 718 -28.71 26.17 46.24
C ALA B 718 -28.70 27.65 45.91
N THR B 719 -29.45 28.45 46.70
CA THR B 719 -29.35 29.91 46.46
C THR B 719 -28.65 30.70 47.53
N ASP B 720 -27.91 30.03 48.42
CA ASP B 720 -27.33 30.71 49.54
C ASP B 720 -26.04 31.37 49.08
N GLY B 721 -26.03 32.71 48.92
CA GLY B 721 -24.77 33.47 48.65
C GLY B 721 -23.89 33.89 49.82
N SER B 722 -24.13 33.39 51.02
CA SER B 722 -23.28 33.84 52.13
C SER B 722 -21.95 33.06 52.17
N PRO B 723 -20.95 33.52 52.98
CA PRO B 723 -19.66 32.93 53.16
C PRO B 723 -19.82 31.49 53.50
N GLN B 724 -19.01 30.59 52.93
CA GLN B 724 -19.15 29.17 53.22
C GLN B 724 -17.92 28.67 53.98
N PRO B 725 -18.02 27.57 54.73
CA PRO B 725 -16.82 26.94 55.27
C PRO B 725 -15.89 26.44 54.13
N VAL B 726 -14.58 26.48 54.35
CA VAL B 726 -13.64 25.87 53.43
C VAL B 726 -13.53 24.38 53.89
N LEU B 727 -13.68 23.44 52.98
CA LEU B 727 -13.50 22.02 53.37
C LEU B 727 -12.06 21.73 53.93
N PRO B 728 -11.93 20.78 54.88
CA PRO B 728 -10.61 20.39 55.43
C PRO B 728 -9.62 20.01 54.27
N ALA B 729 -10.14 19.34 53.22
CA ALA B 729 -9.27 18.87 52.11
C ALA B 729 -9.15 19.88 51.00
N GLY B 730 -9.83 21.03 51.10
CA GLY B 730 -9.79 22.11 50.05
C GLY B 730 -8.91 23.27 50.55
N GLY B 731 -9.12 24.46 50.02
CA GLY B 731 -8.35 25.62 50.39
C GLY B 731 -7.17 25.88 49.46
N GLY B 732 -6.95 25.06 48.41
CA GLY B 732 -5.76 25.28 47.61
C GLY B 732 -6.09 24.98 46.16
N SER B 733 -5.15 24.55 45.37
CA SER B 733 -5.46 24.20 43.98
C SER B 733 -5.13 22.71 43.84
N GLY B 734 -6.12 21.87 43.60
CA GLY B 734 -5.96 20.42 43.58
C GLY B 734 -5.93 19.86 45.00
N GLY B 735 -6.51 20.64 45.91
CA GLY B 735 -6.55 20.21 47.32
C GLY B 735 -5.81 21.19 48.23
N ASN B 736 -6.15 21.08 49.54
CA ASN B 736 -5.32 21.77 50.62
C ASN B 736 -3.85 21.78 50.28
N PRO B 737 -3.20 22.95 50.34
CA PRO B 737 -1.79 22.98 49.96
C PRO B 737 -0.89 22.08 50.83
N ARG B 738 -1.31 21.74 52.04
CA ARG B 738 -0.39 20.96 52.86
C ARG B 738 -0.25 19.49 52.27
N LEU B 739 -1.18 19.11 51.38
CA LEU B 739 -1.13 17.80 50.77
C LEU B 739 0.18 17.73 49.86
N TYR B 740 0.68 18.89 49.47
CA TYR B 740 1.77 18.93 48.52
C TYR B 740 3.13 19.19 49.18
N ASP B 741 3.16 19.26 50.50
CA ASP B 741 4.43 19.34 51.26
C ASP B 741 5.22 18.09 50.99
N GLU B 742 6.52 18.27 50.87
CA GLU B 742 7.40 17.13 50.55
C GLU B 742 7.88 16.53 51.83
N LEU B 743 7.60 15.25 52.09
CA LEU B 743 7.96 14.70 53.40
C LEU B 743 9.19 13.79 53.41
N ILE B 744 9.46 13.12 52.26
CA ILE B 744 10.57 12.15 52.25
C ILE B 744 11.26 12.25 50.88
N ARG B 745 12.59 12.27 50.85
CA ARG B 745 13.32 12.28 49.58
C ARG B 745 13.89 10.85 49.39
N VAL B 746 13.73 10.33 48.18
CA VAL B 746 14.22 8.99 47.83
C VAL B 746 15.23 9.13 46.66
N SER B 747 16.39 8.44 46.73
CA SER B 747 17.35 8.53 45.58
C SER B 747 17.86 7.16 45.29
N VAL B 748 18.22 6.92 44.03
CA VAL B 748 18.81 5.63 43.70
C VAL B 748 19.84 5.94 42.60
N THR B 749 20.75 5.00 42.34
CA THR B 749 21.69 5.15 41.21
C THR B 749 21.22 4.28 40.10
N VAL B 750 21.23 4.83 38.88
CA VAL B 750 20.83 4.07 37.73
C VAL B 750 22.05 4.06 36.76
N LYS B 751 22.43 2.89 36.27
CA LYS B 751 23.55 2.81 35.37
C LYS B 751 23.07 2.10 34.08
N ASN B 752 23.57 2.59 32.96
CA ASN B 752 23.38 1.86 31.68
C ASN B 752 24.54 0.83 31.57
N THR B 753 24.23 -0.45 31.74
CA THR B 753 25.28 -1.49 31.78
C THR B 753 25.42 -2.17 30.49
N GLY B 754 24.67 -1.72 29.49
CA GLY B 754 24.71 -2.40 28.18
C GLY B 754 25.59 -1.64 27.20
N ARG B 755 25.28 -1.74 25.87
CA ARG B 755 26.25 -1.23 24.83
C ARG B 755 25.56 -0.18 23.92
N VAL B 756 24.26 0.15 24.22
CA VAL B 756 23.53 1.09 23.35
C VAL B 756 23.03 2.27 24.29
N ALA B 757 23.34 3.52 23.94
CA ALA B 757 22.67 4.65 24.60
C ALA B 757 21.11 4.43 24.60
N GLY B 758 20.47 4.83 25.69
CA GLY B 758 18.97 4.73 25.66
C GLY B 758 18.40 5.29 26.96
N ASP B 759 17.08 5.08 27.15
CA ASP B 759 16.42 5.68 28.28
C ASP B 759 15.95 4.61 29.24
N ALA B 760 16.17 4.85 30.52
CA ALA B 760 15.64 4.03 31.57
C ALA B 760 14.37 4.72 32.08
N VAL B 761 13.42 3.93 32.64
CA VAL B 761 12.24 4.54 33.23
C VAL B 761 12.20 3.99 34.66
N PRO B 762 12.93 4.65 35.57
CA PRO B 762 12.84 4.12 36.92
C PRO B 762 11.44 4.40 37.48
N GLN B 763 10.94 3.49 38.33
CA GLN B 763 9.61 3.58 38.81
C GLN B 763 9.66 3.37 40.36
N LEU B 764 8.97 4.26 41.07
CA LEU B 764 8.97 4.23 42.56
C LEU B 764 7.52 3.91 42.94
N TYR B 765 7.33 2.81 43.70
CA TYR B 765 6.02 2.36 44.13
C TYR B 765 6.06 2.51 45.68
N VAL B 766 4.89 2.67 46.28
CA VAL B 766 4.83 2.65 47.78
C VAL B 766 3.86 1.53 48.17
N SER B 767 4.01 1.02 49.42
CA SER B 767 3.05 0.10 50.03
C SER B 767 2.54 0.95 51.17
N LEU B 768 1.30 1.41 51.03
CA LEU B 768 0.70 2.21 52.11
C LEU B 768 0.28 1.41 53.38
N GLY B 769 0.12 0.10 53.25
CA GLY B 769 -0.17 -0.77 54.41
C GLY B 769 -1.67 -0.80 54.76
N GLY B 770 -2.07 -1.83 55.45
CA GLY B 770 -3.47 -1.92 55.95
C GLY B 770 -4.15 -3.01 55.17
N PRO B 771 -5.24 -3.60 55.71
CA PRO B 771 -5.79 -4.79 55.06
C PRO B 771 -6.46 -4.46 53.72
N ASN B 772 -6.83 -3.23 53.49
CA ASN B 772 -7.56 -2.98 52.26
C ASN B 772 -6.79 -2.31 51.11
N GLU B 773 -5.48 -2.12 51.30
CA GLU B 773 -4.64 -1.33 50.39
C GLU B 773 -3.96 -2.22 49.41
N PRO B 774 -3.80 -1.75 48.12
CA PRO B 774 -3.00 -2.55 47.18
C PRO B 774 -1.58 -2.79 47.74
N LYS B 775 -0.98 -3.93 47.36
CA LYS B 775 0.41 -4.29 47.73
C LYS B 775 1.37 -3.21 47.32
N VAL B 776 1.29 -2.74 46.05
CA VAL B 776 2.17 -1.56 45.62
C VAL B 776 1.30 -0.59 44.75
N VAL B 777 1.57 0.72 44.82
CA VAL B 777 0.93 1.70 43.97
C VAL B 777 2.05 2.59 43.48
N LEU B 778 2.03 2.92 42.19
CA LEU B 778 3.05 3.80 41.64
C LEU B 778 2.91 5.20 42.24
N ARG B 779 4.01 5.83 42.53
CA ARG B 779 4.01 7.27 42.93
C ARG B 779 4.91 8.18 42.13
N LYS B 780 6.09 7.67 41.71
CA LYS B 780 7.00 8.59 40.98
C LYS B 780 7.68 7.81 39.82
N PHE B 781 8.16 8.55 38.81
CA PHE B 781 8.83 7.91 37.68
C PHE B 781 9.51 9.03 36.92
N ASP B 782 10.48 8.68 36.07
CA ASP B 782 11.07 9.64 35.17
C ASP B 782 11.59 8.86 33.99
N ARG B 783 12.09 9.56 32.99
CA ARG B 783 12.68 8.83 31.88
C ARG B 783 14.01 9.48 31.67
N LEU B 784 15.06 8.76 31.88
CA LEU B 784 16.41 9.28 31.98
C LEU B 784 17.28 8.68 30.86
N THR B 785 17.96 9.54 30.08
CA THR B 785 18.84 9.13 29.01
C THR B 785 20.22 8.86 29.55
N LEU B 786 20.76 7.68 29.26
CA LEU B 786 22.16 7.35 29.72
C LEU B 786 22.87 6.70 28.53
N LYS B 787 24.09 7.16 28.23
CA LYS B 787 24.90 6.45 27.28
C LYS B 787 25.49 5.19 27.90
N PRO B 788 26.18 4.37 27.12
CA PRO B 788 26.71 3.08 27.66
C PRO B 788 27.72 3.38 28.76
N SER B 789 27.54 2.68 29.90
CA SER B 789 28.38 2.75 31.13
C SER B 789 28.03 4.03 31.94
N GLU B 790 27.15 4.91 31.42
CA GLU B 790 26.94 6.19 32.15
C GLU B 790 26.01 5.93 33.34
N GLU B 791 26.18 6.70 34.42
CA GLU B 791 25.27 6.51 35.57
C GLU B 791 24.67 7.83 35.98
N THR B 792 23.61 7.84 36.79
CA THR B 792 23.12 9.11 37.25
C THR B 792 22.40 8.80 38.57
N VAL B 793 22.24 9.84 39.42
CA VAL B 793 21.41 9.66 40.63
C VAL B 793 20.00 10.10 40.28
N TRP B 794 19.00 9.27 40.48
CA TRP B 794 17.61 9.70 40.27
C TRP B 794 17.09 10.06 41.70
N THR B 795 16.66 11.29 41.89
CA THR B 795 16.11 11.68 43.21
C THR B 795 14.68 12.20 43.01
N THR B 796 13.82 11.94 43.95
CA THR B 796 12.41 12.36 43.82
C THR B 796 11.88 12.53 45.25
N THR B 797 10.67 13.08 45.45
CA THR B 797 10.21 13.25 46.79
C THR B 797 8.78 12.68 46.89
N LEU B 798 8.41 12.26 48.09
CA LEU B 798 7.03 11.83 48.38
C LEU B 798 6.30 12.92 49.13
N THR B 799 5.12 13.30 48.62
CA THR B 799 4.37 14.36 49.23
C THR B 799 3.46 13.74 50.31
N ARG B 800 2.92 14.61 51.15
CA ARG B 800 1.92 14.16 52.12
C ARG B 800 0.78 13.40 51.35
N ARG B 801 0.28 13.99 50.27
CA ARG B 801 -0.72 13.25 49.48
C ARG B 801 -0.28 11.83 49.04
N ASP B 802 0.97 11.71 48.56
CA ASP B 802 1.54 10.42 48.10
C ASP B 802 1.49 9.32 49.16
N LEU B 803 1.55 9.72 50.45
CA LEU B 803 1.54 8.71 51.55
C LEU B 803 0.20 8.55 52.32
N SER B 804 -0.85 9.19 51.82
CA SER B 804 -2.14 9.28 52.46
C SER B 804 -3.19 8.36 51.85
N ASN B 805 -4.24 8.09 52.62
CA ASN B 805 -5.44 7.47 52.10
C ASN B 805 -6.58 8.40 52.41
N TRP B 806 -7.67 8.26 51.66
CA TRP B 806 -8.80 9.09 51.93
C TRP B 806 -9.64 8.52 53.05
N ASP B 807 -9.94 9.37 54.02
CA ASP B 807 -10.66 8.94 55.24
C ASP B 807 -12.09 9.54 55.21
N VAL B 808 -13.07 8.70 54.92
CA VAL B 808 -14.49 9.18 54.74
C VAL B 808 -15.05 9.86 56.04
N ALA B 809 -14.64 9.39 57.22
CA ALA B 809 -15.08 10.02 58.50
C ALA B 809 -14.48 11.44 58.61
N ALA B 810 -13.20 11.64 58.30
CA ALA B 810 -12.62 12.95 58.40
C ALA B 810 -12.92 13.83 57.17
N GLN B 811 -13.36 13.21 56.07
CA GLN B 811 -13.42 13.98 54.82
C GLN B 811 -12.08 14.61 54.54
N ASP B 812 -10.99 13.82 54.72
CA ASP B 812 -9.67 14.34 54.46
C ASP B 812 -8.67 13.20 54.15
N TRP B 813 -7.55 13.55 53.53
CA TRP B 813 -6.43 12.60 53.33
C TRP B 813 -5.73 12.46 54.66
N VAL B 814 -5.45 11.23 55.10
CA VAL B 814 -4.75 11.03 56.37
C VAL B 814 -3.65 10.01 56.10
N ILE B 815 -2.52 10.19 56.72
CA ILE B 815 -1.43 9.17 56.63
C ILE B 815 -1.78 8.17 57.74
N THR B 816 -2.13 6.94 57.38
CA THR B 816 -2.55 6.01 58.33
C THR B 816 -1.35 5.45 59.14
N SER B 817 -1.67 4.71 60.20
CA SER B 817 -0.63 4.38 61.13
C SER B 817 0.03 3.07 60.65
N TYR B 818 -0.50 2.35 59.62
CA TYR B 818 0.14 1.15 59.16
C TYR B 818 1.54 1.50 58.62
N PRO B 819 2.54 0.67 58.89
CA PRO B 819 3.91 0.97 58.38
C PRO B 819 3.92 0.95 56.84
N LYS B 820 4.68 1.86 56.23
CA LYS B 820 4.70 2.05 54.76
C LYS B 820 6.12 1.59 54.27
N LYS B 821 6.21 1.15 52.99
CA LYS B 821 7.48 0.77 52.37
C LYS B 821 7.59 1.47 51.05
N VAL B 822 8.81 1.59 50.55
CA VAL B 822 8.99 2.15 49.20
C VAL B 822 9.77 1.11 48.43
N HIS B 823 9.58 1.04 47.10
CA HIS B 823 10.20 0.08 46.26
C HIS B 823 10.61 0.84 45.00
N VAL B 824 11.82 0.53 44.50
CA VAL B 824 12.28 1.15 43.23
C VAL B 824 12.77 0.05 42.27
N GLY B 825 12.37 0.15 40.99
CA GLY B 825 12.95 -0.74 40.02
C GLY B 825 12.38 -0.43 38.64
N SER B 826 12.35 -1.46 37.79
CA SER B 826 12.11 -1.25 36.35
C SER B 826 10.62 -1.56 35.97
N SER B 827 9.81 -2.15 36.86
CA SER B 827 8.36 -2.48 36.58
C SER B 827 7.60 -2.70 37.84
N SER B 828 6.31 -2.87 37.75
CA SER B 828 5.60 -3.17 39.01
C SER B 828 5.96 -4.52 39.65
N ARG B 829 6.59 -5.42 38.85
CA ARG B 829 6.96 -6.76 39.31
C ARG B 829 8.49 -6.94 39.38
N GLN B 830 9.27 -5.96 38.94
CA GLN B 830 10.76 -6.03 39.03
C GLN B 830 11.26 -4.89 39.93
N LEU B 831 11.28 -5.12 41.24
CA LEU B 831 11.57 -4.00 42.13
C LEU B 831 12.72 -4.52 43.04
N PRO B 832 13.97 -4.41 42.62
CA PRO B 832 15.00 -5.04 43.51
C PRO B 832 15.30 -4.18 44.75
N LEU B 833 14.91 -2.89 44.79
CA LEU B 833 15.27 -2.06 45.88
C LEU B 833 14.03 -1.79 46.74
N HIS B 834 14.15 -1.98 48.06
CA HIS B 834 13.02 -1.67 48.96
C HIS B 834 13.52 -1.18 50.28
N ALA B 835 12.72 -0.39 50.96
CA ALA B 835 13.03 -0.03 52.35
C ALA B 835 11.70 0.23 53.09
N ALA B 836 11.74 0.02 54.39
CA ALA B 836 10.69 0.53 55.27
C ALA B 836 10.79 2.09 55.24
N LEU B 837 9.68 2.81 55.17
CA LEU B 837 9.75 4.25 55.31
C LEU B 837 9.66 4.65 56.79
N PRO B 838 10.39 5.69 57.20
CA PRO B 838 10.22 6.19 58.58
C PRO B 838 8.82 6.79 58.71
N LYS B 839 8.29 6.79 59.91
CA LYS B 839 7.00 7.36 60.21
C LYS B 839 7.04 8.89 59.97
N VAL B 840 6.07 9.43 59.24
CA VAL B 840 6.04 10.89 58.99
C VAL B 840 4.56 11.21 59.15
N GLN B 841 4.18 12.46 59.32
CA GLN B 841 2.71 12.77 59.25
C GLN B 841 2.36 14.11 58.62
C1 NAG C . 22.07 -38.48 -21.60
C2 NAG C . 23.37 -39.27 -21.32
C3 NAG C . 23.19 -40.01 -20.01
C4 NAG C . 22.74 -39.03 -18.91
C5 NAG C . 21.44 -38.27 -19.32
C6 NAG C . 21.11 -37.27 -18.20
C7 NAG C . 24.56 -40.12 -23.24
C8 NAG C . 24.67 -41.24 -24.32
N2 NAG C . 23.56 -40.25 -22.37
O3 NAG C . 24.44 -40.65 -19.66
O4 NAG C . 22.39 -39.79 -17.77
O5 NAG C . 21.86 -37.58 -20.52
O6 NAG C . 22.16 -36.34 -18.06
O7 NAG C . 25.38 -39.18 -23.25
C1 NAG C . 23.26 -39.73 -16.61
C2 NAG C . 22.56 -40.40 -15.39
C3 NAG C . 23.54 -40.50 -14.23
C4 NAG C . 24.89 -41.03 -14.73
C5 NAG C . 25.42 -40.19 -15.91
C6 NAG C . 26.80 -40.51 -16.50
C7 NAG C . 20.17 -40.21 -15.04
C8 NAG C . 19.01 -39.30 -14.71
N2 NAG C . 21.34 -39.67 -14.99
O3 NAG C . 22.99 -41.36 -13.29
O4 NAG C . 25.80 -40.86 -13.65
O5 NAG C . 24.47 -40.38 -16.94
O6 NAG C . 26.73 -41.90 -16.62
O7 NAG C . 19.95 -41.39 -15.37
C1 BMA C . 26.06 -42.08 -12.93
C2 BMA C . 27.58 -42.13 -12.71
C3 BMA C . 27.93 -43.14 -11.63
C4 BMA C . 27.05 -42.80 -10.40
C5 BMA C . 25.57 -42.49 -10.66
C6 BMA C . 24.91 -41.85 -9.43
O2 BMA C . 28.08 -40.86 -12.33
O3 BMA C . 29.30 -42.79 -11.36
O4 BMA C . 27.08 -43.75 -9.39
O5 BMA C . 25.42 -41.58 -11.75
O6 BMA C . 25.40 -40.53 -9.20
C1 MAN C . 30.42 -43.50 -11.94
C2 MAN C . 31.65 -43.16 -11.02
C3 MAN C . 32.34 -41.84 -11.42
C4 MAN C . 32.83 -42.03 -12.86
C5 MAN C . 31.64 -42.40 -13.73
C6 MAN C . 32.09 -42.41 -15.17
O2 MAN C . 32.74 -44.06 -11.16
O3 MAN C . 33.45 -41.59 -10.58
O4 MAN C . 33.47 -40.88 -13.40
O5 MAN C . 30.92 -43.59 -13.29
O6 MAN C . 30.96 -41.77 -15.73
C1 MAN C . 32.57 -45.39 -10.63
C2 MAN C . 33.98 -46.05 -10.49
C3 MAN C . 34.58 -46.31 -11.86
C4 MAN C . 33.57 -47.24 -12.53
C5 MAN C . 32.16 -46.61 -12.63
C6 MAN C . 31.13 -47.54 -13.28
O2 MAN C . 33.98 -47.35 -9.93
O3 MAN C . 35.85 -46.90 -11.73
O4 MAN C . 34.04 -47.48 -13.82
O5 MAN C . 31.61 -46.13 -11.39
O6 MAN C . 30.65 -46.70 -14.31
C1 MAN C . 33.80 -47.49 -8.50
C2 MAN C . 33.94 -49.03 -8.26
C3 MAN C . 32.79 -49.75 -8.95
C4 MAN C . 31.47 -49.17 -8.37
C5 MAN C . 31.45 -47.66 -8.72
C6 MAN C . 30.09 -46.95 -8.58
O2 MAN C . 33.82 -49.39 -6.87
O3 MAN C . 32.96 -51.15 -8.85
O4 MAN C . 30.28 -49.80 -8.80
O5 MAN C . 32.53 -46.98 -8.04
O6 MAN C . 30.00 -46.93 -7.18
C1 MAN C . 24.97 -39.93 -7.97
C2 MAN C . 26.09 -38.94 -7.59
C3 MAN C . 27.29 -39.67 -6.98
C4 MAN C . 26.80 -40.57 -5.84
C5 MAN C . 25.69 -41.50 -6.36
C6 MAN C . 25.15 -42.58 -5.41
O2 MAN C . 25.58 -38.08 -6.62
O3 MAN C . 28.34 -38.78 -6.64
O4 MAN C . 27.85 -41.32 -5.34
O5 MAN C . 24.60 -40.70 -6.82
O6 MAN C . 24.73 -42.00 -4.17
C1 NAG D . -0.69 -21.07 -47.07
C2 NAG D . 0.80 -21.28 -47.39
C3 NAG D . 1.22 -20.17 -48.37
C4 NAG D . 0.23 -20.24 -49.59
C5 NAG D . -1.22 -20.01 -49.08
C6 NAG D . -2.25 -20.05 -50.25
C7 NAG D . 2.29 -22.11 -45.64
C8 NAG D . 3.22 -21.79 -44.48
N2 NAG D . 1.70 -21.10 -46.23
O3 NAG D . 2.59 -20.32 -48.78
O4 NAG D . 0.46 -19.18 -50.51
O5 NAG D . -1.44 -21.16 -48.26
O6 NAG D . -1.94 -21.24 -50.99
O7 NAG D . 2.09 -23.30 -45.98
C1 NAG D . 0.89 -19.60 -51.79
C2 NAG D . 0.82 -18.51 -52.85
C3 NAG D . 1.25 -19.10 -54.24
C4 NAG D . 2.72 -19.63 -54.07
C5 NAG D . 2.61 -20.63 -52.88
C6 NAG D . 3.77 -21.58 -52.51
C7 NAG D . -0.85 -16.81 -52.22
C8 NAG D . -2.30 -16.35 -52.32
N2 NAG D . -0.50 -17.94 -52.87
O3 NAG D . 1.20 -18.02 -55.12
O4 NAG D . 3.10 -20.38 -55.24
O5 NAG D . 2.23 -19.94 -51.71
O6 NAG D . 4.86 -20.80 -52.60
O7 NAG D . -0.03 -16.17 -51.51
C1 BMA D . 3.66 -19.66 -56.38
C2 BMA D . 4.36 -20.78 -57.20
C3 BMA D . 4.72 -20.45 -58.65
C4 BMA D . 3.78 -19.37 -59.20
C5 BMA D . 3.04 -18.43 -58.24
C6 BMA D . 1.86 -17.79 -59.01
O2 BMA D . 3.47 -21.86 -57.34
O3 BMA D . 4.62 -21.72 -59.39
O4 BMA D . 4.48 -18.48 -59.99
O5 BMA D . 2.57 -19.17 -57.15
O6 BMA D . 1.08 -16.75 -58.42
C1 NAG E . 7.63 -43.39 -29.55
C2 NAG E . 7.34 -43.62 -28.12
C3 NAG E . 5.91 -44.20 -28.00
C4 NAG E . 4.97 -43.23 -28.64
C5 NAG E . 5.36 -42.89 -30.10
C6 NAG E . 4.46 -41.88 -30.81
C7 NAG E . 9.11 -44.26 -26.44
C8 NAG E . 10.18 -45.29 -26.09
N2 NAG E . 8.38 -44.50 -27.55
O3 NAG E . 5.69 -44.41 -26.62
O4 NAG E . 3.76 -43.88 -28.88
O5 NAG E . 6.69 -42.53 -30.20
O6 NAG E . 4.77 -41.81 -32.20
O7 NAG E . 8.98 -43.21 -25.76
C1 NAG E . 2.84 -43.85 -27.77
C2 NAG E . 1.43 -43.71 -28.31
C3 NAG E . 0.42 -43.77 -27.18
C4 NAG E . 0.67 -44.96 -26.26
C5 NAG E . 2.10 -44.75 -25.74
C6 NAG E . 2.51 -45.59 -24.55
C7 NAG E . 1.22 -41.23 -28.77
C8 NAG E . 1.50 -40.94 -27.39
N2 NAG E . 1.22 -42.53 -29.18
O3 NAG E . -0.87 -43.87 -27.69
O4 NAG E . -0.26 -44.76 -25.21
O5 NAG E . 2.99 -44.90 -26.83
O6 NAG E . 2.40 -46.88 -25.02
O7 NAG E . 1.05 -40.25 -29.57
C1 NAG F . 11.66 -46.49 -37.66
C2 NAG F . 10.40 -46.95 -38.43
C3 NAG F . 9.31 -45.90 -38.35
C4 NAG F . 9.15 -45.25 -36.92
C5 NAG F . 10.52 -44.81 -36.35
C6 NAG F . 10.39 -44.32 -34.90
C7 NAG F . 10.57 -48.54 -40.36
C8 NAG F . 10.96 -48.80 -41.82
N2 NAG F . 10.76 -47.27 -39.87
O3 NAG F . 8.05 -46.44 -38.75
O4 NAG F . 8.38 -44.02 -37.05
O5 NAG F . 11.40 -45.93 -36.36
O6 NAG F . 9.82 -45.39 -34.18
O7 NAG F . 10.06 -49.44 -39.62
C1 NAG F . 6.99 -43.98 -37.05
C2 NAG F . 6.46 -42.65 -36.48
C3 NAG F . 4.97 -42.50 -36.73
C4 NAG F . 4.64 -42.81 -38.23
C5 NAG F . 5.30 -44.13 -38.70
C6 NAG F . 5.01 -44.45 -40.19
C7 NAG F . 7.82 -41.79 -34.62
C8 NAG F . 8.15 -41.98 -33.16
N2 NAG F . 6.87 -42.58 -35.10
O3 NAG F . 4.64 -41.13 -36.49
O4 NAG F . 3.25 -42.89 -38.21
O5 NAG F . 6.74 -44.02 -38.47
O6 NAG F . 5.60 -45.73 -40.46
O7 NAG F . 8.39 -40.87 -35.29
C1 BMA F . 2.53 -42.21 -39.22
C2 BMA F . 1.03 -42.54 -39.19
C3 BMA F . 0.25 -41.65 -40.14
C4 BMA F . 0.58 -40.18 -39.83
C5 BMA F . 2.09 -39.94 -39.91
C6 BMA F . 2.48 -38.47 -39.56
O2 BMA F . 0.50 -42.43 -37.89
O3 BMA F . -1.11 -41.90 -39.89
O4 BMA F . -0.10 -39.33 -40.74
O5 BMA F . 2.76 -40.82 -39.01
O6 BMA F . 1.71 -38.21 -38.40
C1 MAN F . 2.04 -36.85 -37.96
C2 MAN F . 1.21 -36.48 -36.72
C3 MAN F . -0.24 -36.23 -37.21
C4 MAN F . -0.27 -35.21 -38.35
C5 MAN F . 0.69 -35.64 -39.47
C6 MAN F . 0.77 -34.65 -40.65
O2 MAN F . 1.74 -35.29 -36.13
O3 MAN F . -1.12 -35.81 -36.18
O4 MAN F . -1.61 -35.01 -38.83
O5 MAN F . 2.02 -35.80 -38.94
O6 MAN F . 1.44 -35.34 -41.67
C1 MAN F . -1.86 -36.79 -35.53
C2 MAN F . -3.17 -36.22 -35.07
C3 MAN F . -2.86 -35.14 -34.02
C4 MAN F . -2.06 -35.74 -32.90
C5 MAN F . -0.75 -36.40 -33.44
C6 MAN F . -0.13 -37.25 -32.33
O2 MAN F . -3.91 -37.28 -34.45
O3 MAN F . -4.03 -34.64 -33.51
O4 MAN F . -1.70 -34.76 -32.00
O5 MAN F . -1.04 -37.31 -34.51
O6 MAN F . 1.09 -37.71 -32.92
C1 MAN F . -4.73 -38.07 -35.38
C2 MAN F . -5.78 -38.79 -34.54
C3 MAN F . -5.09 -39.86 -33.69
C4 MAN F . -4.28 -40.76 -34.59
C5 MAN F . -3.26 -39.97 -35.36
C6 MAN F . -2.40 -40.91 -36.21
O2 MAN F . -6.57 -39.45 -35.48
O3 MAN F . -5.98 -40.66 -32.95
O4 MAN F . -3.61 -41.71 -33.82
O5 MAN F . -4.00 -39.06 -36.15
O6 MAN F . -1.41 -40.22 -36.95
C1 MAN F . 1.84 -34.60 -42.82
C2 MAN F . 2.33 -35.63 -43.92
C3 MAN F . 3.56 -36.33 -43.33
C4 MAN F . 4.63 -35.25 -42.90
C5 MAN F . 4.03 -34.31 -41.84
C6 MAN F . 5.02 -33.19 -41.41
O2 MAN F . 2.77 -34.86 -45.02
O3 MAN F . 4.19 -37.23 -44.27
O4 MAN F . 5.74 -35.96 -42.37
O5 MAN F . 2.85 -33.72 -42.41
O6 MAN F . 4.26 -32.22 -40.72
C1 MAN F . 1.62 -34.53 -45.88
C2 MAN F . 2.16 -34.42 -47.34
C3 MAN F . 3.14 -33.23 -47.38
C4 MAN F . 2.40 -31.96 -46.89
C5 MAN F . 1.76 -32.14 -45.51
C6 MAN F . 0.88 -30.95 -45.10
O2 MAN F . 1.07 -34.13 -48.22
O3 MAN F . 3.59 -33.04 -48.70
O4 MAN F . 3.22 -30.79 -46.92
O5 MAN F . 0.95 -33.33 -45.48
O6 MAN F . 0.35 -31.18 -43.78
C1 MAN F . -1.87 -41.79 -41.10
C2 MAN F . -3.25 -41.64 -40.47
C3 MAN F . -3.60 -42.90 -39.77
C4 MAN F . -3.53 -44.11 -40.68
C5 MAN F . -2.09 -44.26 -41.03
C6 MAN F . -1.93 -45.53 -41.89
O2 MAN F . -4.20 -41.48 -41.52
O3 MAN F . -4.91 -42.79 -39.34
O4 MAN F . -3.77 -45.17 -39.83
O5 MAN F . -1.76 -43.09 -41.79
O6 MAN F . -0.65 -45.49 -42.57
C1 MAN F . -4.34 -40.18 -42.10
C2 MAN F . -5.81 -40.34 -42.45
C3 MAN F . -6.06 -41.06 -43.79
C4 MAN F . -5.01 -40.77 -44.82
C5 MAN F . -3.59 -40.87 -44.26
C6 MAN F . -2.60 -40.24 -45.22
O2 MAN F . -6.59 -39.16 -42.20
O3 MAN F . -7.31 -40.67 -44.28
O4 MAN F . -5.17 -41.74 -45.82
O5 MAN F . -3.46 -40.03 -43.17
O6 MAN F . -1.41 -40.99 -45.30
C1 NAG G . -7.49 -10.85 -6.08
C2 NAG G . -8.89 -10.24 -6.11
C3 NAG G . -10.05 -11.27 -6.08
C4 NAG G . -9.82 -12.27 -7.21
C5 NAG G . -8.37 -12.85 -7.19
C6 NAG G . -8.07 -13.74 -8.41
C7 NAG G . -8.82 -8.12 -4.91
C8 NAG G . -8.80 -7.49 -3.53
N2 NAG G . -8.94 -9.44 -4.93
O3 NAG G . -11.24 -10.52 -6.25
O4 NAG G . -10.72 -13.27 -6.96
O5 NAG G . -7.42 -11.76 -7.15
O6 NAG G . -8.52 -13.12 -9.63
O7 NAG G . -8.76 -7.42 -5.93
C1 NAG G . -11.67 -13.45 -8.06
C2 NAG G . -12.42 -14.77 -7.91
C3 NAG G . -13.39 -15.01 -9.06
C4 NAG G . -14.05 -13.74 -9.70
C5 NAG G . -13.12 -12.50 -9.65
C6 NAG G . -13.85 -11.20 -10.08
C7 NAG G . -10.98 -16.37 -6.89
C8 NAG G . -9.85 -17.37 -7.05
N2 NAG G . -11.37 -15.78 -8.01
O3 NAG G . -14.36 -15.98 -8.69
O4 NAG G . -14.33 -13.94 -11.09
O5 NAG G . -12.55 -12.37 -8.36
O6 NAG G . -12.97 -10.32 -10.80
O7 NAG G . -11.52 -16.06 -5.78
C1 BMA G . -15.59 -14.58 -11.47
C2 BMA G . -16.48 -14.16 -12.69
C3 BMA G . -17.89 -14.81 -12.60
C4 BMA G . -17.69 -16.33 -12.38
C5 BMA G . -16.94 -16.56 -11.07
C6 BMA G . -16.94 -18.03 -10.53
O2 BMA G . -15.86 -14.29 -14.00
O3 BMA G . -18.79 -14.36 -13.64
O4 BMA G . -18.91 -17.04 -12.37
O5 BMA G . -15.64 -16.01 -11.24
O6 BMA G . -15.79 -18.79 -10.86
C1 NAG H . -14.85 -6.46 -20.18
C2 NAG H . -16.30 -6.56 -19.68
C3 NAG H . -16.30 -6.18 -18.19
C4 NAG H . -15.24 -7.00 -17.44
C5 NAG H . -13.83 -6.90 -18.08
C6 NAG H . -12.82 -7.85 -17.44
C7 NAG H . -17.83 -5.46 -21.25
C8 NAG H . -18.45 -4.12 -21.69
N2 NAG H . -17.00 -5.40 -20.24
O3 NAG H . -17.60 -6.56 -17.73
O4 NAG H . -15.16 -6.61 -16.07
O5 NAG H . -13.89 -7.17 -19.42
O6 NAG H . -13.17 -9.22 -17.50
O7 NAG H . -18.10 -6.53 -21.76
C1 NAG H . -15.98 -7.28 -15.12
C2 NAG H . -15.37 -6.95 -13.76
C3 NAG H . -16.30 -7.47 -12.64
C4 NAG H . -17.71 -6.93 -12.84
C5 NAG H . -18.19 -7.28 -14.24
C6 NAG H . -19.60 -6.79 -14.60
C7 NAG H . -12.98 -6.91 -13.72
C8 NAG H . -11.71 -7.71 -13.51
N2 NAG H . -14.12 -7.62 -13.65
O3 NAG H . -15.76 -7.19 -11.37
O4 NAG H . -18.51 -7.70 -11.92
O5 NAG H . -17.29 -6.73 -15.16
O6 NAG H . -19.56 -5.41 -14.34
O7 NAG H . -12.98 -5.68 -13.87
C1 BMA H . -19.28 -6.79 -11.07
C2 BMA H . -20.63 -7.39 -10.56
C3 BMA H . -21.31 -6.45 -9.51
C4 BMA H . -20.31 -5.97 -8.46
C5 BMA H . -19.07 -5.40 -9.18
C6 BMA H . -18.09 -4.94 -8.13
O2 BMA H . -20.19 -8.56 -9.89
O3 BMA H . -22.52 -6.91 -8.85
O4 BMA H . -20.90 -4.95 -7.67
O5 BMA H . -18.42 -6.40 -9.97
O6 BMA H . -17.79 -5.99 -7.28
C1 MAN H . -16.86 -5.69 -6.24
C2 MAN H . -16.80 -6.96 -5.42
C3 MAN H . -18.06 -7.12 -4.55
C4 MAN H . -18.48 -5.83 -3.87
C5 MAN H . -18.53 -4.67 -4.87
C6 MAN H . -18.94 -3.31 -4.29
O2 MAN H . -15.64 -6.79 -4.68
O3 MAN H . -17.97 -8.23 -3.67
O4 MAN H . -19.81 -5.96 -3.44
O5 MAN H . -17.25 -4.55 -5.48
O6 MAN H . -17.92 -2.85 -3.39
C1 MAN H . -18.37 -1.84 -2.46
C2 MAN H . -17.08 -1.34 -1.76
C3 MAN H . -16.43 -2.48 -0.96
C4 MAN H . -17.43 -3.03 0.08
C5 MAN H . -18.74 -3.41 -0.57
C6 MAN H . -19.75 -3.46 0.58
O2 MAN H . -17.36 -0.32 -0.82
O3 MAN H . -15.42 -1.94 -0.16
O4 MAN H . -16.92 -4.08 0.94
O5 MAN H . -19.24 -2.38 -1.47
O6 MAN H . -20.87 -4.07 0.04
C1 MAN H . -17.78 0.97 -1.29
C2 MAN H . -17.45 2.08 -0.25
C3 MAN H . -18.24 1.86 1.06
C4 MAN H . -19.75 1.86 0.68
C5 MAN H . -20.14 0.97 -0.58
C6 MAN H . -21.59 1.24 -1.13
O2 MAN H . -17.81 3.40 -0.76
O3 MAN H . -17.87 2.92 1.98
O4 MAN H . -20.50 1.43 1.78
O5 MAN H . -19.18 0.98 -1.68
O6 MAN H . -21.81 0.47 -2.33
C1 MAN H . -23.75 -6.41 -9.47
C2 MAN H . -24.77 -6.80 -8.40
C3 MAN H . -24.89 -8.33 -8.43
C4 MAN H . -25.12 -8.99 -9.80
C5 MAN H . -24.07 -8.43 -10.74
C6 MAN H . -24.14 -8.97 -12.17
O2 MAN H . -26.00 -6.13 -8.64
O3 MAN H . -25.91 -8.73 -7.59
O4 MAN H . -24.95 -10.38 -9.69
O5 MAN H . -24.21 -7.01 -10.70
O6 MAN H . -23.41 -8.09 -13.00
C1 NAG I . -14.68 19.86 -13.61
C2 NAG I . -16.15 19.48 -13.65
C3 NAG I . -17.01 20.56 -12.92
C4 NAG I . -16.49 20.71 -11.48
C5 NAG I . -14.97 21.02 -11.49
C6 NAG I . -14.48 21.14 -10.05
C7 NAG I . -17.18 18.54 -15.54
C8 NAG I . -17.55 18.68 -17.01
N2 NAG I . -16.50 19.49 -15.04
O3 NAG I . -18.39 20.10 -12.92
O4 NAG I . -17.16 21.80 -10.81
O5 NAG I . -14.19 20.08 -12.27
O6 NAG I . -13.19 21.71 -10.05
O7 NAG I . -17.54 17.56 -14.87
C1 NAG I . -18.09 21.41 -9.83
C2 NAG I . -18.24 22.63 -8.92
C3 NAG I . -19.39 22.36 -7.98
C4 NAG I . -20.64 21.89 -8.75
C5 NAG I . -20.26 20.70 -9.65
C6 NAG I . -21.40 20.18 -10.54
C7 NAG I . -16.32 23.88 -8.27
C8 NAG I . -15.09 24.01 -7.36
N2 NAG I . -17.08 22.83 -8.13
O3 NAG I . -19.71 23.54 -7.30
O4 NAG I . -21.61 21.47 -7.79
O5 NAG I . -19.28 21.26 -10.51
O6 NAG I . -21.90 21.35 -11.17
O7 NAG I . -16.57 24.68 -9.18
C1 BMA I . -22.84 22.21 -7.86
C2 BMA I . -24.03 21.34 -7.44
C3 BMA I . -25.35 22.10 -7.27
C4 BMA I . -25.08 23.30 -6.38
C5 BMA I . -23.88 24.10 -6.89
C6 BMA I . -23.62 25.22 -5.95
O2 BMA I . -23.62 20.69 -6.29
O3 BMA I . -26.27 21.25 -6.65
O4 BMA I . -26.11 24.22 -6.46
O5 BMA I . -22.73 23.26 -7.00
O6 BMA I . -23.58 24.65 -4.63
C1 MAN I . -23.08 25.67 -3.71
C2 MAN I . -22.84 24.88 -2.40
C3 MAN I . -24.11 24.19 -1.90
C4 MAN I . -25.30 25.18 -1.88
C5 MAN I . -25.40 25.99 -3.15
C6 MAN I . -26.60 27.01 -3.27
O2 MAN I . -22.34 25.77 -1.45
O3 MAN I . -23.89 23.75 -0.62
O4 MAN I . -26.47 24.43 -1.60
O5 MAN I . -24.12 26.64 -3.49
O6 MAN I . -26.15 28.11 -4.09
C1 MAN I . -24.49 22.55 -0.20
C2 MAN I . -23.90 22.33 1.18
C3 MAN I . -22.44 22.07 1.09
C4 MAN I . -22.18 20.87 0.15
C5 MAN I . -22.73 21.35 -1.22
C6 MAN I . -22.53 20.53 -2.53
O2 MAN I . -24.35 21.15 1.78
O3 MAN I . -22.06 21.83 2.43
O4 MAN I . -20.83 20.56 0.14
O5 MAN I . -24.13 21.47 -1.03
O6 MAN I . -22.94 19.23 -2.18
C1 MAN I . -25.76 21.29 2.12
C2 MAN I . -26.00 20.62 3.47
C3 MAN I . -25.79 19.08 3.34
C4 MAN I . -26.82 18.53 2.34
C5 MAN I . -26.71 19.28 1.02
C6 MAN I . -27.94 18.90 0.22
O2 MAN I . -27.30 20.95 3.92
O3 MAN I . -25.80 18.37 4.58
O4 MAN I . -26.50 17.16 2.15
O5 MAN I . -26.62 20.75 1.13
O6 MAN I . -28.29 20.10 -0.45
C1 MAN I . -26.95 29.18 -4.53
C2 MAN I . -27.06 29.65 -5.98
C3 MAN I . -26.05 30.83 -6.25
C4 MAN I . -26.02 31.83 -5.07
C5 MAN I . -25.89 31.08 -3.74
C6 MAN I . -26.00 32.02 -2.58
O2 MAN I . -28.40 30.12 -6.07
O3 MAN I . -26.39 31.60 -7.42
O4 MAN I . -25.03 32.85 -5.19
O5 MAN I . -27.00 30.18 -3.62
O6 MAN I . -27.10 32.92 -2.68
C1 NAG J . -25.17 36.58 21.26
C2 NAG J . -25.19 38.11 20.98
C3 NAG J . -25.84 38.41 19.63
C4 NAG J . -24.99 37.60 18.61
C5 NAG J . -24.99 36.07 19.03
C6 NAG J . -24.21 35.29 17.98
C7 NAG J . -25.46 39.52 22.98
C8 NAG J . -26.49 40.13 23.93
N2 NAG J . -26.02 38.77 22.01
O3 NAG J . -25.71 39.80 19.38
O4 NAG J . -25.80 37.65 17.41
O5 NAG J . -24.35 36.06 20.27
O6 NAG J . -22.89 35.81 17.75
O7 NAG J . -24.25 39.80 23.10
C1 NAG J . -25.24 38.43 16.35
C2 NAG J . -26.05 38.16 15.07
C3 NAG J . -25.55 39.10 13.97
C4 NAG J . -25.56 40.56 14.47
C5 NAG J . -24.75 40.69 15.79
C6 NAG J . -24.93 42.12 16.39
C7 NAG J . -26.95 35.97 14.48
C8 NAG J . -26.77 34.55 14.03
N2 NAG J . -25.86 36.78 14.65
O3 NAG J . -26.37 38.88 12.86
O4 NAG J . -24.83 41.37 13.55
O5 NAG J . -25.26 39.79 16.74
O6 NAG J . -23.80 42.03 17.26
O7 NAG J . -28.15 36.33 14.67
C1 BMA J . -25.68 41.92 12.53
C2 BMA J . -25.28 43.42 12.30
C3 BMA J . -26.21 43.92 11.10
C4 BMA J . -25.96 42.98 9.95
C5 BMA J . -26.31 41.48 10.29
C6 BMA J . -25.96 40.64 9.08
O2 BMA J . -23.94 43.54 11.84
O3 BMA J . -25.69 45.18 10.70
O4 BMA J . -26.65 43.45 8.84
O5 BMA J . -25.43 41.13 11.33
O6 BMA J . -24.64 41.02 8.68
C1 MAN J . -26.38 46.25 11.37
C2 MAN J . -26.19 47.52 10.54
C3 MAN J . -24.73 47.94 10.56
C4 MAN J . -24.38 48.20 12.03
C5 MAN J . -24.61 46.90 12.79
C6 MAN J . -24.15 47.09 14.24
O2 MAN J . -26.96 48.62 11.09
O3 MAN J . -24.70 49.14 9.84
O4 MAN J . -23.06 48.61 12.25
O5 MAN J . -25.99 46.51 12.69
O6 MAN J . -24.70 45.96 14.90
C1 MAN J . -28.28 48.65 10.53
C2 MAN J . -28.84 50.10 10.74
C3 MAN J . -28.91 50.40 12.24
C4 MAN J . -29.72 49.34 12.93
C5 MAN J . -29.13 47.96 12.61
C6 MAN J . -29.95 46.89 13.35
O2 MAN J . -30.16 50.14 10.25
O3 MAN J . -29.44 51.68 12.50
O4 MAN J . -29.64 49.59 14.30
O5 MAN J . -29.13 47.71 11.19
O6 MAN J . -30.02 45.72 12.51
C1 MAN J . -30.14 50.56 8.85
C2 MAN J . -31.47 51.32 8.56
C3 MAN J . -32.61 50.32 8.83
C4 MAN J . -32.37 49.06 7.96
C5 MAN J . -30.98 48.45 8.25
C6 MAN J . -30.79 47.22 7.31
O2 MAN J . -31.54 51.72 7.19
O3 MAN J . -33.94 50.84 8.63
O4 MAN J . -33.36 48.10 8.34
O5 MAN J . -30.00 49.44 7.99
O6 MAN J . -29.41 46.91 7.21
C1 MAN J . -24.19 40.32 7.52
C2 MAN J . -22.70 40.62 7.28
C3 MAN J . -22.49 42.07 6.91
C4 MAN J . -23.32 42.43 5.70
C5 MAN J . -24.76 42.11 6.08
C6 MAN J . -25.93 42.65 5.20
O2 MAN J . -22.25 39.78 6.21
O3 MAN J . -21.17 42.48 6.68
O4 MAN J . -23.16 43.82 5.65
O5 MAN J . -24.93 40.71 6.39
O6 MAN J . -26.03 42.07 3.93
C1 NAG K . -22.29 7.64 46.12
C2 NAG K . -21.70 8.97 46.55
C3 NAG K . -20.59 8.73 47.59
C4 NAG K . -21.20 7.86 48.68
C5 NAG K . -21.71 6.50 48.14
C6 NAG K . -22.30 5.64 49.28
C7 NAG K . -21.65 10.68 44.82
C8 NAG K . -20.83 11.42 43.76
N2 NAG K . -21.02 9.72 45.47
O3 NAG K . -20.09 10.01 48.08
O4 NAG K . -20.16 7.57 49.61
O5 NAG K . -22.75 6.91 47.29
O6 NAG K . -23.31 6.45 49.90
O7 NAG K . -22.83 11.03 45.05
C1 NAG K . -20.40 8.14 50.91
C2 NAG K . -19.59 7.41 52.01
C3 NAG K . -19.96 8.02 53.42
C4 NAG K . -19.81 9.54 53.28
C5 NAG K . -20.76 10.04 52.13
C6 NAG K . -20.98 11.54 51.91
C7 NAG K . -18.86 5.17 51.42
C8 NAG K . -19.20 3.66 51.43
N2 NAG K . -19.78 5.96 51.99
O3 NAG K . -19.03 7.48 54.36
O4 NAG K . -20.38 10.12 54.41
O5 NAG K . -20.18 9.51 50.96
O6 NAG K . -19.69 12.07 52.02
O7 NAG K . -17.83 5.67 50.83
C1 BMA K . -19.55 10.26 55.55
C2 BMA K . -19.89 11.55 56.37
C3 BMA K . -18.98 11.57 57.62
C4 BMA K . -19.30 10.36 58.50
C5 BMA K . -19.00 9.14 57.64
C6 BMA K . -19.35 7.88 58.45
O2 BMA K . -21.27 11.51 56.73
O3 BMA K . -19.18 12.67 58.48
O4 BMA K . -18.39 10.42 59.62
O5 BMA K . -19.76 9.17 56.41
O6 BMA K . -18.92 6.79 57.65
C1 MAN K . -19.30 5.50 58.18
C2 MAN K . -18.51 4.42 57.43
C3 MAN K . -19.11 4.13 56.04
C4 MAN K . -20.63 3.96 56.05
C5 MAN K . -21.26 5.14 56.82
C6 MAN K . -22.80 5.26 56.73
O2 MAN K . -18.58 3.23 58.19
O3 MAN K . -18.61 2.94 55.47
O4 MAN K . -21.12 4.01 54.73
O5 MAN K . -20.70 5.19 58.15
O6 MAN K . -23.50 4.13 57.25
C1 MAN K . -17.55 3.14 54.52
C2 MAN K . -17.36 1.85 53.71
C3 MAN K . -16.95 0.81 54.77
C4 MAN K . -15.62 1.24 55.40
C5 MAN K . -15.69 2.66 55.99
C6 MAN K . -14.33 3.29 56.19
O2 MAN K . -16.37 2.02 52.68
O3 MAN K . -16.86 -0.47 54.20
O4 MAN K . -15.31 0.31 56.40
O5 MAN K . -16.36 3.57 55.15
O6 MAN K . -13.76 2.47 57.14
C1 MAN K . -18.28 13.79 58.23
C2 MAN K . -18.69 14.69 59.43
C3 MAN K . -20.11 15.31 59.20
C4 MAN K . -20.20 16.00 57.82
C5 MAN K . -19.77 15.00 56.72
C6 MAN K . -19.83 15.65 55.34
O2 MAN K . -17.67 15.65 59.63
O3 MAN K . -20.43 16.30 60.13
O4 MAN K . -21.46 16.60 57.63
O5 MAN K . -18.43 14.50 56.99
O6 MAN K . -19.61 14.64 54.35
C1 NAG L . -36.77 26.05 28.10
C2 NAG L . -36.98 25.93 26.58
C3 NAG L . -38.16 25.01 26.37
C4 NAG L . -37.87 23.67 27.07
C5 NAG L . -37.43 23.82 28.56
C6 NAG L . -36.98 22.50 29.18
C7 NAG L . -36.59 27.76 24.96
C8 NAG L . -37.02 29.14 24.48
N2 NAG L . -37.24 27.24 26.03
O3 NAG L . -38.38 24.78 24.96
O4 NAG L . -39.05 22.88 27.13
O5 NAG L . -36.41 24.78 28.69
O6 NAG L . -36.84 22.59 30.60
O7 NAG L . -35.66 27.14 24.39
C1 NAG L . -39.22 21.95 26.08
C2 NAG L . -39.87 20.68 26.53
C3 NAG L . -40.37 19.89 25.29
C4 NAG L . -41.31 20.70 24.42
C5 NAG L . -40.46 21.93 24.04
C6 NAG L . -41.07 22.85 22.95
C7 NAG L . -37.85 19.30 26.81
C8 NAG L . -36.99 18.40 27.68
N2 NAG L . -38.98 19.82 27.31
O3 NAG L . -40.96 18.65 25.71
O4 NAG L . -41.62 19.93 23.22
O5 NAG L . -40.15 22.64 25.26
O6 NAG L . -42.40 22.95 23.37
O7 NAG L . -37.47 19.52 25.67
C1 BMA L . -43.04 19.82 23.13
C2 BMA L . -43.41 19.42 21.71
C3 BMA L . -44.92 19.16 21.55
C4 BMA L . -45.55 18.48 22.75
C5 BMA L . -45.01 19.09 24.09
C6 BMA L . -45.66 18.65 25.42
O2 BMA L . -42.65 18.29 21.34
O3 BMA L . -45.28 18.46 20.38
O4 BMA L . -46.89 18.83 22.55
O5 BMA L . -43.59 18.97 24.11
O6 BMA L . -46.09 17.29 25.47
C1 NAG M . -38.06 30.69 36.36
C2 NAG M . -39.21 29.78 36.90
C3 NAG M . -38.79 28.30 36.79
C4 NAG M . -38.17 27.92 35.40
C5 NAG M . -37.17 28.99 34.96
C6 NAG M . -36.63 28.77 33.50
C7 NAG M . -40.56 30.76 38.66
C8 NAG M . -40.52 31.25 40.07
N2 NAG M . -39.39 30.21 38.27
O3 NAG M . -39.90 27.42 37.06
O4 NAG M . -37.46 26.70 35.41
O5 NAG M . -37.76 30.29 35.05
O6 NAG M . -37.78 28.72 32.60
O7 NAG M . -41.51 30.86 37.89
C1 NAG M . -38.07 25.41 35.40
C2 NAG M . -37.04 24.35 34.89
C3 NAG M . -37.66 22.97 34.98
C4 NAG M . -38.24 22.76 36.44
C5 NAG M . -39.17 23.93 36.84
C6 NAG M . -39.80 23.80 38.28
C7 NAG M . -35.59 25.27 33.12
C8 NAG M . -35.44 25.63 31.67
N2 NAG M . -36.77 24.71 33.49
O3 NAG M . -36.59 22.04 34.85
O4 NAG M . -39.05 21.55 36.36
O5 NAG M . -38.49 25.19 36.79
O6 NAG M . -40.64 24.97 38.48
O7 NAG M . -34.63 25.27 33.92
C1 BMA M . -38.80 20.54 37.34
C2 BMA M . -39.84 19.45 37.11
C3 BMA M . -39.58 18.28 38.08
C4 BMA M . -38.09 17.92 37.89
C5 BMA M . -37.14 19.13 38.10
C6 BMA M . -35.64 18.79 37.85
O2 BMA M . -39.79 19.05 35.76
O3 BMA M . -40.39 17.16 37.69
O4 BMA M . -37.83 16.89 38.78
O5 BMA M . -37.50 20.03 37.11
O6 BMA M . -35.63 17.91 36.72
C1 MAN M . -34.26 17.65 36.35
C2 MAN M . -34.19 16.74 35.13
C3 MAN M . -34.71 15.35 35.58
C4 MAN M . -33.94 14.85 36.78
C5 MAN M . -34.01 15.82 37.92
C6 MAN M . -33.20 15.47 39.14
O2 MAN M . -32.86 16.70 34.60
O3 MAN M . -34.70 14.44 34.51
O4 MAN M . -34.43 13.57 37.11
O5 MAN M . -33.51 17.08 37.41
O6 MAN M . -33.52 16.31 40.27
C1 MAN M . -35.89 14.40 33.69
C2 MAN M . -35.91 12.92 33.22
C3 MAN M . -34.73 12.70 32.29
C4 MAN M . -34.82 13.72 31.12
C5 MAN M . -34.75 15.16 31.65
C6 MAN M . -35.08 16.08 30.48
O2 MAN M . -37.10 12.65 32.43
O3 MAN M . -34.85 11.41 31.76
O4 MAN M . -33.69 13.65 30.28
O5 MAN M . -35.80 15.36 32.66
O6 MAN M . -35.05 17.29 31.20
C1 MAN M . -38.30 12.35 33.20
C2 MAN M . -39.39 11.75 32.28
C3 MAN M . -39.88 12.93 31.40
C4 MAN M . -40.34 14.10 32.27
C5 MAN M . -39.23 14.60 33.19
C6 MAN M . -39.74 15.78 34.05
O2 MAN M . -40.39 11.38 33.21
O3 MAN M . -41.01 12.44 30.75
O4 MAN M . -40.68 15.15 31.43
O5 MAN M . -38.86 13.47 33.95
O6 MAN M . -38.76 16.30 34.94
C1 MAN M . -32.72 16.18 41.41
C2 MAN M . -33.48 17.11 42.38
C3 MAN M . -33.45 18.54 41.83
C4 MAN M . -32.00 18.98 41.52
C5 MAN M . -31.26 18.05 40.55
C6 MAN M . -29.76 18.36 40.42
O2 MAN M . -32.67 17.07 43.55
O3 MAN M . -34.05 19.41 42.80
O4 MAN M . -32.07 20.31 41.03
O5 MAN M . -31.41 16.66 41.02
O6 MAN M . -29.29 17.39 39.50
C1 MAN M . -32.98 15.96 44.36
C2 MAN M . -32.66 16.38 45.81
C3 MAN M . -31.15 16.60 45.99
C4 MAN M . -30.31 15.36 45.55
C5 MAN M . -30.72 14.95 44.12
C6 MAN M . -30.00 13.63 43.74
O2 MAN M . -33.01 15.28 46.62
O3 MAN M . -30.89 16.83 47.38
O4 MAN M . -28.92 15.63 45.62
O5 MAN M . -32.20 14.81 44.04
O6 MAN M . -30.38 13.23 42.45
C1 MAN M . -40.85 16.43 38.87
C2 MAN M . -41.38 15.22 38.15
C3 MAN M . -42.65 15.45 37.31
C4 MAN M . -43.75 16.11 38.15
C5 MAN M . -43.09 17.39 38.73
C6 MAN M . -44.15 18.09 39.60
O2 MAN M . -41.79 14.23 39.09
O3 MAN M . -42.99 14.18 36.92
O4 MAN M . -44.79 16.55 37.33
O5 MAN M . -41.95 17.08 39.52
O6 MAN M . -43.63 19.31 40.15
C1 MAN M . -40.74 13.34 39.50
C2 MAN M . -41.40 12.05 39.99
C3 MAN M . -42.26 12.42 41.21
C4 MAN M . -41.37 13.03 42.27
C5 MAN M . -40.56 14.19 41.74
C6 MAN M . -39.37 14.23 42.62
O2 MAN M . -40.46 11.05 40.29
O3 MAN M . -42.83 11.27 41.77
O4 MAN M . -42.18 13.46 43.33
O5 MAN M . -39.97 13.92 40.50
O6 MAN M . -39.10 15.58 42.54
C1 NAG N . -13.36 -2.00 5.34
C2 NAG N . -13.43 -3.54 5.22
C3 NAG N . -14.88 -4.03 5.03
C4 NAG N . -15.71 -3.39 6.14
C5 NAG N . -15.61 -1.85 6.11
C6 NAG N . -16.42 -1.12 7.18
C7 NAG N . -11.50 -4.38 4.02
C8 NAG N . -10.88 -4.67 2.63
N2 NAG N . -12.71 -3.93 4.01
O3 NAG N . -14.80 -5.44 5.13
O4 NAG N . -17.02 -3.76 5.85
O5 NAG N . -14.23 -1.52 6.33
O6 NAG N . -16.13 -1.69 8.48
O7 NAG N . -10.95 -4.54 5.12
C1 NAG N . -17.74 -4.43 6.86
C2 NAG N . -19.25 -4.56 6.50
C3 NAG N . -20.06 -5.15 7.66
C4 NAG N . -19.35 -6.39 8.26
C5 NAG N . -17.85 -5.96 8.45
C6 NAG N . -16.94 -6.71 9.44
C7 NAG N . -19.49 -3.10 4.56
C8 NAG N . -19.91 -1.78 3.98
N2 NAG N . -19.69 -3.29 5.92
O3 NAG N . -21.39 -5.47 7.25
O4 NAG N . -19.95 -6.80 9.51
O5 NAG N . -17.20 -5.71 7.20
O6 NAG N . -17.00 -8.06 9.10
O7 NAG N . -18.94 -3.93 3.72
C1 BMA N . -21.01 -7.82 9.63
C2 BMA N . -20.95 -8.56 11.01
C3 BMA N . -22.01 -9.71 11.12
C4 BMA N . -23.36 -9.35 10.47
C5 BMA N . -23.46 -8.00 9.70
C6 BMA N . -24.70 -7.26 10.29
O2 BMA N . -21.02 -7.66 12.13
O3 BMA N . -22.24 -10.26 12.41
O4 BMA N . -23.61 -10.38 9.59
O5 BMA N . -22.26 -7.20 9.67
O6 BMA N . -25.02 -5.97 9.75
C1 NAG O . -13.82 -10.98 19.01
C2 NAG O . -14.52 -12.21 18.40
C3 NAG O . -14.33 -12.30 16.91
C4 NAG O . -14.51 -10.96 16.21
C5 NAG O . -13.73 -9.83 16.97
C6 NAG O . -13.99 -8.45 16.37
C7 NAG O . -14.54 -14.07 19.99
C8 NAG O . -13.74 -15.22 20.57
N2 NAG O . -13.93 -13.39 19.01
O3 NAG O . -15.26 -13.28 16.45
O4 NAG O . -13.99 -11.04 14.89
O5 NAG O . -14.14 -9.81 18.30
O6 NAG O . -15.41 -8.12 16.34
O7 NAG O . -15.67 -13.77 20.37
C1 NAG O . -14.88 -11.33 13.83
C2 NAG O . -14.15 -10.98 12.55
C3 NAG O . -15.04 -11.50 11.38
C4 NAG O . -15.18 -13.01 11.53
C5 NAG O . -15.83 -13.31 12.91
C6 NAG O . -16.21 -14.77 13.31
C7 NAG O . -12.98 -8.88 12.59
C8 NAG O . -13.15 -7.41 12.42
N2 NAG O . -14.12 -9.56 12.43
O3 NAG O . -14.38 -11.21 10.20
O4 NAG O . -16.11 -13.37 10.52
O5 NAG O . -14.93 -12.78 13.85
O6 NAG O . -15.04 -15.50 13.07
O7 NAG O . -11.90 -9.48 12.84
C1 BMA O . -15.64 -14.48 9.66
C2 BMA O . -16.84 -15.24 8.99
C3 BMA O . -16.26 -16.31 8.03
C4 BMA O . -15.35 -15.61 7.02
C5 BMA O . -14.21 -14.91 7.79
C6 BMA O . -13.28 -14.26 6.79
O2 BMA O . -17.54 -14.19 8.33
O3 BMA O . -17.13 -17.29 7.39
O4 BMA O . -14.68 -16.56 6.31
O5 BMA O . -14.75 -13.92 8.67
O6 BMA O . -13.97 -13.25 6.12
C1 MAN O . -13.25 -12.53 5.10
C2 MAN O . -14.26 -11.90 4.16
C3 MAN O . -14.95 -12.97 3.29
C4 MAN O . -13.91 -13.83 2.58
C5 MAN O . -12.95 -14.42 3.62
C6 MAN O . -11.92 -15.38 3.05
O2 MAN O . -13.57 -10.96 3.40
O3 MAN O . -16.00 -12.46 2.47
O4 MAN O . -14.56 -14.94 2.07
O5 MAN O . -12.35 -13.35 4.34
O6 MAN O . -11.06 -14.64 2.19
C1 MAN O . -10.26 -15.54 1.39
C2 MAN O . -9.11 -14.70 0.72
C3 MAN O . -9.78 -13.57 -0.03
C4 MAN O . -10.67 -14.24 -1.11
C5 MAN O . -11.71 -15.21 -0.48
C6 MAN O . -12.34 -15.93 -1.66
O2 MAN O . -8.32 -15.46 -0.22
O3 MAN O . -8.83 -12.83 -0.71
O4 MAN O . -11.26 -13.27 -1.93
O5 MAN O . -11.07 -16.18 0.41
O6 MAN O . -13.23 -16.82 -1.06
C1 MAN O . -7.43 -16.46 0.31
C2 MAN O . -6.21 -16.60 -0.63
C3 MAN O . -6.75 -17.11 -1.97
C4 MAN O . -7.38 -18.50 -1.70
C5 MAN O . -8.52 -18.42 -0.66
C6 MAN O . -9.06 -19.79 -0.22
O2 MAN O . -5.17 -17.48 -0.14
O3 MAN O . -5.69 -17.17 -2.93
O4 MAN O . -7.91 -18.88 -2.92
O5 MAN O . -8.10 -17.69 0.52
O6 MAN O . -9.94 -19.48 0.84
C1 MAN O . -17.13 -18.63 8.05
C2 MAN O . -17.27 -19.71 6.93
C3 MAN O . -18.63 -19.67 6.15
C4 MAN O . -19.83 -19.02 6.87
C5 MAN O . -19.38 -18.00 7.91
C6 MAN O . -20.59 -17.42 8.62
O2 MAN O . -16.93 -21.02 7.40
O3 MAN O . -19.00 -20.97 5.76
O4 MAN O . -20.61 -18.23 6.00
O5 MAN O . -18.37 -18.58 8.77
O6 MAN O . -20.05 -17.07 9.87
C1 NAG P . 9.86 -22.83 13.39
C2 NAG P . 8.93 -24.00 13.33
C3 NAG P . 9.56 -25.14 12.55
C4 NAG P . 9.94 -24.70 11.12
C5 NAG P . 10.91 -23.53 11.27
C6 NAG P . 11.27 -23.00 9.90
C7 NAG P . 7.45 -24.63 15.18
C8 NAG P . 7.25 -25.08 16.59
N2 NAG P . 8.67 -24.43 14.72
O3 NAG P . 8.61 -26.12 12.50
O4 NAG P . 10.76 -25.71 10.53
O5 NAG P . 10.43 -22.48 12.12
O6 NAG P . 12.45 -22.24 10.11
O7 NAG P . 6.49 -24.37 14.45
C1 NAG P . 10.06 -26.41 9.50
C2 NAG P . 11.06 -27.07 8.56
C3 NAG P . 10.34 -28.00 7.58
C4 NAG P . 9.39 -28.95 8.29
C5 NAG P . 8.48 -28.09 9.22
C6 NAG P . 7.42 -28.92 9.99
C7 NAG P . 13.12 -25.85 8.20
C8 NAG P . 13.85 -24.81 7.42
N2 NAG P . 11.86 -26.12 7.87
O3 NAG P . 11.33 -28.69 6.85
O4 NAG P . 8.54 -29.53 7.32
O5 NAG P . 9.31 -27.42 10.15
O6 NAG P . 8.17 -29.98 10.55
O7 NAG P . 13.64 -26.45 9.12
C1 BMA P . 8.74 -30.98 7.18
C2 BMA P . 7.43 -31.63 6.77
C3 BMA P . 7.58 -33.13 6.63
C4 BMA P . 8.70 -33.45 5.70
C5 BMA P . 9.97 -32.64 5.82
C6 BMA P . 10.16 -32.45 4.30
O2 BMA P . 7.03 -31.07 5.56
O3 BMA P . 6.36 -33.70 6.12
O4 BMA P . 9.13 -34.74 5.86
O5 BMA P . 9.83 -31.35 6.39
O6 BMA P . 11.51 -32.64 4.22
C1 MAN P . 12.17 -32.70 2.98
C2 MAN P . 11.57 -32.02 1.80
C3 MAN P . 10.36 -32.79 1.26
C4 MAN P . 10.65 -34.29 1.16
C5 MAN P . 11.16 -34.86 2.47
C6 MAN P . 11.45 -36.38 2.34
O2 MAN P . 12.66 -32.06 0.91
O3 MAN P . 10.18 -32.40 -0.04
O4 MAN P . 9.42 -34.87 0.80
O5 MAN P . 12.35 -34.13 2.84
O6 MAN P . 12.20 -36.70 3.51
C1 MAN P . 8.88 -32.35 -0.54
C2 MAN P . 8.93 -31.72 -1.94
C3 MAN P . 9.34 -30.25 -1.83
C4 MAN P . 8.39 -29.49 -0.86
C5 MAN P . 8.37 -30.25 0.49
C6 MAN P . 7.63 -29.71 1.75
O2 MAN P . 7.66 -31.67 -2.52
O3 MAN P . 9.43 -29.66 -3.16
O4 MAN P . 8.96 -28.19 -0.79
O5 MAN P . 7.99 -31.64 0.31
O6 MAN P . 6.42 -29.23 1.29
C1 MAN P . 7.16 -32.92 -2.96
C2 MAN P . 5.92 -32.57 -3.76
C3 MAN P . 4.81 -32.39 -2.72
C4 MAN P . 4.50 -33.65 -1.92
C5 MAN P . 5.74 -34.37 -1.42
C6 MAN P . 5.66 -35.88 -1.71
O2 MAN P . 5.83 -33.59 -4.73
O3 MAN P . 3.63 -31.96 -3.32
O4 MAN P . 3.82 -33.32 -0.76
O5 MAN P . 6.99 -33.80 -1.86
O6 MAN P . 6.02 -36.56 -0.53
C1 MAN P . 12.95 -37.91 3.65
C2 MAN P . 13.15 -37.96 5.16
C3 MAN P . 14.46 -37.26 5.65
C4 MAN P . 15.68 -37.40 4.75
C5 MAN P . 15.33 -37.28 3.28
C6 MAN P . 16.63 -37.70 2.58
O2 MAN P . 12.94 -39.32 5.51
O3 MAN P . 14.84 -37.82 6.88
O4 MAN P . 16.58 -36.36 5.00
O5 MAN P . 14.19 -38.08 2.94
O6 MAN P . 16.60 -39.03 2.10
C1 MAN P . 5.79 -34.60 7.12
C2 MAN P . 5.11 -35.95 6.72
C3 MAN P . 3.90 -35.66 5.81
C4 MAN P . 3.18 -34.32 5.95
C5 MAN P . 3.94 -33.18 6.66
C6 MAN P . 3.01 -32.22 7.37
O2 MAN P . 4.89 -36.84 7.84
O3 MAN P . 2.87 -36.59 6.02
O4 MAN P . 2.86 -33.92 4.64
O5 MAN P . 4.81 -33.68 7.64
O6 MAN P . 2.02 -31.90 6.43
C1 SGC Q . 1.52 -24.80 -16.41
O1 SGC Q . 1.34 -25.57 -15.30
C2 SGC Q . 3.02 -24.65 -16.43
O2 SGC Q . 3.61 -24.22 -15.19
C3 SGC Q . 3.34 -23.68 -17.49
O3 SGC Q . 4.73 -23.64 -17.56
C4 SGC Q . 2.87 -24.18 -18.84
C5 SGC Q . 1.41 -24.80 -18.84
O5 SGC Q . 1.15 -25.55 -17.59
C6 SGC Q . 1.04 -25.88 -19.92
O6 SGC Q . 1.07 -25.28 -21.24
S4 SGC Q . 3.16 -22.67 -19.86
C2 BGC Q . 4.77 -22.30 -22.01
C3 BGC Q . 6.09 -22.64 -22.69
C4 BGC Q . 7.23 -22.41 -21.71
C5 BGC Q . 7.14 -23.32 -20.49
C6 BGC Q . 8.30 -22.97 -19.46
C1 BGC Q . 4.64 -23.22 -20.80
O2 BGC Q . 3.66 -22.50 -22.88
O3 BGC Q . 6.31 -21.81 -23.84
O4 BGC Q . 8.52 -22.56 -22.38
O5 BGC Q . 5.79 -23.26 -19.87
O6 BGC Q . 8.35 -21.57 -18.98
C1 SGC R . -23.03 12.23 15.83
O1 SGC R . -24.01 12.68 14.93
C2 SGC R . -22.05 13.33 15.53
O2 SGC R . -21.59 13.18 14.20
C3 SGC R . -20.87 13.25 16.48
O3 SGC R . -19.93 14.29 16.17
C4 SGC R . -21.31 13.31 17.92
C5 SGC R . -22.45 12.26 18.30
O5 SGC R . -23.50 12.33 17.24
C6 SGC R . -23.08 12.09 19.83
O6 SGC R . -24.23 11.20 19.93
S4 SGC R . -19.78 12.89 18.76
C2 BGC R . -19.00 13.77 21.35
C3 BGC R . -18.72 15.10 22.01
C4 BGC R . -17.90 16.01 21.08
C5 BGC R . -18.61 16.51 19.80
C6 BGC R . -17.66 17.18 18.71
C1 BGC R . -19.71 14.19 20.04
O2 BGC R . -19.79 12.93 22.25
O3 BGC R . -17.94 14.91 23.23
O4 BGC R . -17.53 17.15 21.86
O5 BGC R . -19.09 15.28 19.21
O6 BGC R . -16.26 16.68 18.69
C1 NAG S . -15.38 -34.51 -29.73
C2 NAG S . -16.37 -35.51 -29.12
C3 NAG S . -16.19 -36.88 -29.80
C4 NAG S . -16.32 -36.76 -31.30
C5 NAG S . -15.49 -35.58 -31.83
C6 NAG S . -15.79 -35.26 -33.29
C7 NAG S . -17.45 -35.37 -26.91
C8 NAG S . -17.30 -35.50 -25.41
N2 NAG S . -16.35 -35.62 -27.65
O3 NAG S . -17.14 -37.80 -29.27
O4 NAG S . -15.69 -37.86 -31.83
O5 NAG S . -15.73 -34.42 -31.07
O6 NAG S . -17.18 -35.06 -33.48
O7 NAG S . -18.54 -35.04 -27.41
C1 NAG T . 11.26 -50.61 -21.73
C2 NAG T . 9.75 -50.49 -21.96
C3 NAG T . 9.15 -49.91 -20.68
C4 NAG T . 9.58 -50.82 -19.53
C5 NAG T . 11.08 -50.60 -19.38
C6 NAG T . 11.69 -51.22 -18.14
C7 NAG T . 8.91 -50.07 -24.17
C8 NAG T . 8.59 -49.20 -25.36
N2 NAG T . 9.54 -49.60 -23.09
O3 NAG T . 7.77 -49.95 -20.71
O4 NAG T . 8.94 -50.42 -18.36
O5 NAG T . 11.62 -51.22 -20.53
O6 NAG T . 11.19 -52.50 -18.24
O7 NAG T . 8.53 -51.23 -24.25
C1 MRD U . 3.93 23.03 3.60
C2 MRD U . 4.08 23.88 2.26
O2 MRD U . 2.93 24.72 1.97
CM MRD U . 5.27 24.78 2.46
C3 MRD U . 4.21 23.00 0.93
C4 MRD U . 2.99 22.10 0.70
O4 MRD U . 3.13 21.25 -0.53
C5 MRD U . 1.77 22.87 0.48
C1 MRD V . 7.89 -19.15 -8.33
C2 MRD V . 8.18 -20.46 -7.57
O2 MRD V . 8.76 -21.37 -8.53
CM MRD V . 9.11 -20.31 -6.44
C3 MRD V . 6.90 -21.21 -7.22
C4 MRD V . 7.16 -22.77 -7.33
O4 MRD V . 5.96 -23.31 -6.89
C5 MRD V . 8.16 -23.25 -6.31
C1 NAG W . -39.57 1.54 27.49
C2 NAG W . -40.86 1.49 26.70
C3 NAG W . -41.84 2.42 27.38
C4 NAG W . -42.26 1.56 28.55
C5 NAG W . -41.04 1.15 29.35
C6 NAG W . -41.57 0.01 30.25
C7 NAG W . -40.25 2.33 24.42
C8 NAG W . -40.30 1.77 23.03
N2 NAG W . -40.73 1.45 25.26
O3 NAG W . -42.96 2.62 26.60
O4 NAG W . -42.99 2.30 29.47
O5 NAG W . -39.90 0.73 28.57
O6 NAG W . -40.68 -0.27 31.33
O7 NAG W . -39.88 3.46 24.72
C1 NAG X . 23.18 -3.93 39.98
C2 NAG X . 23.16 -5.43 40.19
C3 NAG X . 23.76 -5.68 41.57
C4 NAG X . 25.05 -4.92 41.81
C5 NAG X . 24.87 -3.45 41.45
C6 NAG X . 26.13 -2.57 41.45
C7 NAG X . 21.63 -6.91 38.97
C8 NAG X . 20.25 -7.49 38.85
N2 NAG X . 21.83 -6.02 39.97
O3 NAG X . 24.18 -6.99 41.62
O4 NAG X . 25.34 -5.10 43.17
O5 NAG X . 24.51 -3.52 40.12
O6 NAG X . 26.15 -1.82 42.65
O7 NAG X . 22.50 -7.28 38.17
C1 NAG Y . -40.89 32.77 20.10
C2 NAG Y . -41.52 31.38 20.27
C3 NAG Y . -41.21 30.53 19.05
C4 NAG Y . -41.56 31.30 17.78
C5 NAG Y . -40.70 32.53 17.74
C6 NAG Y . -40.88 33.29 16.42
C7 NAG Y . -41.61 30.31 22.41
C8 NAG Y . -40.95 29.61 23.52
N2 NAG Y . -40.91 30.74 21.41
O3 NAG Y . -41.97 29.35 19.07
O4 NAG Y . -41.28 30.54 16.65
O5 NAG Y . -41.15 33.38 18.82
O6 NAG Y . -42.24 33.78 16.46
O7 NAG Y . -42.81 30.47 22.44
C1 MRD Z . -15.69 17.20 8.51
C2 MRD Z . -14.97 16.33 7.52
O2 MRD Z . -14.35 17.06 6.42
CM MRD Z . -13.92 15.47 8.23
C3 MRD Z . -16.08 15.53 6.92
C4 MRD Z . -17.28 16.45 6.66
O4 MRD Z . -18.30 15.50 6.49
C5 MRD Z . -17.11 17.30 5.38
C1 MRD AA . -21.28 -1.04 46.96
C2 MRD AA . -20.82 0.11 46.09
O2 MRD AA . -19.71 0.68 46.67
CM MRD AA . -20.45 -0.39 44.70
C3 MRD AA . -21.88 1.17 45.79
C4 MRD AA . -22.12 2.34 46.72
O4 MRD AA . -22.46 3.46 45.82
C5 MRD AA . -20.94 2.69 47.67
#